data_7DTH
#
_entry.id   7DTH
#
_entity_poly.entity_id   1
_entity_poly.type   'polypeptide(L)'
_entity_poly.pdbx_seq_one_letter_code
;GSHMSDNEDNFDGDDFDDVEEDEGLDDLENAEEEGQENVEILPSGERPQANQKRITTPYMTKYERARVLGTRALQIAMCA
PVMVELEGETDPLLIAMKELKARKIPIIIRRYLPDGSYEDWGVDELIITD
;
_entity_poly.pdbx_strand_id   A
#
# COMPACT_ATOMS: atom_id res chain seq x y z
N MET A 4 26.31 7.12 14.88
CA MET A 4 27.22 7.80 13.93
C MET A 4 27.11 9.31 14.09
N SER A 5 25.90 9.82 13.99
CA SER A 5 25.66 11.25 14.12
C SER A 5 25.40 11.61 15.58
N ASP A 6 25.78 12.83 15.96
CA ASP A 6 25.60 13.33 17.33
C ASP A 6 24.16 13.20 17.80
N ASN A 7 23.24 13.74 17.01
CA ASN A 7 21.82 13.73 17.33
C ASN A 7 21.17 12.40 16.94
N GLU A 8 22.00 11.40 16.68
CA GLU A 8 21.51 10.08 16.29
C GLU A 8 21.76 9.06 17.40
N ASP A 9 22.98 9.00 17.90
CA ASP A 9 23.32 8.05 18.96
C ASP A 9 23.29 8.72 20.33
N ASN A 10 23.72 9.98 20.39
CA ASN A 10 23.74 10.72 21.64
C ASN A 10 22.49 11.57 21.80
N PHE A 11 21.36 11.03 21.37
CA PHE A 11 20.10 11.74 21.45
C PHE A 11 19.17 11.05 22.45
N ASP A 12 18.92 11.73 23.56
CA ASP A 12 18.04 11.21 24.60
C ASP A 12 17.06 12.29 25.03
N GLY A 13 16.04 11.91 25.78
CA GLY A 13 15.05 12.87 26.23
C GLY A 13 13.86 12.93 25.30
N ASP A 14 13.66 11.86 24.54
CA ASP A 14 12.55 11.79 23.60
C ASP A 14 11.26 11.38 24.34
N ASP A 15 10.12 11.71 23.74
CA ASP A 15 8.82 11.39 24.35
C ASP A 15 7.86 10.81 23.31
N PHE A 16 8.39 10.04 22.37
CA PHE A 16 7.54 9.43 21.35
C PHE A 16 6.92 8.15 21.89
N ASP A 17 5.62 8.18 22.13
CA ASP A 17 4.91 7.02 22.64
C ASP A 17 4.42 6.14 21.49
N ASP A 18 5.09 5.01 21.32
CA ASP A 18 4.75 4.04 20.27
C ASP A 18 5.56 2.77 20.48
N VAL A 19 5.09 1.67 19.91
CA VAL A 19 5.76 0.40 20.05
C VAL A 19 5.81 -0.34 18.71
N GLU A 20 6.95 -0.24 18.03
CA GLU A 20 7.13 -0.91 16.75
C GLU A 20 7.33 -2.41 16.96
N GLU A 21 6.23 -3.15 16.80
CA GLU A 21 6.25 -4.59 16.95
C GLU A 21 6.57 -5.26 15.62
N ASP A 22 6.97 -6.53 15.67
CA ASP A 22 7.30 -7.31 14.48
C ASP A 22 6.27 -7.09 13.38
N GLU A 23 6.72 -6.61 12.23
CA GLU A 23 5.83 -6.32 11.11
C GLU A 23 6.47 -6.75 9.79
N GLY A 24 5.69 -6.72 8.73
CA GLY A 24 6.17 -7.11 7.43
C GLY A 24 5.55 -8.39 6.95
N LEU A 25 5.19 -9.25 7.89
CA LEU A 25 4.57 -10.52 7.58
C LEU A 25 3.06 -10.44 7.77
N ASP A 26 2.35 -10.09 6.70
CA ASP A 26 0.90 -9.98 6.75
C ASP A 26 0.27 -11.36 6.54
N ASP A 27 -0.84 -11.61 7.22
CA ASP A 27 -1.53 -12.88 7.14
C ASP A 27 -2.29 -13.02 5.83
N LEU A 28 -2.88 -11.91 5.38
CA LEU A 28 -3.65 -11.91 4.15
C LEU A 28 -2.79 -11.49 2.97
N GLU A 29 -1.86 -10.60 3.21
CA GLU A 29 -0.97 -10.11 2.16
C GLU A 29 0.39 -10.75 2.23
N ASN A 30 0.68 -11.58 1.25
CA ASN A 30 1.97 -12.23 1.18
C ASN A 30 2.18 -12.87 -0.20
N ALA A 31 2.86 -12.14 -1.07
CA ALA A 31 3.12 -12.62 -2.42
C ALA A 31 4.20 -11.78 -3.09
N GLU A 32 5.44 -12.22 -2.98
CA GLU A 32 6.56 -11.50 -3.58
C GLU A 32 6.54 -11.65 -5.10
N GLU A 33 6.43 -10.52 -5.78
CA GLU A 33 6.38 -10.49 -7.23
C GLU A 33 6.96 -9.17 -7.72
N GLU A 34 7.30 -9.08 -9.00
CA GLU A 34 7.86 -7.84 -9.56
C GLU A 34 6.88 -6.69 -9.36
N GLY A 35 7.33 -5.68 -8.62
CA GLY A 35 6.48 -4.53 -8.35
C GLY A 35 5.68 -4.71 -7.07
N GLN A 36 5.79 -5.88 -6.48
CA GLN A 36 5.08 -6.19 -5.24
C GLN A 36 6.08 -6.59 -4.16
N GLU A 37 6.62 -5.59 -3.50
CA GLU A 37 7.62 -5.79 -2.45
C GLU A 37 6.97 -5.99 -1.09
N ASN A 38 7.70 -6.61 -0.17
CA ASN A 38 7.22 -6.79 1.19
C ASN A 38 7.52 -5.52 1.97
N VAL A 39 6.49 -4.93 2.57
CA VAL A 39 6.67 -3.68 3.28
C VAL A 39 6.02 -3.69 4.66
N GLU A 40 6.46 -2.75 5.49
CA GLU A 40 5.95 -2.57 6.83
C GLU A 40 5.08 -1.33 6.89
N ILE A 41 3.94 -1.46 7.53
CA ILE A 41 3.02 -0.34 7.67
C ILE A 41 3.23 0.34 9.01
N LEU A 42 3.73 1.56 8.97
CA LEU A 42 4.01 2.30 10.18
C LEU A 42 3.21 3.60 10.19
N PRO A 43 2.89 4.14 11.35
CA PRO A 43 2.19 5.40 11.44
C PRO A 43 3.16 6.57 11.30
N SER A 44 2.93 7.43 10.32
CA SER A 44 3.82 8.57 10.08
C SER A 44 3.82 9.50 11.31
N GLY A 45 4.89 9.45 12.09
CA GLY A 45 4.97 10.28 13.28
C GLY A 45 5.86 11.49 13.11
N GLU A 46 7.00 11.30 12.44
CA GLU A 46 7.95 12.39 12.24
C GLU A 46 8.22 12.59 10.77
N ARG A 47 8.09 11.49 10.07
CA ARG A 47 8.29 11.39 8.64
C ARG A 47 9.76 11.62 8.30
N PRO A 48 10.57 10.55 8.35
CA PRO A 48 12.00 10.60 8.05
C PRO A 48 12.32 11.32 6.75
N GLN A 49 13.21 12.30 6.83
CA GLN A 49 13.63 13.08 5.67
C GLN A 49 15.13 13.22 5.67
N ALA A 50 15.70 13.51 4.51
CA ALA A 50 17.15 13.67 4.38
C ALA A 50 17.49 14.44 3.12
N ASN A 51 18.79 14.65 2.89
CA ASN A 51 19.26 15.36 1.72
C ASN A 51 19.64 14.38 0.62
N GLN A 52 19.03 13.21 0.66
CA GLN A 52 19.28 12.17 -0.32
C GLN A 52 17.96 11.67 -0.89
N LYS A 53 17.90 11.55 -2.20
CA LYS A 53 16.69 11.08 -2.86
C LYS A 53 16.49 9.60 -2.62
N ARG A 54 15.24 9.22 -2.40
CA ARG A 54 14.87 7.83 -2.15
C ARG A 54 15.25 6.94 -3.36
N ILE A 55 15.45 5.64 -3.14
CA ILE A 55 15.87 4.76 -4.23
C ILE A 55 14.75 3.88 -4.80
N THR A 56 13.73 3.54 -4.01
CA THR A 56 12.66 2.70 -4.54
C THR A 56 11.55 3.52 -5.21
N THR A 57 10.43 2.89 -5.51
CA THR A 57 9.33 3.55 -6.19
C THR A 57 8.39 4.30 -5.25
N PRO A 58 8.21 5.61 -5.49
CA PRO A 58 7.31 6.45 -4.72
C PRO A 58 5.87 6.28 -5.22
N TYR A 59 5.31 5.11 -4.95
CA TYR A 59 3.98 4.77 -5.39
C TYR A 59 3.34 3.89 -4.36
N MET A 60 2.06 3.68 -4.51
CA MET A 60 1.34 2.82 -3.63
C MET A 60 0.66 1.74 -4.46
N THR A 61 1.39 0.64 -4.65
CA THR A 61 0.91 -0.49 -5.43
C THR A 61 -0.28 -1.14 -4.76
N LYS A 62 -0.78 -2.21 -5.35
CA LYS A 62 -1.86 -2.94 -4.74
C LYS A 62 -1.36 -3.49 -3.42
N TYR A 63 -0.04 -3.68 -3.33
CA TYR A 63 0.54 -4.21 -2.11
C TYR A 63 0.40 -3.18 -0.99
N GLU A 64 1.04 -2.02 -1.18
CA GLU A 64 0.98 -0.96 -0.19
C GLU A 64 -0.46 -0.58 0.08
N ARG A 65 -1.22 -0.44 -1.00
CA ARG A 65 -2.63 -0.06 -0.93
C ARG A 65 -3.42 -1.01 -0.03
N ALA A 66 -3.27 -2.31 -0.25
CA ALA A 66 -3.98 -3.31 0.54
C ALA A 66 -3.54 -3.27 1.99
N ARG A 67 -2.22 -3.28 2.19
CA ARG A 67 -1.62 -3.25 3.52
C ARG A 67 -2.07 -2.00 4.28
N VAL A 68 -2.05 -0.87 3.60
CA VAL A 68 -2.45 0.41 4.19
C VAL A 68 -3.96 0.47 4.41
N LEU A 69 -4.73 -0.02 3.44
CA LEU A 69 -6.18 -0.02 3.55
C LEU A 69 -6.61 -0.76 4.79
N GLY A 70 -6.13 -1.99 4.95
CA GLY A 70 -6.45 -2.77 6.12
C GLY A 70 -6.06 -2.05 7.39
N THR A 71 -4.92 -1.36 7.35
CA THR A 71 -4.43 -0.61 8.49
C THR A 71 -5.39 0.53 8.86
N ARG A 72 -5.87 1.26 7.86
CA ARG A 72 -6.80 2.36 8.11
C ARG A 72 -8.15 1.81 8.48
N ALA A 73 -8.54 0.75 7.80
CA ALA A 73 -9.82 0.11 8.08
C ALA A 73 -9.84 -0.35 9.53
N LEU A 74 -8.64 -0.53 10.08
CA LEU A 74 -8.50 -0.96 11.46
C LEU A 74 -8.68 0.25 12.36
N GLN A 75 -8.24 1.40 11.88
CA GLN A 75 -8.38 2.63 12.64
C GLN A 75 -9.86 2.95 12.85
N ILE A 76 -10.66 2.92 11.77
CA ILE A 76 -12.09 3.19 11.88
C ILE A 76 -12.73 2.19 12.82
N ALA A 77 -12.30 0.94 12.71
CA ALA A 77 -12.80 -0.12 13.57
C ALA A 77 -12.53 0.22 15.05
N MET A 78 -11.49 1.02 15.27
CA MET A 78 -11.12 1.45 16.61
C MET A 78 -11.78 2.79 16.96
N CYS A 79 -12.91 3.07 16.31
CA CYS A 79 -13.69 4.29 16.52
C CYS A 79 -13.01 5.54 15.96
N ALA A 80 -12.39 5.41 14.78
CA ALA A 80 -11.73 6.54 14.14
C ALA A 80 -12.68 7.21 13.16
N PRO A 81 -12.81 8.54 13.24
CA PRO A 81 -13.69 9.30 12.35
C PRO A 81 -13.15 9.34 10.92
N VAL A 82 -14.06 9.35 9.95
CA VAL A 82 -13.68 9.41 8.55
C VAL A 82 -13.40 10.86 8.14
N MET A 83 -12.36 11.05 7.34
CA MET A 83 -11.97 12.40 6.90
C MET A 83 -12.46 12.69 5.49
N VAL A 84 -13.37 11.88 4.98
CA VAL A 84 -13.92 12.07 3.65
C VAL A 84 -15.42 11.84 3.66
N GLU A 85 -16.09 12.20 2.58
CA GLU A 85 -17.53 12.02 2.47
C GLU A 85 -17.89 10.57 2.12
N LEU A 86 -19.12 10.20 2.42
CA LEU A 86 -19.60 8.86 2.15
C LEU A 86 -20.73 8.87 1.12
N GLU A 87 -20.41 8.46 -0.10
CA GLU A 87 -21.37 8.41 -1.19
C GLU A 87 -21.92 7.00 -1.30
N GLY A 88 -22.14 6.38 -0.15
CA GLY A 88 -22.65 5.03 -0.12
C GLY A 88 -21.73 4.10 0.66
N GLU A 89 -20.54 4.59 1.00
CA GLU A 89 -19.60 3.80 1.77
C GLU A 89 -20.02 3.76 3.23
N THR A 90 -19.79 2.64 3.87
CA THR A 90 -20.16 2.49 5.27
C THR A 90 -19.20 1.52 5.97
N ASP A 91 -18.39 0.83 5.18
CA ASP A 91 -17.44 -0.14 5.72
C ASP A 91 -16.07 0.51 5.82
N PRO A 92 -15.36 0.27 6.93
CA PRO A 92 -14.02 0.82 7.16
C PRO A 92 -13.07 0.65 5.98
N LEU A 93 -13.10 -0.51 5.32
CA LEU A 93 -12.23 -0.73 4.17
C LEU A 93 -12.68 0.12 3.00
N LEU A 94 -13.97 0.03 2.70
CA LEU A 94 -14.58 0.79 1.62
C LEU A 94 -14.23 2.26 1.77
N ILE A 95 -14.42 2.76 2.99
CA ILE A 95 -14.13 4.14 3.30
C ILE A 95 -12.63 4.39 3.25
N ALA A 96 -11.85 3.38 3.64
CA ALA A 96 -10.39 3.49 3.60
C ALA A 96 -9.96 3.76 2.17
N MET A 97 -10.68 3.14 1.22
CA MET A 97 -10.40 3.33 -0.19
C MET A 97 -10.68 4.77 -0.59
N LYS A 98 -11.77 5.31 -0.04
CA LYS A 98 -12.15 6.69 -0.32
C LYS A 98 -11.07 7.64 0.20
N GLU A 99 -10.63 7.40 1.42
CA GLU A 99 -9.59 8.21 2.04
C GLU A 99 -8.26 8.01 1.35
N LEU A 100 -8.01 6.80 0.87
CA LEU A 100 -6.77 6.51 0.16
C LEU A 100 -6.73 7.30 -1.14
N LYS A 101 -7.78 7.14 -1.92
CA LYS A 101 -7.91 7.84 -3.19
C LYS A 101 -7.88 9.36 -2.99
N ALA A 102 -8.21 9.76 -1.79
CA ALA A 102 -8.21 11.16 -1.41
C ALA A 102 -6.89 11.53 -0.74
N ARG A 103 -6.10 10.50 -0.46
CA ARG A 103 -4.81 10.63 0.19
C ARG A 103 -4.96 11.30 1.56
N LYS A 104 -5.84 10.74 2.38
CA LYS A 104 -6.08 11.24 3.73
C LYS A 104 -5.57 10.24 4.76
N ILE A 105 -4.76 9.30 4.30
CA ILE A 105 -4.20 8.29 5.18
C ILE A 105 -2.76 8.62 5.53
N PRO A 106 -2.52 9.11 6.76
CA PRO A 106 -1.17 9.43 7.23
C PRO A 106 -0.47 8.17 7.70
N ILE A 107 0.40 7.63 6.87
CA ILE A 107 1.11 6.40 7.19
C ILE A 107 2.44 6.34 6.46
N ILE A 108 3.38 5.66 7.07
CA ILE A 108 4.69 5.46 6.52
C ILE A 108 4.85 4.01 6.10
N ILE A 109 5.15 3.82 4.84
CA ILE A 109 5.32 2.50 4.29
C ILE A 109 6.79 2.19 4.18
N ARG A 110 7.22 1.29 5.02
CA ARG A 110 8.59 0.89 5.02
C ARG A 110 8.76 -0.28 4.08
N ARG A 111 9.38 -0.04 2.95
CA ARG A 111 9.58 -1.10 1.97
C ARG A 111 10.93 -1.75 2.21
N TYR A 112 10.97 -3.07 2.24
CA TYR A 112 12.23 -3.77 2.45
C TYR A 112 13.01 -3.87 1.15
N LEU A 113 14.32 -3.78 1.24
CA LEU A 113 15.17 -3.90 0.07
C LEU A 113 15.68 -5.32 -0.08
N PRO A 114 15.99 -5.76 -1.31
CA PRO A 114 16.50 -7.11 -1.58
C PRO A 114 17.83 -7.40 -0.87
N ASP A 115 18.45 -6.35 -0.34
CA ASP A 115 19.71 -6.50 0.35
C ASP A 115 19.48 -6.83 1.83
N GLY A 116 18.29 -6.50 2.31
CA GLY A 116 17.94 -6.77 3.70
C GLY A 116 17.59 -5.51 4.45
N SER A 117 17.69 -4.36 3.79
CA SER A 117 17.38 -3.09 4.43
C SER A 117 15.94 -2.67 4.16
N TYR A 118 15.67 -1.38 4.32
CA TYR A 118 14.32 -0.84 4.09
C TYR A 118 14.41 0.66 3.82
N GLU A 119 13.36 1.23 3.26
CA GLU A 119 13.31 2.65 2.98
C GLU A 119 11.99 3.23 3.50
N ASP A 120 12.04 4.46 3.99
CA ASP A 120 10.85 5.13 4.50
C ASP A 120 10.04 5.70 3.34
N TRP A 121 8.76 5.41 3.32
CA TRP A 121 7.90 5.94 2.29
C TRP A 121 6.59 6.46 2.86
N GLY A 122 6.48 7.76 2.97
CA GLY A 122 5.25 8.33 3.47
C GLY A 122 4.25 8.40 2.34
N VAL A 123 2.99 8.12 2.62
CA VAL A 123 1.95 8.18 1.58
C VAL A 123 2.01 9.52 0.83
N ASP A 124 2.39 10.56 1.56
CA ASP A 124 2.53 11.91 1.00
C ASP A 124 3.56 11.95 -0.13
N GLU A 125 4.62 11.15 0.01
CA GLU A 125 5.67 11.06 -1.01
C GLU A 125 5.36 9.94 -1.99
N LEU A 126 4.19 9.32 -1.82
CA LEU A 126 3.79 8.22 -2.67
C LEU A 126 2.69 8.57 -3.65
N ILE A 127 2.90 8.17 -4.89
CA ILE A 127 1.92 8.36 -5.93
C ILE A 127 0.95 7.20 -5.83
N ILE A 128 -0.25 7.50 -5.37
CA ILE A 128 -1.24 6.48 -5.14
C ILE A 128 -2.03 6.09 -6.38
N THR A 129 -2.51 4.86 -6.36
CA THR A 129 -3.35 4.33 -7.38
C THR A 129 -4.47 3.53 -6.74
N ASP A 130 -5.63 4.15 -6.67
CA ASP A 130 -6.80 3.56 -6.05
C ASP A 130 -7.99 3.64 -6.99
N MET A 4 30.68 -43.62 -0.61
CA MET A 4 31.69 -44.12 -1.58
C MET A 4 31.07 -45.24 -2.39
N SER A 5 31.05 -46.42 -1.81
CA SER A 5 30.41 -47.56 -2.43
C SER A 5 29.63 -48.23 -1.33
N ASP A 6 28.58 -47.54 -0.92
CA ASP A 6 27.70 -47.98 0.13
C ASP A 6 26.37 -48.40 -0.47
N ASN A 7 25.62 -47.41 -0.90
CA ASN A 7 24.31 -47.62 -1.51
C ASN A 7 24.16 -46.76 -2.75
N GLU A 8 25.05 -45.78 -2.92
CA GLU A 8 24.98 -44.85 -4.04
C GLU A 8 25.68 -45.41 -5.28
N ASP A 9 26.56 -46.37 -5.08
CA ASP A 9 27.30 -46.97 -6.19
C ASP A 9 26.50 -48.09 -6.84
N ASN A 10 25.61 -48.70 -6.08
CA ASN A 10 24.81 -49.80 -6.58
C ASN A 10 23.34 -49.42 -6.77
N PHE A 11 22.98 -48.21 -6.39
CA PHE A 11 21.60 -47.75 -6.52
C PHE A 11 21.53 -46.23 -6.50
N ASP A 12 20.65 -45.68 -7.30
CA ASP A 12 20.45 -44.23 -7.37
C ASP A 12 19.09 -43.87 -6.80
N GLY A 13 18.97 -42.65 -6.28
CA GLY A 13 17.71 -42.21 -5.73
C GLY A 13 17.61 -42.46 -4.24
N ASP A 14 18.48 -43.33 -3.73
CA ASP A 14 18.49 -43.66 -2.30
C ASP A 14 19.36 -42.66 -1.55
N ASP A 15 19.06 -41.39 -1.77
CA ASP A 15 19.80 -40.30 -1.14
C ASP A 15 18.85 -39.45 -0.31
N PHE A 16 17.81 -40.09 0.21
CA PHE A 16 16.81 -39.42 1.02
C PHE A 16 17.40 -38.90 2.32
N ASP A 17 17.45 -37.58 2.46
CA ASP A 17 17.98 -36.94 3.66
C ASP A 17 16.87 -36.77 4.69
N ASP A 18 17.24 -36.44 5.91
CA ASP A 18 16.27 -36.26 6.99
C ASP A 18 15.68 -34.85 6.94
N VAL A 19 14.67 -34.61 7.76
CA VAL A 19 14.02 -33.31 7.79
C VAL A 19 14.67 -32.40 8.83
N GLU A 20 15.70 -31.69 8.40
CA GLU A 20 16.42 -30.77 9.28
C GLU A 20 15.72 -29.41 9.32
N GLU A 21 16.14 -28.57 10.25
CA GLU A 21 15.56 -27.24 10.41
C GLU A 21 16.05 -26.30 9.32
N ASP A 22 15.19 -25.37 8.91
CA ASP A 22 15.53 -24.41 7.86
C ASP A 22 14.80 -23.10 8.10
N GLU A 23 15.19 -22.06 7.37
CA GLU A 23 14.57 -20.75 7.52
C GLU A 23 14.46 -20.07 6.15
N GLY A 24 13.42 -19.30 5.96
CA GLY A 24 13.21 -18.61 4.71
C GLY A 24 12.35 -19.40 3.75
N LEU A 25 12.32 -20.72 3.95
CA LEU A 25 11.53 -21.61 3.10
C LEU A 25 10.44 -22.27 3.93
N ASP A 26 9.19 -22.09 3.51
CA ASP A 26 8.07 -22.68 4.22
C ASP A 26 7.35 -23.69 3.35
N ASP A 27 6.73 -24.67 3.98
CA ASP A 27 6.00 -25.72 3.29
C ASP A 27 4.52 -25.38 3.16
N LEU A 28 4.04 -24.53 4.07
CA LEU A 28 2.64 -24.14 4.07
C LEU A 28 2.36 -23.02 3.07
N GLU A 29 2.87 -21.82 3.36
CA GLU A 29 2.65 -20.69 2.47
C GLU A 29 3.96 -20.07 2.03
N ASN A 30 4.40 -20.47 0.85
CA ASN A 30 5.65 -19.98 0.27
C ASN A 30 5.75 -20.42 -1.19
N ALA A 31 5.44 -19.49 -2.10
CA ALA A 31 5.48 -19.77 -3.53
C ALA A 31 5.33 -18.48 -4.33
N GLU A 32 5.76 -17.38 -3.74
CA GLU A 32 5.67 -16.08 -4.39
C GLU A 32 6.89 -15.83 -5.28
N GLU A 33 6.71 -14.99 -6.28
CA GLU A 33 7.77 -14.64 -7.21
C GLU A 33 8.08 -13.15 -7.10
N GLU A 34 9.08 -12.70 -7.85
CA GLU A 34 9.47 -11.30 -7.83
C GLU A 34 8.32 -10.40 -8.28
N GLY A 35 8.44 -9.12 -7.99
CA GLY A 35 7.40 -8.16 -8.33
C GLY A 35 6.47 -7.94 -7.16
N GLN A 36 6.65 -8.74 -6.13
CA GLN A 36 5.83 -8.64 -4.92
C GLN A 36 6.72 -8.39 -3.71
N GLU A 37 7.13 -7.14 -3.54
CA GLU A 37 8.00 -6.76 -2.43
C GLU A 37 7.25 -6.86 -1.10
N ASN A 38 7.98 -6.64 -0.01
CA ASN A 38 7.38 -6.69 1.32
C ASN A 38 7.62 -5.36 2.02
N VAL A 39 6.59 -4.84 2.65
CA VAL A 39 6.69 -3.57 3.34
C VAL A 39 5.99 -3.62 4.70
N GLU A 40 6.38 -2.71 5.58
CA GLU A 40 5.81 -2.61 6.90
C GLU A 40 5.09 -1.28 7.03
N ILE A 41 3.85 -1.35 7.50
CA ILE A 41 3.03 -0.16 7.68
C ILE A 41 3.31 0.51 9.03
N LEU A 42 3.73 1.76 8.98
CA LEU A 42 4.04 2.52 10.17
C LEU A 42 3.26 3.83 10.16
N PRO A 43 2.94 4.40 11.33
CA PRO A 43 2.23 5.67 11.40
C PRO A 43 3.19 6.84 11.11
N SER A 44 2.86 7.67 10.13
CA SER A 44 3.70 8.80 9.79
C SER A 44 3.66 9.87 10.89
N GLY A 45 4.72 9.96 11.68
CA GLY A 45 4.76 10.96 12.73
C GLY A 45 5.21 12.31 12.21
N GLU A 46 6.47 12.38 11.82
CA GLU A 46 7.05 13.62 11.30
C GLU A 46 7.65 13.36 9.93
N ARG A 47 7.93 12.10 9.72
CA ARG A 47 8.52 11.55 8.51
C ARG A 47 10.03 11.80 8.53
N PRO A 48 10.83 10.79 8.13
CA PRO A 48 12.28 10.91 8.10
C PRO A 48 12.77 11.99 7.16
N GLN A 49 14.05 12.33 7.25
CA GLN A 49 14.64 13.36 6.41
C GLN A 49 14.60 12.97 4.93
N ALA A 50 13.72 13.63 4.19
CA ALA A 50 13.56 13.34 2.78
C ALA A 50 14.54 14.14 1.94
N ASN A 51 15.80 13.76 2.04
CA ASN A 51 16.87 14.41 1.28
C ASN A 51 17.87 13.34 0.90
N GLN A 52 17.39 12.10 0.94
CA GLN A 52 18.20 10.95 0.61
C GLN A 52 17.85 10.44 -0.77
N LYS A 53 18.79 9.75 -1.40
CA LYS A 53 18.57 9.21 -2.73
C LYS A 53 17.81 7.90 -2.65
N ARG A 54 16.49 8.00 -2.45
CA ARG A 54 15.64 6.82 -2.37
C ARG A 54 15.80 5.97 -3.63
N ILE A 55 15.81 4.66 -3.48
CA ILE A 55 16.00 3.77 -4.62
C ILE A 55 14.72 3.11 -5.10
N THR A 56 13.65 3.18 -4.31
CA THR A 56 12.42 2.54 -4.71
C THR A 56 11.45 3.53 -5.34
N THR A 57 10.29 3.03 -5.75
CA THR A 57 9.29 3.84 -6.41
C THR A 57 8.36 4.56 -5.45
N PRO A 58 8.23 5.89 -5.59
CA PRO A 58 7.33 6.68 -4.77
C PRO A 58 5.89 6.49 -5.26
N TYR A 59 5.37 5.30 -5.04
CA TYR A 59 4.05 4.92 -5.48
C TYR A 59 3.45 4.02 -4.45
N MET A 60 2.17 3.79 -4.55
CA MET A 60 1.50 2.89 -3.65
C MET A 60 0.81 1.82 -4.47
N THR A 61 1.51 0.71 -4.67
CA THR A 61 0.99 -0.40 -5.44
C THR A 61 -0.21 -1.01 -4.74
N LYS A 62 -0.81 -2.02 -5.36
CA LYS A 62 -1.92 -2.69 -4.74
C LYS A 62 -1.43 -3.33 -3.44
N TYR A 63 -0.13 -3.58 -3.36
CA TYR A 63 0.45 -4.18 -2.19
C TYR A 63 0.44 -3.20 -1.04
N GLU A 64 1.12 -2.07 -1.21
CA GLU A 64 1.16 -1.03 -0.20
C GLU A 64 -0.26 -0.61 0.14
N ARG A 65 -1.05 -0.40 -0.91
CA ARG A 65 -2.44 0.00 -0.79
C ARG A 65 -3.23 -0.98 0.07
N ALA A 66 -3.10 -2.27 -0.21
CA ALA A 66 -3.84 -3.27 0.54
C ALA A 66 -3.42 -3.26 2.01
N ARG A 67 -2.12 -3.14 2.25
CA ARG A 67 -1.58 -3.09 3.59
C ARG A 67 -2.06 -1.85 4.32
N VAL A 68 -1.99 -0.71 3.64
CA VAL A 68 -2.41 0.57 4.19
C VAL A 68 -3.92 0.62 4.42
N LEU A 69 -4.68 0.13 3.45
CA LEU A 69 -6.13 0.13 3.55
C LEU A 69 -6.56 -0.65 4.77
N GLY A 70 -5.98 -1.84 4.93
CA GLY A 70 -6.30 -2.66 6.09
C GLY A 70 -5.94 -1.93 7.38
N THR A 71 -4.84 -1.19 7.34
CA THR A 71 -4.40 -0.43 8.49
C THR A 71 -5.40 0.67 8.84
N ARG A 72 -5.91 1.37 7.82
CA ARG A 72 -6.87 2.43 8.05
C ARG A 72 -8.22 1.83 8.39
N ALA A 73 -8.55 0.74 7.73
CA ALA A 73 -9.79 0.04 7.99
C ALA A 73 -9.81 -0.38 9.44
N LEU A 74 -8.61 -0.51 10.01
CA LEU A 74 -8.45 -0.88 11.40
C LEU A 74 -8.71 0.33 12.27
N GLN A 75 -8.31 1.50 11.77
CA GLN A 75 -8.52 2.74 12.50
C GLN A 75 -10.01 2.98 12.70
N ILE A 76 -10.79 2.94 11.62
CA ILE A 76 -12.25 3.14 11.71
C ILE A 76 -12.84 2.09 12.63
N ALA A 77 -12.33 0.87 12.51
CA ALA A 77 -12.78 -0.24 13.35
C ALA A 77 -12.54 0.07 14.83
N MET A 78 -11.56 0.93 15.09
CA MET A 78 -11.22 1.34 16.45
C MET A 78 -11.98 2.60 16.84
N CYS A 79 -13.11 2.83 16.17
CA CYS A 79 -13.99 3.97 16.43
C CYS A 79 -13.36 5.29 15.96
N ALA A 80 -12.71 5.25 14.81
CA ALA A 80 -12.09 6.46 14.25
C ALA A 80 -13.02 7.12 13.25
N PRO A 81 -13.23 8.44 13.38
CA PRO A 81 -14.08 9.19 12.47
C PRO A 81 -13.46 9.34 11.08
N VAL A 82 -14.25 9.02 10.07
CA VAL A 82 -13.80 9.10 8.69
C VAL A 82 -13.52 10.57 8.31
N MET A 83 -12.43 10.79 7.59
CA MET A 83 -12.05 12.15 7.20
C MET A 83 -12.49 12.48 5.77
N VAL A 84 -13.41 11.71 5.22
CA VAL A 84 -13.91 11.93 3.88
C VAL A 84 -15.42 11.72 3.82
N GLU A 85 -16.03 12.11 2.71
CA GLU A 85 -17.47 11.95 2.53
C GLU A 85 -17.80 10.52 2.09
N LEU A 86 -19.01 10.09 2.40
CA LEU A 86 -19.46 8.74 2.06
C LEU A 86 -20.55 8.78 0.98
N GLU A 87 -20.17 8.42 -0.24
CA GLU A 87 -21.10 8.41 -1.35
C GLU A 87 -21.65 7.00 -1.54
N GLY A 88 -21.89 6.33 -0.44
CA GLY A 88 -22.40 4.98 -0.46
C GLY A 88 -21.51 4.02 0.30
N GLU A 89 -20.33 4.50 0.71
CA GLU A 89 -19.41 3.67 1.48
C GLU A 89 -19.88 3.59 2.91
N THR A 90 -19.62 2.46 3.55
CA THR A 90 -20.03 2.26 4.93
C THR A 90 -19.07 1.29 5.63
N ASP A 91 -18.24 0.62 4.84
CA ASP A 91 -17.29 -0.34 5.38
C ASP A 91 -15.94 0.31 5.57
N PRO A 92 -15.29 0.07 6.73
CA PRO A 92 -13.97 0.62 7.05
C PRO A 92 -12.96 0.49 5.90
N LEU A 93 -12.95 -0.66 5.24
CA LEU A 93 -12.02 -0.87 4.12
C LEU A 93 -12.42 0.02 2.95
N LEU A 94 -13.68 -0.09 2.56
CA LEU A 94 -14.24 0.68 1.46
C LEU A 94 -13.93 2.17 1.68
N ILE A 95 -14.19 2.62 2.89
CA ILE A 95 -13.95 4.01 3.26
C ILE A 95 -12.45 4.30 3.25
N ALA A 96 -11.64 3.33 3.68
CA ALA A 96 -10.20 3.47 3.67
C ALA A 96 -9.74 3.74 2.25
N MET A 97 -10.43 3.11 1.30
CA MET A 97 -10.15 3.29 -0.12
C MET A 97 -10.40 4.73 -0.50
N LYS A 98 -11.51 5.28 0.02
CA LYS A 98 -11.90 6.65 -0.28
C LYS A 98 -10.88 7.62 0.31
N GLU A 99 -10.48 7.37 1.56
CA GLU A 99 -9.52 8.22 2.23
C GLU A 99 -8.15 8.13 1.57
N LEU A 100 -7.85 6.99 0.98
CA LEU A 100 -6.56 6.83 0.30
C LEU A 100 -6.53 7.75 -0.91
N LYS A 101 -7.54 7.62 -1.74
CA LYS A 101 -7.67 8.45 -2.95
C LYS A 101 -7.67 9.93 -2.61
N ALA A 102 -8.12 10.21 -1.41
CA ALA A 102 -8.19 11.57 -0.90
C ALA A 102 -6.94 11.93 -0.11
N ARG A 103 -6.10 10.92 0.10
CA ARG A 103 -4.85 11.07 0.85
C ARG A 103 -5.13 11.55 2.29
N LYS A 104 -6.06 10.89 2.96
CA LYS A 104 -6.40 11.21 4.34
C LYS A 104 -5.80 10.20 5.29
N ILE A 105 -5.03 9.29 4.71
CA ILE A 105 -4.37 8.25 5.48
C ILE A 105 -2.92 8.64 5.78
N PRO A 106 -2.63 9.10 7.00
CA PRO A 106 -1.28 9.46 7.39
C PRO A 106 -0.52 8.23 7.84
N ILE A 107 0.32 7.71 6.96
CA ILE A 107 1.09 6.51 7.25
C ILE A 107 2.41 6.49 6.47
N ILE A 108 3.40 5.87 7.07
CA ILE A 108 4.70 5.71 6.46
C ILE A 108 4.87 4.24 6.07
N ILE A 109 5.17 4.01 4.82
CA ILE A 109 5.34 2.68 4.30
C ILE A 109 6.80 2.35 4.20
N ARG A 110 7.22 1.48 5.07
CA ARG A 110 8.58 1.04 5.09
C ARG A 110 8.70 -0.17 4.18
N ARG A 111 9.31 0.02 3.03
CA ARG A 111 9.46 -1.05 2.08
C ARG A 111 10.81 -1.71 2.26
N TYR A 112 10.86 -3.02 2.30
CA TYR A 112 12.11 -3.73 2.49
C TYR A 112 12.75 -4.07 1.15
N LEU A 113 14.05 -3.87 1.06
CA LEU A 113 14.78 -4.16 -0.16
C LEU A 113 15.18 -5.63 -0.19
N PRO A 114 15.37 -6.20 -1.40
CA PRO A 114 15.75 -7.61 -1.56
C PRO A 114 17.12 -7.91 -0.95
N ASP A 115 17.86 -6.87 -0.58
CA ASP A 115 19.18 -7.03 0.02
C ASP A 115 19.06 -7.24 1.53
N GLY A 116 17.94 -6.78 2.09
CA GLY A 116 17.71 -6.92 3.51
C GLY A 116 17.46 -5.59 4.18
N SER A 117 17.62 -4.50 3.44
CA SER A 117 17.42 -3.17 3.99
C SER A 117 15.96 -2.74 3.84
N TYR A 118 15.71 -1.44 3.99
CA TYR A 118 14.37 -0.90 3.88
C TYR A 118 14.42 0.59 3.58
N GLU A 119 13.32 1.14 3.08
CA GLU A 119 13.24 2.56 2.77
C GLU A 119 11.94 3.13 3.33
N ASP A 120 11.98 4.38 3.75
CA ASP A 120 10.83 5.07 4.29
C ASP A 120 10.02 5.70 3.18
N TRP A 121 8.72 5.45 3.17
CA TRP A 121 7.85 6.00 2.14
C TRP A 121 6.54 6.51 2.71
N GLY A 122 6.41 7.82 2.85
CA GLY A 122 5.17 8.37 3.36
C GLY A 122 4.14 8.39 2.26
N VAL A 123 2.86 8.14 2.59
CA VAL A 123 1.80 8.16 1.59
C VAL A 123 1.79 9.49 0.85
N ASP A 124 2.15 10.54 1.57
CA ASP A 124 2.21 11.89 1.02
C ASP A 124 3.27 11.98 -0.07
N GLU A 125 4.34 11.19 0.10
CA GLU A 125 5.42 11.14 -0.87
C GLU A 125 5.16 10.03 -1.89
N LEU A 126 3.99 9.41 -1.78
CA LEU A 126 3.65 8.30 -2.66
C LEU A 126 2.57 8.67 -3.67
N ILE A 127 2.84 8.26 -4.91
CA ILE A 127 1.91 8.47 -5.98
C ILE A 127 0.98 7.28 -6.02
N ILE A 128 -0.23 7.49 -5.55
CA ILE A 128 -1.20 6.41 -5.48
C ILE A 128 -1.80 6.09 -6.83
N THR A 129 -2.20 4.86 -6.99
CA THR A 129 -2.85 4.41 -8.17
C THR A 129 -4.30 4.13 -7.87
N ASP A 130 -5.13 5.07 -8.31
CA ASP A 130 -6.59 5.07 -8.13
C ASP A 130 -6.94 5.78 -6.83
N MET A 4 26.20 -5.40 22.02
CA MET A 4 26.45 -4.96 23.41
C MET A 4 27.72 -4.12 23.46
N SER A 5 27.90 -3.38 24.55
CA SER A 5 29.05 -2.53 24.74
C SER A 5 30.36 -3.31 24.56
N ASP A 6 31.29 -2.72 23.84
CA ASP A 6 32.59 -3.35 23.59
C ASP A 6 33.67 -2.71 24.46
N ASN A 7 33.94 -1.44 24.21
CA ASN A 7 34.95 -0.71 24.97
C ASN A 7 34.47 0.68 25.38
N GLU A 8 33.23 1.00 25.01
CA GLU A 8 32.65 2.29 25.34
C GLU A 8 32.22 2.36 26.81
N ASP A 9 32.42 1.26 27.52
CA ASP A 9 32.05 1.19 28.93
C ASP A 9 32.93 2.10 29.78
N ASN A 10 34.18 2.27 29.35
CA ASN A 10 35.13 3.12 30.06
C ASN A 10 35.01 4.57 29.60
N PHE A 11 34.20 4.81 28.58
CA PHE A 11 34.02 6.15 28.05
C PHE A 11 32.85 6.85 28.73
N ASP A 12 33.16 7.67 29.72
CA ASP A 12 32.14 8.42 30.45
C ASP A 12 31.90 9.76 29.78
N GLY A 13 30.75 10.36 30.06
CA GLY A 13 30.41 11.64 29.48
C GLY A 13 29.44 11.53 28.32
N ASP A 14 29.28 10.32 27.80
CA ASP A 14 28.38 10.09 26.68
C ASP A 14 27.46 8.91 26.99
N ASP A 15 26.38 8.79 26.23
CA ASP A 15 25.41 7.71 26.43
C ASP A 15 25.48 6.73 25.27
N PHE A 16 26.69 6.48 24.78
CA PHE A 16 26.89 5.57 23.68
C PHE A 16 27.01 4.13 24.16
N ASP A 17 25.99 3.33 23.86
CA ASP A 17 25.97 1.93 24.22
C ASP A 17 25.36 1.12 23.09
N ASP A 18 26.05 0.06 22.68
CA ASP A 18 25.56 -0.79 21.61
C ASP A 18 24.62 -1.87 22.14
N VAL A 19 23.54 -2.11 21.43
CA VAL A 19 22.57 -3.11 21.83
C VAL A 19 22.04 -3.87 20.61
N GLU A 20 22.10 -5.20 20.68
CA GLU A 20 21.63 -6.05 19.61
C GLU A 20 20.12 -5.97 19.48
N GLU A 21 19.66 -5.15 18.55
CA GLU A 21 18.24 -4.97 18.32
C GLU A 21 17.85 -5.46 16.93
N ASP A 22 16.61 -5.88 16.77
CA ASP A 22 16.12 -6.39 15.49
C ASP A 22 15.30 -5.31 14.79
N GLU A 23 15.70 -4.98 13.57
CA GLU A 23 14.99 -3.99 12.79
C GLU A 23 15.37 -4.07 11.31
N GLY A 24 14.40 -4.39 10.48
CA GLY A 24 14.62 -4.46 9.05
C GLY A 24 15.18 -5.77 8.57
N LEU A 25 15.99 -6.41 9.38
CA LEU A 25 16.62 -7.67 8.99
C LEU A 25 16.30 -8.79 9.97
N ASP A 26 15.26 -9.55 9.67
CA ASP A 26 14.87 -10.67 10.51
C ASP A 26 15.47 -11.96 9.95
N ASP A 27 15.56 -12.98 10.78
CA ASP A 27 16.14 -14.26 10.39
C ASP A 27 15.11 -15.28 9.92
N LEU A 28 13.84 -15.08 10.27
CA LEU A 28 12.80 -16.07 9.95
C LEU A 28 12.09 -15.85 8.61
N GLU A 29 11.29 -14.79 8.53
CA GLU A 29 10.49 -14.52 7.33
C GLU A 29 11.24 -13.74 6.26
N ASN A 30 12.53 -13.67 6.42
CA ASN A 30 13.34 -12.93 5.47
C ASN A 30 13.59 -13.74 4.20
N ALA A 31 12.53 -13.91 3.41
CA ALA A 31 12.61 -14.66 2.17
C ALA A 31 12.03 -13.82 1.03
N GLU A 32 12.84 -12.93 0.50
CA GLU A 32 12.42 -12.06 -0.59
C GLU A 32 12.71 -12.70 -1.94
N GLU A 33 11.83 -12.44 -2.90
CA GLU A 33 11.98 -12.97 -4.24
C GLU A 33 11.77 -11.85 -5.26
N GLU A 34 12.10 -12.12 -6.51
CA GLU A 34 11.94 -11.13 -7.57
C GLU A 34 10.48 -10.74 -7.74
N GLY A 35 10.19 -9.46 -7.61
CA GLY A 35 8.84 -8.97 -7.74
C GLY A 35 8.06 -9.08 -6.45
N GLN A 36 8.67 -9.64 -5.44
CA GLN A 36 8.03 -9.80 -4.15
C GLN A 36 8.73 -8.99 -3.08
N GLU A 37 8.42 -7.70 -3.03
CA GLU A 37 8.99 -6.83 -2.01
C GLU A 37 8.09 -6.83 -0.79
N ASN A 38 8.68 -6.88 0.38
CA ASN A 38 7.90 -6.87 1.60
C ASN A 38 7.94 -5.48 2.23
N VAL A 39 6.79 -4.98 2.64
CA VAL A 39 6.71 -3.66 3.24
C VAL A 39 5.88 -3.70 4.50
N GLU A 40 6.21 -2.83 5.43
CA GLU A 40 5.50 -2.74 6.69
C GLU A 40 4.79 -1.39 6.76
N ILE A 41 3.59 -1.40 7.31
CA ILE A 41 2.80 -0.19 7.43
C ILE A 41 2.97 0.45 8.79
N LEU A 42 3.48 1.67 8.80
CA LEU A 42 3.72 2.39 10.02
C LEU A 42 2.90 3.67 10.01
N PRO A 43 2.52 4.21 11.16
CA PRO A 43 1.77 5.45 11.21
C PRO A 43 2.73 6.66 11.14
N SER A 44 2.53 7.52 10.15
CA SER A 44 3.40 8.68 9.99
C SER A 44 3.21 9.66 11.16
N GLY A 45 4.17 9.68 12.08
CA GLY A 45 4.06 10.58 13.21
C GLY A 45 5.22 11.55 13.29
N GLU A 46 6.21 11.34 12.46
CA GLU A 46 7.40 12.17 12.44
C GLU A 46 7.80 12.50 11.01
N ARG A 47 7.59 11.50 10.19
CA ARG A 47 7.89 11.54 8.78
C ARG A 47 9.39 11.69 8.54
N PRO A 48 10.12 10.56 8.56
CA PRO A 48 11.57 10.56 8.34
C PRO A 48 11.95 10.81 6.89
N GLN A 49 13.08 11.47 6.72
CA GLN A 49 13.60 11.78 5.40
C GLN A 49 15.07 11.46 5.35
N ALA A 50 15.55 11.05 4.19
CA ALA A 50 16.95 10.71 4.01
C ALA A 50 17.69 11.80 3.26
N ASN A 51 19.00 11.89 3.48
CA ASN A 51 19.82 12.88 2.80
C ASN A 51 20.41 12.27 1.53
N GLN A 52 19.66 11.35 0.95
CA GLN A 52 20.06 10.66 -0.26
C GLN A 52 18.80 10.34 -1.07
N LYS A 53 18.95 10.28 -2.39
CA LYS A 53 17.82 9.99 -3.26
C LYS A 53 17.30 8.58 -3.01
N ARG A 54 15.99 8.49 -2.79
CA ARG A 54 15.33 7.21 -2.54
C ARG A 54 15.58 6.24 -3.70
N ILE A 55 15.62 4.94 -3.42
CA ILE A 55 15.90 3.95 -4.46
C ILE A 55 14.66 3.22 -4.99
N THR A 56 13.59 3.11 -4.20
CA THR A 56 12.41 2.42 -4.69
C THR A 56 11.42 3.38 -5.35
N THR A 57 10.27 2.86 -5.76
CA THR A 57 9.27 3.66 -6.45
C THR A 57 8.33 4.41 -5.50
N PRO A 58 8.22 5.74 -5.70
CA PRO A 58 7.32 6.57 -4.91
C PRO A 58 5.89 6.42 -5.43
N TYR A 59 5.30 5.26 -5.18
CA TYR A 59 3.98 4.93 -5.64
C TYR A 59 3.34 4.05 -4.60
N MET A 60 2.06 3.84 -4.74
CA MET A 60 1.35 2.98 -3.84
C MET A 60 0.69 1.88 -4.65
N THR A 61 1.45 0.82 -4.91
CA THR A 61 0.96 -0.30 -5.69
C THR A 61 -0.14 -1.05 -4.97
N LYS A 62 -0.63 -2.11 -5.60
CA LYS A 62 -1.64 -2.94 -5.00
C LYS A 62 -1.08 -3.50 -3.70
N TYR A 63 0.24 -3.65 -3.66
CA TYR A 63 0.90 -4.16 -2.49
C TYR A 63 0.76 -3.19 -1.32
N GLU A 64 1.32 -2.00 -1.50
CA GLU A 64 1.28 -0.97 -0.46
C GLU A 64 -0.17 -0.60 -0.13
N ARG A 65 -0.93 -0.29 -1.18
CA ARG A 65 -2.33 0.11 -1.06
C ARG A 65 -3.16 -0.88 -0.23
N ALA A 66 -3.00 -2.17 -0.51
CA ALA A 66 -3.76 -3.19 0.21
C ALA A 66 -3.34 -3.22 1.69
N ARG A 67 -2.04 -3.15 1.92
CA ARG A 67 -1.53 -3.17 3.29
C ARG A 67 -1.97 -1.92 4.05
N VAL A 68 -1.94 -0.78 3.37
CA VAL A 68 -2.34 0.48 3.97
C VAL A 68 -3.84 0.54 4.20
N LEU A 69 -4.61 0.09 3.22
CA LEU A 69 -6.06 0.08 3.35
C LEU A 69 -6.48 -0.72 4.56
N GLY A 70 -5.96 -1.93 4.67
CA GLY A 70 -6.26 -2.77 5.82
C GLY A 70 -5.87 -2.09 7.12
N THR A 71 -4.77 -1.33 7.08
CA THR A 71 -4.30 -0.63 8.25
C THR A 71 -5.27 0.49 8.65
N ARG A 72 -5.77 1.23 7.66
CA ARG A 72 -6.71 2.30 7.93
C ARG A 72 -8.06 1.72 8.28
N ALA A 73 -8.43 0.67 7.57
CA ALA A 73 -9.68 -0.02 7.82
C ALA A 73 -9.67 -0.52 9.25
N LEU A 74 -8.46 -0.71 9.76
CA LEU A 74 -8.28 -1.18 11.13
C LEU A 74 -8.51 -0.03 12.08
N GLN A 75 -8.11 1.16 11.65
CA GLN A 75 -8.27 2.37 12.45
C GLN A 75 -9.75 2.66 12.65
N ILE A 76 -10.54 2.68 11.58
CA ILE A 76 -11.98 2.95 11.69
C ILE A 76 -12.61 1.90 12.60
N ALA A 77 -12.17 0.67 12.42
CA ALA A 77 -12.65 -0.45 13.24
C ALA A 77 -12.33 -0.21 14.71
N MET A 78 -11.29 0.58 14.96
CA MET A 78 -10.87 0.92 16.31
C MET A 78 -11.52 2.22 16.77
N CYS A 79 -12.63 2.57 16.12
CA CYS A 79 -13.41 3.78 16.45
C CYS A 79 -12.70 5.06 15.97
N ALA A 80 -12.10 5.02 14.79
CA ALA A 80 -11.44 6.20 14.23
C ALA A 80 -12.37 6.90 13.24
N PRO A 81 -12.54 8.22 13.40
CA PRO A 81 -13.39 9.01 12.51
C PRO A 81 -12.83 9.09 11.10
N VAL A 82 -13.73 9.06 10.13
CA VAL A 82 -13.37 9.14 8.71
C VAL A 82 -13.06 10.59 8.34
N MET A 83 -12.05 10.78 7.49
CA MET A 83 -11.64 12.13 7.07
C MET A 83 -12.27 12.53 5.74
N VAL A 84 -13.21 11.73 5.25
CA VAL A 84 -13.87 12.01 3.99
C VAL A 84 -15.38 11.78 4.11
N GLU A 85 -16.12 12.18 3.10
CA GLU A 85 -17.57 12.00 3.09
C GLU A 85 -17.93 10.58 2.67
N LEU A 86 -19.15 10.18 3.02
CA LEU A 86 -19.65 8.85 2.69
C LEU A 86 -20.83 8.93 1.72
N GLU A 87 -20.57 8.60 0.47
CA GLU A 87 -21.60 8.62 -0.57
C GLU A 87 -22.18 7.21 -0.71
N GLY A 88 -22.33 6.53 0.41
CA GLY A 88 -22.85 5.19 0.41
C GLY A 88 -21.90 4.22 1.08
N GLU A 89 -20.69 4.67 1.38
CA GLU A 89 -19.71 3.82 2.04
C GLU A 89 -20.05 3.70 3.51
N THR A 90 -19.76 2.55 4.08
CA THR A 90 -20.04 2.30 5.48
C THR A 90 -19.05 1.29 6.06
N ASP A 91 -18.26 0.68 5.19
CA ASP A 91 -17.28 -0.31 5.61
C ASP A 91 -15.91 0.34 5.74
N PRO A 92 -15.18 0.05 6.83
CA PRO A 92 -13.85 0.59 7.08
C PRO A 92 -12.91 0.50 5.86
N LEU A 93 -12.93 -0.64 5.17
CA LEU A 93 -12.08 -0.81 3.99
C LEU A 93 -12.56 0.09 2.86
N LEU A 94 -13.85 -0.01 2.58
CA LEU A 94 -14.48 0.78 1.52
C LEU A 94 -14.14 2.25 1.73
N ILE A 95 -14.29 2.70 2.97
CA ILE A 95 -14.00 4.07 3.33
C ILE A 95 -12.50 4.34 3.23
N ALA A 96 -11.70 3.36 3.61
CA ALA A 96 -10.25 3.47 3.52
C ALA A 96 -9.84 3.78 2.09
N MET A 97 -10.57 3.18 1.15
CA MET A 97 -10.32 3.40 -0.27
C MET A 97 -10.66 4.85 -0.62
N LYS A 98 -11.74 5.35 -0.05
CA LYS A 98 -12.19 6.71 -0.29
C LYS A 98 -11.14 7.70 0.23
N GLU A 99 -10.59 7.40 1.40
CA GLU A 99 -9.58 8.27 2.00
C GLU A 99 -8.26 8.16 1.28
N LEU A 100 -7.89 6.95 0.88
CA LEU A 100 -6.64 6.77 0.16
C LEU A 100 -6.69 7.55 -1.15
N LYS A 101 -7.73 7.30 -1.91
CA LYS A 101 -7.96 7.98 -3.18
C LYS A 101 -7.96 9.49 -3.01
N ALA A 102 -8.43 9.90 -1.86
CA ALA A 102 -8.52 11.31 -1.51
C ALA A 102 -7.24 11.79 -0.82
N ARG A 103 -6.32 10.86 -0.57
CA ARG A 103 -5.06 11.16 0.10
C ARG A 103 -5.30 11.71 1.51
N LYS A 104 -6.11 10.98 2.28
CA LYS A 104 -6.42 11.36 3.65
C LYS A 104 -5.90 10.31 4.62
N ILE A 105 -5.03 9.45 4.12
CA ILE A 105 -4.44 8.40 4.94
C ILE A 105 -3.01 8.76 5.33
N PRO A 106 -2.80 9.16 6.58
CA PRO A 106 -1.47 9.48 7.09
C PRO A 106 -0.78 8.21 7.55
N ILE A 107 0.13 7.71 6.71
CA ILE A 107 0.83 6.48 7.00
C ILE A 107 2.20 6.45 6.31
N ILE A 108 3.12 5.71 6.91
CA ILE A 108 4.45 5.54 6.39
C ILE A 108 4.63 4.09 5.97
N ILE A 109 4.98 3.89 4.72
CA ILE A 109 5.18 2.57 4.16
C ILE A 109 6.66 2.27 4.11
N ARG A 110 7.07 1.44 5.02
CA ARG A 110 8.45 1.05 5.08
C ARG A 110 8.63 -0.17 4.20
N ARG A 111 9.28 0.02 3.07
CA ARG A 111 9.53 -1.07 2.14
C ARG A 111 10.90 -1.63 2.42
N TYR A 112 10.99 -2.91 2.71
CA TYR A 112 12.28 -3.53 3.02
C TYR A 112 12.97 -3.99 1.75
N LEU A 113 14.28 -3.90 1.74
CA LEU A 113 15.07 -4.33 0.61
C LEU A 113 15.55 -5.75 0.82
N PRO A 114 15.72 -6.52 -0.28
CA PRO A 114 16.19 -7.91 -0.21
C PRO A 114 17.57 -8.04 0.41
N ASP A 115 18.25 -6.90 0.58
CA ASP A 115 19.58 -6.88 1.18
C ASP A 115 19.49 -6.83 2.70
N GLY A 116 18.33 -6.45 3.21
CA GLY A 116 18.13 -6.37 4.64
C GLY A 116 17.81 -4.96 5.13
N SER A 117 17.86 -3.99 4.23
CA SER A 117 17.58 -2.61 4.60
C SER A 117 16.11 -2.29 4.34
N TYR A 118 15.75 -1.01 4.46
CA TYR A 118 14.37 -0.59 4.24
C TYR A 118 14.32 0.91 3.94
N GLU A 119 13.31 1.30 3.17
CA GLU A 119 13.09 2.69 2.83
C GLU A 119 11.74 3.14 3.34
N ASP A 120 11.74 4.19 4.13
CA ASP A 120 10.50 4.74 4.71
C ASP A 120 9.80 5.63 3.70
N TRP A 121 8.62 5.22 3.28
CA TRP A 121 7.85 5.96 2.28
C TRP A 121 6.59 6.57 2.84
N GLY A 122 6.50 7.87 2.87
CA GLY A 122 5.28 8.50 3.33
C GLY A 122 4.27 8.53 2.21
N VAL A 123 3.00 8.25 2.49
CA VAL A 123 1.96 8.27 1.46
C VAL A 123 2.02 9.58 0.67
N ASP A 124 2.36 10.65 1.36
CA ASP A 124 2.47 11.98 0.76
C ASP A 124 3.53 12.01 -0.33
N GLU A 125 4.57 11.19 -0.16
CA GLU A 125 5.66 11.09 -1.12
C GLU A 125 5.34 10.01 -2.15
N LEU A 126 4.17 9.40 -2.02
CA LEU A 126 3.78 8.32 -2.90
C LEU A 126 2.70 8.70 -3.90
N ILE A 127 2.93 8.30 -5.14
CA ILE A 127 1.98 8.50 -6.20
C ILE A 127 1.00 7.34 -6.12
N ILE A 128 -0.17 7.63 -5.59
CA ILE A 128 -1.18 6.61 -5.37
C ILE A 128 -1.94 6.21 -6.63
N THR A 129 -2.40 4.97 -6.61
CA THR A 129 -3.21 4.42 -7.65
C THR A 129 -4.35 3.64 -7.04
N ASP A 130 -5.50 4.26 -7.03
CA ASP A 130 -6.70 3.68 -6.44
C ASP A 130 -7.77 3.49 -7.51
N MET A 4 21.18 -25.77 -16.37
CA MET A 4 21.73 -24.40 -16.54
C MET A 4 22.11 -24.19 -17.98
N SER A 5 23.12 -23.37 -18.23
CA SER A 5 23.59 -23.15 -19.58
C SER A 5 24.46 -24.33 -20.00
N ASP A 6 23.80 -25.45 -20.26
CA ASP A 6 24.49 -26.68 -20.63
C ASP A 6 24.40 -26.91 -22.13
N ASN A 7 23.48 -26.22 -22.78
CA ASN A 7 23.29 -26.33 -24.22
C ASN A 7 23.68 -25.03 -24.89
N GLU A 8 24.09 -24.08 -24.08
CA GLU A 8 24.47 -22.76 -24.54
C GLU A 8 25.99 -22.60 -24.55
N ASP A 9 26.69 -23.73 -24.58
CA ASP A 9 28.15 -23.74 -24.58
C ASP A 9 28.70 -23.01 -25.80
N ASN A 10 28.05 -23.19 -26.94
CA ASN A 10 28.46 -22.56 -28.18
C ASN A 10 27.62 -21.34 -28.49
N PHE A 11 27.02 -20.77 -27.44
CA PHE A 11 26.18 -19.59 -27.59
C PHE A 11 26.84 -18.39 -26.92
N ASP A 12 27.46 -17.54 -27.72
CA ASP A 12 28.12 -16.35 -27.21
C ASP A 12 27.24 -15.12 -27.42
N GLY A 13 27.50 -14.07 -26.65
CA GLY A 13 26.73 -12.85 -26.78
C GLY A 13 25.82 -12.62 -25.59
N ASP A 14 25.60 -13.65 -24.80
CA ASP A 14 24.73 -13.55 -23.63
C ASP A 14 25.43 -14.12 -22.39
N ASP A 15 24.92 -13.76 -21.21
CA ASP A 15 25.49 -14.23 -19.96
C ASP A 15 24.37 -14.55 -18.97
N PHE A 16 23.20 -14.84 -19.49
CA PHE A 16 22.07 -15.14 -18.63
C PHE A 16 22.00 -16.64 -18.34
N ASP A 17 22.29 -16.99 -17.11
CA ASP A 17 22.22 -18.38 -16.68
C ASP A 17 21.03 -18.56 -15.75
N ASP A 18 20.44 -19.74 -15.76
CA ASP A 18 19.29 -20.02 -14.91
C ASP A 18 19.39 -21.42 -14.31
N VAL A 19 18.67 -21.64 -13.23
CA VAL A 19 18.67 -22.92 -12.55
C VAL A 19 17.28 -23.55 -12.58
N GLU A 20 17.17 -24.64 -13.30
CA GLU A 20 15.91 -25.35 -13.45
C GLU A 20 15.51 -26.04 -12.14
N GLU A 21 14.65 -25.37 -11.38
CA GLU A 21 14.18 -25.90 -10.11
C GLU A 21 12.68 -25.66 -9.98
N ASP A 22 12.02 -26.46 -9.16
CA ASP A 22 10.58 -26.32 -8.95
C ASP A 22 10.30 -25.21 -7.92
N GLU A 23 9.22 -24.47 -8.14
CA GLU A 23 8.84 -23.38 -7.25
C GLU A 23 7.39 -23.00 -7.49
N GLY A 24 6.79 -22.34 -6.51
CA GLY A 24 5.41 -21.92 -6.62
C GLY A 24 4.46 -22.84 -5.89
N LEU A 25 4.87 -24.10 -5.73
CA LEU A 25 4.03 -25.09 -5.06
C LEU A 25 4.13 -24.94 -3.53
N ASP A 26 3.44 -23.95 -3.00
CA ASP A 26 3.43 -23.69 -1.56
C ASP A 26 2.02 -23.84 -1.01
N ASP A 27 1.91 -23.98 0.30
CA ASP A 27 0.62 -24.14 0.97
C ASP A 27 -0.10 -22.80 1.08
N LEU A 28 0.66 -21.73 1.26
CA LEU A 28 0.09 -20.39 1.40
C LEU A 28 0.04 -19.69 0.05
N GLU A 29 0.39 -20.42 -1.01
CA GLU A 29 0.40 -19.91 -2.38
C GLU A 29 1.57 -18.95 -2.61
N ASN A 30 2.18 -19.06 -3.78
CA ASN A 30 3.30 -18.21 -4.14
C ASN A 30 3.03 -17.53 -5.48
N ALA A 31 2.20 -16.49 -5.43
CA ALA A 31 1.84 -15.73 -6.60
C ALA A 31 2.60 -14.44 -6.65
N GLU A 32 2.85 -13.99 -7.86
CA GLU A 32 3.57 -12.77 -8.09
C GLU A 32 2.63 -11.68 -8.59
N GLU A 33 2.78 -10.49 -8.02
CA GLU A 33 1.96 -9.34 -8.38
C GLU A 33 2.80 -8.08 -8.35
N GLU A 34 2.20 -6.95 -8.70
CA GLU A 34 2.93 -5.70 -8.70
C GLU A 34 3.17 -5.21 -7.28
N GLY A 35 4.41 -5.30 -6.83
CA GLY A 35 4.75 -4.85 -5.51
C GLY A 35 4.76 -5.98 -4.52
N GLN A 36 4.92 -7.21 -5.00
CA GLN A 36 4.97 -8.35 -4.10
C GLN A 36 6.31 -8.37 -3.37
N GLU A 37 6.40 -7.51 -2.40
CA GLU A 37 7.57 -7.37 -1.56
C GLU A 37 7.14 -7.40 -0.10
N ASN A 38 8.03 -7.04 0.80
CA ASN A 38 7.71 -7.01 2.21
C ASN A 38 7.85 -5.59 2.74
N VAL A 39 6.73 -5.00 3.10
CA VAL A 39 6.73 -3.63 3.62
C VAL A 39 6.04 -3.54 4.96
N GLU A 40 6.34 -2.48 5.69
CA GLU A 40 5.76 -2.24 7.00
C GLU A 40 4.86 -1.01 6.95
N ILE A 41 3.69 -1.14 7.54
CA ILE A 41 2.75 -0.05 7.60
C ILE A 41 2.89 0.66 8.94
N LEU A 42 3.46 1.84 8.91
CA LEU A 42 3.70 2.62 10.11
C LEU A 42 2.89 3.91 10.06
N PRO A 43 2.59 4.53 11.19
CA PRO A 43 1.86 5.80 11.19
C PRO A 43 2.82 6.96 10.87
N SER A 44 2.47 7.79 9.91
CA SER A 44 3.33 8.90 9.51
C SER A 44 3.54 9.88 10.67
N GLY A 45 4.79 10.10 11.03
CA GLY A 45 5.09 11.00 12.12
C GLY A 45 5.56 12.37 11.63
N GLU A 46 6.82 12.46 11.25
CA GLU A 46 7.42 13.71 10.81
C GLU A 46 8.14 13.47 9.51
N ARG A 47 7.89 12.28 9.00
CA ARG A 47 8.48 11.78 7.77
C ARG A 47 9.90 11.30 8.03
N PRO A 48 10.05 10.01 8.40
CA PRO A 48 11.36 9.41 8.69
C PRO A 48 12.37 9.64 7.58
N GLN A 49 13.49 10.22 7.94
CA GLN A 49 14.56 10.51 6.99
C GLN A 49 15.89 10.05 7.57
N ALA A 50 16.86 9.85 6.69
CA ALA A 50 18.18 9.42 7.08
C ALA A 50 19.21 9.89 6.07
N ASN A 51 20.45 9.46 6.23
CA ASN A 51 21.52 9.85 5.33
C ASN A 51 21.53 8.97 4.08
N GLN A 52 20.34 8.67 3.57
CA GLN A 52 20.21 7.84 2.39
C GLN A 52 19.17 8.43 1.44
N LYS A 53 19.47 8.40 0.16
CA LYS A 53 18.55 8.92 -0.84
C LYS A 53 17.61 7.80 -1.27
N ARG A 54 16.31 8.10 -1.35
CA ARG A 54 15.30 7.11 -1.73
C ARG A 54 15.69 6.41 -3.03
N ILE A 55 15.78 5.09 -2.98
CA ILE A 55 16.16 4.30 -4.15
C ILE A 55 14.98 3.51 -4.71
N THR A 56 13.89 3.46 -3.98
CA THR A 56 12.73 2.71 -4.44
C THR A 56 11.72 3.61 -5.14
N THR A 57 10.62 3.01 -5.55
CA THR A 57 9.59 3.74 -6.26
C THR A 57 8.61 4.46 -5.34
N PRO A 58 8.40 5.75 -5.58
CA PRO A 58 7.45 6.56 -4.81
C PRO A 58 6.04 6.32 -5.34
N TYR A 59 5.52 5.13 -5.08
CA TYR A 59 4.22 4.72 -5.54
C TYR A 59 3.56 3.86 -4.49
N MET A 60 2.33 3.52 -4.72
CA MET A 60 1.62 2.66 -3.82
C MET A 60 0.97 1.53 -4.61
N THR A 61 1.70 0.43 -4.75
CA THR A 61 1.22 -0.73 -5.49
C THR A 61 -0.04 -1.28 -4.86
N LYS A 62 -0.70 -2.23 -5.53
CA LYS A 62 -1.89 -2.85 -4.99
C LYS A 62 -1.53 -3.47 -3.64
N TYR A 63 -0.32 -3.99 -3.54
CA TYR A 63 0.16 -4.61 -2.32
C TYR A 63 0.21 -3.57 -1.19
N GLU A 64 0.99 -2.51 -1.40
CA GLU A 64 1.13 -1.45 -0.41
C GLU A 64 -0.23 -0.85 -0.08
N ARG A 65 -1.00 -0.59 -1.14
CA ARG A 65 -2.34 -0.01 -1.04
C ARG A 65 -3.24 -0.89 -0.17
N ALA A 66 -3.25 -2.19 -0.44
CA ALA A 66 -4.08 -3.13 0.33
C ALA A 66 -3.63 -3.16 1.78
N ARG A 67 -2.31 -3.14 1.97
CA ARG A 67 -1.73 -3.15 3.30
C ARG A 67 -2.17 -1.92 4.07
N VAL A 68 -2.11 -0.78 3.41
CA VAL A 68 -2.49 0.50 4.00
C VAL A 68 -4.00 0.57 4.22
N LEU A 69 -4.77 0.16 3.22
CA LEU A 69 -6.23 0.18 3.34
C LEU A 69 -6.68 -0.64 4.52
N GLY A 70 -6.17 -1.86 4.62
CA GLY A 70 -6.51 -2.71 5.76
C GLY A 70 -6.12 -2.05 7.07
N THR A 71 -5.02 -1.32 7.06
CA THR A 71 -4.54 -0.62 8.24
C THR A 71 -5.51 0.51 8.61
N ARG A 72 -5.98 1.25 7.62
CA ARG A 72 -6.91 2.33 7.88
C ARG A 72 -8.26 1.76 8.25
N ALA A 73 -8.64 0.69 7.58
CA ALA A 73 -9.89 0.02 7.87
C ALA A 73 -9.86 -0.46 9.31
N LEU A 74 -8.64 -0.63 9.82
CA LEU A 74 -8.43 -1.07 11.18
C LEU A 74 -8.64 0.11 12.11
N GLN A 75 -8.30 1.31 11.62
CA GLN A 75 -8.48 2.51 12.40
C GLN A 75 -9.96 2.75 12.69
N ILE A 76 -10.79 2.75 11.63
CA ILE A 76 -12.23 2.94 11.82
C ILE A 76 -12.79 1.86 12.73
N ALA A 77 -12.27 0.66 12.57
CA ALA A 77 -12.68 -0.46 13.40
C ALA A 77 -12.37 -0.19 14.88
N MET A 78 -11.36 0.64 15.11
CA MET A 78 -10.97 1.02 16.46
C MET A 78 -11.69 2.30 16.91
N CYS A 79 -12.83 2.57 16.26
CA CYS A 79 -13.66 3.74 16.55
C CYS A 79 -12.99 5.06 16.12
N ALA A 80 -12.35 5.04 14.96
CA ALA A 80 -11.70 6.24 14.45
C ALA A 80 -12.63 7.00 13.53
N PRO A 81 -12.68 8.33 13.65
CA PRO A 81 -13.53 9.17 12.82
C PRO A 81 -13.05 9.21 11.36
N VAL A 82 -13.99 8.99 10.44
CA VAL A 82 -13.67 9.00 9.02
C VAL A 82 -13.33 10.42 8.57
N MET A 83 -12.27 10.54 7.80
CA MET A 83 -11.81 11.85 7.32
C MET A 83 -12.20 12.08 5.86
N VAL A 84 -13.03 11.21 5.31
CA VAL A 84 -13.46 11.36 3.93
C VAL A 84 -14.95 11.53 3.82
N GLU A 85 -15.37 11.85 2.62
CA GLU A 85 -16.76 12.05 2.29
C GLU A 85 -17.42 10.71 2.04
N LEU A 86 -18.65 10.57 2.50
CA LEU A 86 -19.39 9.32 2.34
C LEU A 86 -20.58 9.51 1.40
N GLU A 87 -20.51 8.81 0.27
CA GLU A 87 -21.55 8.85 -0.75
C GLU A 87 -22.24 7.49 -0.79
N GLY A 88 -22.37 6.89 0.38
CA GLY A 88 -22.98 5.59 0.49
C GLY A 88 -22.07 4.58 1.15
N GLU A 89 -20.82 4.96 1.37
CA GLU A 89 -19.87 4.08 2.02
C GLU A 89 -20.09 4.10 3.52
N THR A 90 -19.87 2.98 4.17
CA THR A 90 -20.06 2.88 5.60
C THR A 90 -19.12 1.83 6.19
N ASP A 91 -18.50 1.05 5.31
CA ASP A 91 -17.58 0.00 5.74
C ASP A 91 -16.18 0.57 5.87
N PRO A 92 -15.48 0.19 6.95
CA PRO A 92 -14.11 0.66 7.22
C PRO A 92 -13.18 0.57 6.02
N LEU A 93 -13.23 -0.54 5.29
CA LEU A 93 -12.37 -0.72 4.13
C LEU A 93 -12.82 0.19 3.00
N LEU A 94 -14.13 0.15 2.72
CA LEU A 94 -14.72 0.96 1.68
C LEU A 94 -14.33 2.43 1.88
N ILE A 95 -14.45 2.87 3.11
CA ILE A 95 -14.12 4.22 3.49
C ILE A 95 -12.61 4.44 3.41
N ALA A 96 -11.83 3.42 3.76
CA ALA A 96 -10.39 3.49 3.66
C ALA A 96 -9.99 3.78 2.21
N MET A 97 -10.75 3.19 1.29
CA MET A 97 -10.53 3.40 -0.13
C MET A 97 -10.82 4.85 -0.47
N LYS A 98 -11.83 5.40 0.18
CA LYS A 98 -12.21 6.79 -0.03
C LYS A 98 -11.08 7.70 0.43
N GLU A 99 -10.51 7.40 1.59
CA GLU A 99 -9.43 8.18 2.15
C GLU A 99 -8.16 8.06 1.32
N LEU A 100 -7.94 6.90 0.74
CA LEU A 100 -6.76 6.72 -0.09
C LEU A 100 -6.87 7.60 -1.32
N LYS A 101 -7.97 7.44 -2.04
CA LYS A 101 -8.24 8.22 -3.23
C LYS A 101 -8.27 9.71 -2.95
N ALA A 102 -8.52 10.04 -1.71
CA ALA A 102 -8.59 11.41 -1.27
C ALA A 102 -7.29 11.83 -0.58
N ARG A 103 -6.33 10.89 -0.55
CA ARG A 103 -5.02 11.12 0.06
C ARG A 103 -5.12 11.64 1.50
N LYS A 104 -6.09 11.11 2.23
CA LYS A 104 -6.31 11.52 3.61
C LYS A 104 -5.79 10.45 4.57
N ILE A 105 -4.90 9.60 4.07
CA ILE A 105 -4.31 8.55 4.87
C ILE A 105 -2.84 8.86 5.16
N PRO A 106 -2.54 9.32 6.38
CA PRO A 106 -1.19 9.63 6.79
C PRO A 106 -0.52 8.38 7.34
N ILE A 107 0.32 7.74 6.53
CA ILE A 107 0.99 6.51 6.94
C ILE A 107 2.36 6.39 6.29
N ILE A 108 3.27 5.72 6.99
CA ILE A 108 4.61 5.48 6.54
C ILE A 108 4.73 4.03 6.05
N ILE A 109 5.14 3.87 4.81
CA ILE A 109 5.32 2.55 4.23
C ILE A 109 6.78 2.24 4.15
N ARG A 110 7.24 1.45 5.09
CA ARG A 110 8.61 1.06 5.09
C ARG A 110 8.75 -0.21 4.26
N ARG A 111 9.35 -0.06 3.10
CA ARG A 111 9.52 -1.18 2.20
C ARG A 111 10.92 -1.74 2.41
N TYR A 112 11.11 -3.04 2.31
CA TYR A 112 12.42 -3.62 2.50
C TYR A 112 13.16 -3.77 1.18
N LEU A 113 14.48 -3.68 1.24
CA LEU A 113 15.30 -3.81 0.04
C LEU A 113 15.78 -5.25 -0.10
N PRO A 114 16.05 -5.69 -1.35
CA PRO A 114 16.53 -7.06 -1.62
C PRO A 114 17.89 -7.34 -0.99
N ASP A 115 18.55 -6.30 -0.51
CA ASP A 115 19.85 -6.44 0.13
C ASP A 115 19.70 -6.79 1.61
N GLY A 116 18.52 -6.51 2.15
CA GLY A 116 18.25 -6.79 3.54
C GLY A 116 17.89 -5.54 4.33
N SER A 117 18.04 -4.38 3.70
CA SER A 117 17.73 -3.12 4.35
C SER A 117 16.27 -2.73 4.12
N TYR A 118 15.96 -1.45 4.30
CA TYR A 118 14.61 -0.97 4.11
C TYR A 118 14.60 0.54 3.86
N GLU A 119 13.45 1.04 3.45
CA GLU A 119 13.28 2.46 3.19
C GLU A 119 11.89 2.88 3.64
N ASP A 120 11.84 3.91 4.46
CA ASP A 120 10.59 4.42 5.00
C ASP A 120 9.97 5.44 4.06
N TRP A 121 8.77 5.16 3.59
CA TRP A 121 8.07 6.03 2.64
C TRP A 121 6.80 6.64 3.23
N GLY A 122 6.42 7.80 2.74
CA GLY A 122 5.20 8.42 3.19
C GLY A 122 4.19 8.43 2.06
N VAL A 123 2.93 8.10 2.36
CA VAL A 123 1.88 8.07 1.32
C VAL A 123 1.84 9.38 0.55
N ASP A 124 2.03 10.49 1.25
CA ASP A 124 2.01 11.82 0.65
C ASP A 124 3.15 11.99 -0.36
N GLU A 125 4.21 11.21 -0.20
CA GLU A 125 5.35 11.25 -1.12
C GLU A 125 5.20 10.13 -2.14
N LEU A 126 4.08 9.43 -2.07
CA LEU A 126 3.82 8.30 -2.95
C LEU A 126 2.76 8.58 -4.00
N ILE A 127 3.02 8.11 -5.21
CA ILE A 127 2.08 8.22 -6.30
C ILE A 127 1.16 7.03 -6.20
N ILE A 128 -0.04 7.29 -5.73
CA ILE A 128 -1.01 6.24 -5.50
C ILE A 128 -1.76 5.81 -6.75
N THR A 129 -2.21 4.57 -6.71
CA THR A 129 -3.00 3.97 -7.75
C THR A 129 -4.11 3.15 -7.12
N ASP A 130 -5.29 3.74 -7.11
CA ASP A 130 -6.46 3.11 -6.51
C ASP A 130 -7.55 2.94 -7.55
N MET A 4 12.88 14.79 12.50
CA MET A 4 12.92 13.53 11.72
C MET A 4 13.69 12.50 12.51
N SER A 5 14.00 11.36 11.90
CA SER A 5 14.78 10.36 12.61
C SER A 5 16.24 10.83 12.60
N ASP A 6 16.51 11.81 13.43
CA ASP A 6 17.84 12.40 13.51
C ASP A 6 18.63 11.81 14.67
N ASN A 7 17.92 11.30 15.66
CA ASN A 7 18.54 10.70 16.83
C ASN A 7 18.05 9.26 17.01
N GLU A 8 16.79 9.04 16.64
CA GLU A 8 16.16 7.74 16.78
C GLU A 8 16.55 6.81 15.63
N ASP A 9 17.17 7.39 14.60
CA ASP A 9 17.62 6.60 13.45
C ASP A 9 18.69 5.61 13.90
N ASN A 10 19.56 6.10 14.78
CA ASN A 10 20.63 5.29 15.33
C ASN A 10 20.38 5.08 16.82
N PHE A 11 19.13 4.75 17.15
CA PHE A 11 18.75 4.53 18.53
C PHE A 11 19.48 3.32 19.12
N ASP A 12 20.19 3.56 20.22
CA ASP A 12 20.93 2.50 20.89
C ASP A 12 20.41 2.32 22.32
N GLY A 13 20.78 1.22 22.95
CA GLY A 13 20.34 0.95 24.30
C GLY A 13 19.26 -0.11 24.35
N ASP A 14 18.75 -0.48 23.20
CA ASP A 14 17.70 -1.49 23.11
C ASP A 14 18.05 -2.53 22.06
N ASP A 15 17.41 -3.69 22.13
CA ASP A 15 17.68 -4.77 21.18
C ASP A 15 16.57 -4.87 20.14
N PHE A 16 15.89 -3.75 19.92
CA PHE A 16 14.81 -3.72 18.95
C PHE A 16 15.37 -3.45 17.56
N ASP A 17 15.32 -4.47 16.72
CA ASP A 17 15.79 -4.36 15.34
C ASP A 17 14.66 -4.68 14.37
N ASP A 18 14.83 -4.29 13.11
CA ASP A 18 13.82 -4.54 12.10
C ASP A 18 13.92 -5.96 11.59
N VAL A 19 12.96 -6.79 11.93
CA VAL A 19 12.95 -8.17 11.52
C VAL A 19 11.70 -8.50 10.71
N GLU A 20 11.89 -9.25 9.63
CA GLU A 20 10.80 -9.65 8.76
C GLU A 20 11.05 -11.06 8.25
N GLU A 21 10.44 -12.04 8.90
CA GLU A 21 10.59 -13.43 8.51
C GLU A 21 9.48 -13.89 7.57
N ASP A 22 9.79 -13.93 6.28
CA ASP A 22 8.84 -14.36 5.26
C ASP A 22 9.17 -15.78 4.80
N GLU A 23 8.18 -16.50 4.32
CA GLU A 23 8.36 -17.86 3.86
C GLU A 23 7.17 -18.31 3.00
N GLY A 24 7.38 -19.33 2.19
CA GLY A 24 6.33 -19.83 1.34
C GLY A 24 6.60 -19.56 -0.13
N LEU A 25 7.74 -18.95 -0.41
CA LEU A 25 8.13 -18.64 -1.77
C LEU A 25 8.78 -19.84 -2.45
N ASP A 26 8.62 -19.94 -3.76
CA ASP A 26 9.19 -21.05 -4.51
C ASP A 26 10.43 -20.61 -5.29
N ASP A 27 11.11 -21.56 -5.90
CA ASP A 27 12.30 -21.29 -6.68
C ASP A 27 11.95 -21.00 -8.13
N LEU A 28 10.99 -21.73 -8.67
CA LEU A 28 10.58 -21.54 -10.06
C LEU A 28 9.30 -20.72 -10.17
N GLU A 29 8.27 -21.09 -9.41
CA GLU A 29 6.98 -20.37 -9.46
C GLU A 29 6.00 -20.92 -8.42
N ASN A 30 5.31 -19.99 -7.77
CA ASN A 30 4.31 -20.32 -6.75
C ASN A 30 3.41 -19.12 -6.55
N ALA A 31 2.99 -18.51 -7.67
CA ALA A 31 2.16 -17.32 -7.67
C ALA A 31 2.93 -16.15 -7.07
N GLU A 32 4.20 -16.08 -7.46
CA GLU A 32 5.10 -15.03 -6.98
C GLU A 32 4.72 -13.67 -7.57
N GLU A 33 4.47 -12.71 -6.71
CA GLU A 33 4.11 -11.37 -7.13
C GLU A 33 5.34 -10.56 -7.46
N GLU A 34 5.56 -10.30 -8.74
CA GLU A 34 6.69 -9.51 -9.18
C GLU A 34 6.31 -8.04 -9.20
N GLY A 35 7.22 -7.20 -8.75
CA GLY A 35 6.95 -5.77 -8.71
C GLY A 35 6.17 -5.41 -7.45
N GLN A 36 6.01 -6.38 -6.57
CA GLN A 36 5.29 -6.17 -5.32
C GLN A 36 6.21 -6.51 -4.15
N GLU A 37 7.06 -5.55 -3.83
CA GLU A 37 8.03 -5.66 -2.75
C GLU A 37 7.39 -5.95 -1.40
N ASN A 38 8.22 -6.37 -0.46
CA ASN A 38 7.79 -6.64 0.91
C ASN A 38 7.87 -5.34 1.70
N VAL A 39 6.74 -4.90 2.24
CA VAL A 39 6.71 -3.64 2.99
C VAL A 39 5.93 -3.78 4.28
N GLU A 40 6.32 -2.96 5.24
CA GLU A 40 5.68 -2.93 6.53
C GLU A 40 4.99 -1.58 6.71
N ILE A 41 3.86 -1.59 7.38
CA ILE A 41 3.08 -0.38 7.61
C ILE A 41 3.40 0.23 8.98
N LEU A 42 3.82 1.48 8.95
CA LEU A 42 4.14 2.19 10.16
C LEU A 42 3.35 3.49 10.20
N PRO A 43 2.98 3.97 11.38
CA PRO A 43 2.26 5.23 11.50
C PRO A 43 3.23 6.40 11.42
N SER A 44 3.03 7.30 10.47
CA SER A 44 3.90 8.45 10.31
C SER A 44 3.76 9.39 11.52
N GLY A 45 4.72 9.35 12.42
CA GLY A 45 4.67 10.21 13.59
C GLY A 45 5.94 11.03 13.73
N GLU A 46 6.71 11.04 12.67
CA GLU A 46 7.98 11.72 12.58
C GLU A 46 8.60 11.26 11.30
N ARG A 47 8.41 12.07 10.28
CA ARG A 47 8.89 11.77 8.95
C ARG A 47 10.32 11.23 8.93
N PRO A 48 10.57 10.28 8.01
CA PRO A 48 11.88 9.64 7.83
C PRO A 48 13.01 10.62 7.57
N GLN A 49 14.22 10.09 7.57
CA GLN A 49 15.43 10.86 7.36
C GLN A 49 15.41 11.54 6.00
N ALA A 50 16.27 12.54 5.85
CA ALA A 50 16.36 13.36 4.66
C ALA A 50 16.18 12.57 3.35
N ASN A 51 15.53 13.25 2.41
CA ASN A 51 15.19 12.71 1.09
C ASN A 51 16.40 12.41 0.21
N GLN A 52 17.45 11.83 0.78
CA GLN A 52 18.65 11.47 0.05
C GLN A 52 18.31 10.55 -1.14
N LYS A 53 19.32 10.21 -1.93
CA LYS A 53 19.14 9.37 -3.11
C LYS A 53 18.38 8.08 -2.80
N ARG A 54 17.08 8.11 -3.04
CA ARG A 54 16.20 6.97 -2.81
C ARG A 54 16.45 5.87 -3.85
N ILE A 55 15.93 4.66 -3.62
CA ILE A 55 16.13 3.57 -4.57
C ILE A 55 14.83 2.96 -5.09
N THR A 56 13.72 3.16 -4.39
CA THR A 56 12.47 2.58 -4.85
C THR A 56 11.54 3.63 -5.45
N THR A 57 10.37 3.21 -5.91
CA THR A 57 9.42 4.11 -6.55
C THR A 57 8.44 4.71 -5.54
N PRO A 58 8.21 6.02 -5.63
CA PRO A 58 7.28 6.73 -4.76
C PRO A 58 5.85 6.49 -5.24
N TYR A 59 5.34 5.29 -4.98
CA TYR A 59 4.01 4.91 -5.40
C TYR A 59 3.40 4.01 -4.36
N MET A 60 2.12 3.77 -4.50
CA MET A 60 1.42 2.90 -3.62
C MET A 60 0.62 1.89 -4.42
N THR A 61 1.27 0.80 -4.83
CA THR A 61 0.59 -0.23 -5.60
C THR A 61 -0.39 -1.00 -4.72
N LYS A 62 -1.03 -2.01 -5.29
CA LYS A 62 -2.00 -2.80 -4.55
C LYS A 62 -1.36 -3.41 -3.31
N TYR A 63 -0.04 -3.62 -3.34
CA TYR A 63 0.64 -4.21 -2.20
C TYR A 63 0.53 -3.30 -0.98
N GLU A 64 1.10 -2.11 -1.11
CA GLU A 64 1.10 -1.13 -0.04
C GLU A 64 -0.32 -0.68 0.24
N ARG A 65 -1.08 -0.46 -0.83
CA ARG A 65 -2.47 -0.03 -0.74
C ARG A 65 -3.28 -0.97 0.14
N ALA A 66 -3.15 -2.27 -0.10
CA ALA A 66 -3.88 -3.26 0.68
C ALA A 66 -3.44 -3.21 2.14
N ARG A 67 -2.14 -3.11 2.34
CA ARG A 67 -1.57 -3.04 3.67
C ARG A 67 -2.07 -1.79 4.40
N VAL A 68 -2.02 -0.66 3.70
CA VAL A 68 -2.46 0.62 4.25
C VAL A 68 -3.97 0.64 4.47
N LEU A 69 -4.73 0.11 3.51
CA LEU A 69 -6.18 0.08 3.64
C LEU A 69 -6.59 -0.63 4.91
N GLY A 70 -6.05 -1.83 5.11
CA GLY A 70 -6.34 -2.58 6.31
C GLY A 70 -5.98 -1.81 7.56
N THR A 71 -4.90 -1.03 7.47
CA THR A 71 -4.46 -0.21 8.60
C THR A 71 -5.47 0.89 8.91
N ARG A 72 -6.01 1.54 7.87
CA ARG A 72 -7.00 2.59 8.08
C ARG A 72 -8.32 1.97 8.46
N ALA A 73 -8.63 0.85 7.83
CA ALA A 73 -9.86 0.13 8.11
C ALA A 73 -9.84 -0.29 9.57
N LEU A 74 -8.63 -0.37 10.12
CA LEU A 74 -8.45 -0.75 11.51
C LEU A 74 -8.73 0.46 12.38
N GLN A 75 -8.38 1.63 11.86
CA GLN A 75 -8.61 2.88 12.57
C GLN A 75 -10.10 3.10 12.77
N ILE A 76 -10.89 3.00 11.69
CA ILE A 76 -12.35 3.18 11.81
C ILE A 76 -12.91 2.15 12.78
N ALA A 77 -12.37 0.93 12.69
CA ALA A 77 -12.78 -0.14 13.59
C ALA A 77 -12.49 0.22 15.04
N MET A 78 -11.51 1.10 15.23
CA MET A 78 -11.13 1.57 16.56
C MET A 78 -11.87 2.87 16.91
N CYS A 79 -12.99 3.08 16.22
CA CYS A 79 -13.85 4.26 16.44
C CYS A 79 -13.26 5.54 15.86
N ALA A 80 -12.52 5.43 14.75
CA ALA A 80 -11.94 6.61 14.11
C ALA A 80 -12.92 7.20 13.11
N PRO A 81 -13.08 8.53 13.14
CA PRO A 81 -13.99 9.23 12.25
C PRO A 81 -13.46 9.32 10.81
N VAL A 82 -14.38 9.24 9.86
CA VAL A 82 -14.03 9.34 8.45
C VAL A 82 -13.90 10.81 8.07
N MET A 83 -12.88 11.16 7.28
CA MET A 83 -12.67 12.54 6.90
C MET A 83 -13.06 12.79 5.44
N VAL A 84 -13.80 11.85 4.86
CA VAL A 84 -14.26 11.97 3.49
C VAL A 84 -15.74 11.65 3.40
N GLU A 85 -16.37 12.06 2.32
CA GLU A 85 -17.80 11.81 2.14
C GLU A 85 -18.05 10.36 1.78
N LEU A 86 -19.28 9.92 2.04
CA LEU A 86 -19.67 8.54 1.77
C LEU A 86 -20.75 8.49 0.68
N GLU A 87 -20.33 8.08 -0.51
CA GLU A 87 -21.23 7.98 -1.66
C GLU A 87 -21.71 6.53 -1.78
N GLY A 88 -21.96 5.92 -0.65
CA GLY A 88 -22.39 4.54 -0.61
C GLY A 88 -21.47 3.69 0.22
N GLU A 89 -20.34 4.26 0.66
CA GLU A 89 -19.40 3.53 1.49
C GLU A 89 -19.92 3.49 2.92
N THR A 90 -19.68 2.38 3.58
CA THR A 90 -20.13 2.21 4.95
C THR A 90 -19.19 1.26 5.71
N ASP A 91 -18.31 0.61 4.96
CA ASP A 91 -17.37 -0.33 5.56
C ASP A 91 -16.01 0.35 5.72
N PRO A 92 -15.33 0.10 6.84
CA PRO A 92 -14.02 0.67 7.14
C PRO A 92 -13.03 0.56 5.97
N LEU A 93 -13.03 -0.59 5.29
CA LEU A 93 -12.13 -0.77 4.15
C LEU A 93 -12.55 0.09 2.99
N LEU A 94 -13.83 -0.01 2.63
CA LEU A 94 -14.41 0.77 1.55
C LEU A 94 -14.07 2.23 1.74
N ILE A 95 -14.30 2.70 2.95
CA ILE A 95 -14.04 4.08 3.32
C ILE A 95 -12.53 4.34 3.32
N ALA A 96 -11.75 3.34 3.70
CA ALA A 96 -10.30 3.45 3.69
C ALA A 96 -9.84 3.77 2.28
N MET A 97 -10.54 3.19 1.31
CA MET A 97 -10.24 3.43 -0.10
C MET A 97 -10.52 4.88 -0.44
N LYS A 98 -11.61 5.40 0.09
CA LYS A 98 -11.99 6.79 -0.16
C LYS A 98 -10.96 7.74 0.43
N GLU A 99 -10.54 7.46 1.66
CA GLU A 99 -9.55 8.28 2.34
C GLU A 99 -8.19 8.13 1.68
N LEU A 100 -7.94 6.95 1.11
CA LEU A 100 -6.69 6.69 0.42
C LEU A 100 -6.63 7.53 -0.85
N LYS A 101 -7.69 7.43 -1.64
CA LYS A 101 -7.82 8.21 -2.88
C LYS A 101 -7.69 9.70 -2.59
N ALA A 102 -8.07 10.05 -1.40
CA ALA A 102 -8.03 11.42 -0.94
C ALA A 102 -6.67 11.75 -0.33
N ARG A 103 -5.85 10.72 -0.16
CA ARG A 103 -4.51 10.84 0.41
C ARG A 103 -4.53 11.46 1.80
N LYS A 104 -5.47 11.05 2.62
CA LYS A 104 -5.58 11.57 3.97
C LYS A 104 -5.25 10.51 5.01
N ILE A 105 -4.45 9.54 4.60
CA ILE A 105 -4.04 8.47 5.49
C ILE A 105 -2.60 8.70 5.92
N PRO A 106 -2.39 9.20 7.15
CA PRO A 106 -1.05 9.44 7.67
C PRO A 106 -0.38 8.13 8.03
N ILE A 107 0.50 7.66 7.16
CA ILE A 107 1.19 6.40 7.36
C ILE A 107 2.50 6.37 6.60
N ILE A 108 3.45 5.63 7.14
CA ILE A 108 4.75 5.47 6.52
C ILE A 108 4.90 4.04 6.05
N ILE A 109 5.24 3.89 4.79
CA ILE A 109 5.40 2.60 4.17
C ILE A 109 6.86 2.25 4.09
N ARG A 110 7.25 1.34 4.94
CA ARG A 110 8.61 0.90 4.96
C ARG A 110 8.75 -0.27 4.00
N ARG A 111 9.39 -0.04 2.87
CA ARG A 111 9.59 -1.08 1.88
C ARG A 111 10.94 -1.72 2.12
N TYR A 112 11.00 -3.04 2.22
CA TYR A 112 12.26 -3.72 2.47
C TYR A 112 12.96 -4.06 1.17
N LEU A 113 14.28 -3.99 1.17
CA LEU A 113 15.07 -4.29 0.00
C LEU A 113 15.51 -5.76 0.04
N PRO A 114 15.74 -6.37 -1.14
CA PRO A 114 16.16 -7.77 -1.24
C PRO A 114 17.53 -8.03 -0.61
N ASP A 115 18.24 -6.95 -0.29
CA ASP A 115 19.55 -7.05 0.33
C ASP A 115 19.43 -7.20 1.84
N GLY A 116 18.27 -6.81 2.36
CA GLY A 116 18.03 -6.90 3.79
C GLY A 116 17.75 -5.55 4.42
N SER A 117 17.88 -4.50 3.63
CA SER A 117 17.64 -3.14 4.12
C SER A 117 16.19 -2.74 3.91
N TYR A 118 15.90 -1.46 4.07
CA TYR A 118 14.55 -0.96 3.88
C TYR A 118 14.56 0.55 3.64
N GLU A 119 13.53 1.04 2.98
CA GLU A 119 13.39 2.45 2.70
C GLU A 119 12.06 2.93 3.28
N ASP A 120 12.12 3.98 4.06
CA ASP A 120 10.92 4.54 4.70
C ASP A 120 10.24 5.53 3.76
N TRP A 121 8.98 5.26 3.46
CA TRP A 121 8.21 6.09 2.56
C TRP A 121 6.99 6.68 3.24
N GLY A 122 6.57 7.83 2.78
CA GLY A 122 5.37 8.44 3.32
C GLY A 122 4.30 8.45 2.25
N VAL A 123 3.05 8.18 2.62
CA VAL A 123 1.97 8.17 1.63
C VAL A 123 1.92 9.49 0.85
N ASP A 124 2.25 10.58 1.55
CA ASP A 124 2.26 11.91 0.95
C ASP A 124 3.34 11.99 -0.13
N GLU A 125 4.40 11.23 0.05
CA GLU A 125 5.50 11.17 -0.92
C GLU A 125 5.23 10.08 -1.95
N LEU A 126 4.08 9.41 -1.80
CA LEU A 126 3.72 8.32 -2.68
C LEU A 126 2.61 8.66 -3.65
N ILE A 127 2.80 8.22 -4.88
CA ILE A 127 1.80 8.37 -5.91
C ILE A 127 0.88 7.17 -5.81
N ILE A 128 -0.27 7.40 -5.24
CA ILE A 128 -1.22 6.32 -4.99
C ILE A 128 -1.98 5.88 -6.22
N THR A 129 -2.40 4.62 -6.18
CA THR A 129 -3.20 4.03 -7.20
C THR A 129 -4.29 3.20 -6.55
N ASP A 130 -5.48 3.77 -6.49
CA ASP A 130 -6.63 3.15 -5.86
C ASP A 130 -7.81 3.14 -6.83
N MET A 4 -48.43 -12.45 -17.25
CA MET A 4 -47.01 -12.43 -16.84
C MET A 4 -46.40 -11.11 -17.28
N SER A 5 -45.34 -11.16 -18.07
CA SER A 5 -44.75 -9.94 -18.58
C SER A 5 -45.54 -9.53 -19.81
N ASP A 6 -46.73 -9.03 -19.56
CA ASP A 6 -47.63 -8.61 -20.62
C ASP A 6 -47.68 -7.09 -20.71
N ASN A 7 -46.98 -6.43 -19.79
CA ASN A 7 -46.96 -4.98 -19.77
C ASN A 7 -45.54 -4.45 -19.84
N GLU A 8 -44.65 -5.08 -19.08
CA GLU A 8 -43.25 -4.67 -19.03
C GLU A 8 -42.53 -5.03 -20.32
N ASP A 9 -43.05 -6.04 -21.03
CA ASP A 9 -42.47 -6.49 -22.29
C ASP A 9 -42.49 -5.38 -23.32
N ASN A 10 -43.68 -4.93 -23.67
CA ASN A 10 -43.84 -3.87 -24.66
C ASN A 10 -44.03 -2.52 -23.98
N PHE A 11 -43.23 -2.26 -22.96
CA PHE A 11 -43.29 -1.02 -22.23
C PHE A 11 -42.46 0.06 -22.91
N ASP A 12 -43.13 1.04 -23.48
CA ASP A 12 -42.45 2.13 -24.16
C ASP A 12 -42.36 3.34 -23.24
N GLY A 13 -41.50 4.29 -23.59
CA GLY A 13 -41.32 5.48 -22.77
C GLY A 13 -40.23 5.29 -21.74
N ASP A 14 -39.40 4.28 -21.92
CA ASP A 14 -38.32 3.98 -20.99
C ASP A 14 -37.03 4.68 -21.44
N ASP A 15 -36.10 4.86 -20.50
CA ASP A 15 -34.83 5.52 -20.79
C ASP A 15 -33.79 4.48 -21.24
N PHE A 16 -34.24 3.51 -22.00
CA PHE A 16 -33.37 2.46 -22.49
C PHE A 16 -32.59 2.91 -23.73
N ASP A 17 -31.29 3.08 -23.55
CA ASP A 17 -30.41 3.49 -24.63
C ASP A 17 -30.02 2.26 -25.47
N ASP A 18 -29.21 2.46 -26.49
CA ASP A 18 -28.77 1.36 -27.35
C ASP A 18 -27.85 0.41 -26.60
N VAL A 19 -27.48 -0.69 -27.25
CA VAL A 19 -26.62 -1.69 -26.63
C VAL A 19 -25.18 -1.54 -27.09
N GLU A 20 -24.27 -2.16 -26.34
CA GLU A 20 -22.85 -2.12 -26.65
C GLU A 20 -22.23 -3.47 -26.32
N GLU A 21 -21.24 -3.88 -27.11
CA GLU A 21 -20.58 -5.16 -26.91
C GLU A 21 -19.45 -5.03 -25.90
N ASP A 22 -19.71 -5.45 -24.67
CA ASP A 22 -18.72 -5.38 -23.60
C ASP A 22 -18.10 -6.76 -23.38
N GLU A 23 -16.79 -6.78 -23.16
CA GLU A 23 -16.06 -8.02 -22.95
C GLU A 23 -14.69 -7.71 -22.34
N GLY A 24 -14.19 -8.63 -21.53
CA GLY A 24 -12.91 -8.45 -20.90
C GLY A 24 -13.03 -8.10 -19.43
N LEU A 25 -14.23 -8.26 -18.89
CA LEU A 25 -14.48 -7.97 -17.48
C LEU A 25 -15.03 -9.19 -16.75
N ASP A 26 -14.35 -9.60 -15.70
CA ASP A 26 -14.77 -10.75 -14.92
C ASP A 26 -15.62 -10.31 -13.73
N ASP A 27 -16.29 -11.27 -13.10
CA ASP A 27 -17.14 -10.99 -11.93
C ASP A 27 -16.27 -10.62 -10.73
N LEU A 28 -15.20 -11.38 -10.55
CA LEU A 28 -14.28 -11.13 -9.44
C LEU A 28 -13.09 -10.31 -9.93
N GLU A 29 -12.70 -10.59 -11.18
CA GLU A 29 -11.60 -9.91 -11.85
C GLU A 29 -10.24 -10.35 -11.30
N ASN A 30 -9.22 -10.26 -12.14
CA ASN A 30 -7.87 -10.65 -11.78
C ASN A 30 -7.16 -9.51 -11.03
N ALA A 31 -6.75 -9.80 -9.80
CA ALA A 31 -6.06 -8.81 -8.97
C ALA A 31 -4.88 -9.45 -8.26
N GLU A 32 -4.40 -10.54 -8.85
CA GLU A 32 -3.27 -11.27 -8.28
C GLU A 32 -2.00 -10.99 -9.08
N GLU A 33 -1.93 -9.81 -9.68
CA GLU A 33 -0.77 -9.43 -10.48
C GLU A 33 0.41 -9.06 -9.57
N GLU A 34 1.55 -8.75 -10.18
CA GLU A 34 2.77 -8.41 -9.46
C GLU A 34 2.62 -7.10 -8.67
N GLY A 35 3.69 -6.72 -8.00
CA GLY A 35 3.67 -5.51 -7.21
C GLY A 35 3.54 -5.83 -5.74
N GLN A 36 3.50 -7.11 -5.44
CA GLN A 36 3.37 -7.58 -4.07
C GLN A 36 4.76 -7.78 -3.46
N GLU A 37 5.36 -6.68 -3.04
CA GLU A 37 6.67 -6.73 -2.41
C GLU A 37 6.51 -6.82 -0.90
N ASN A 38 7.60 -6.62 -0.17
CA ASN A 38 7.55 -6.68 1.29
C ASN A 38 7.73 -5.29 1.90
N VAL A 39 6.65 -4.79 2.47
CA VAL A 39 6.66 -3.48 3.11
C VAL A 39 5.89 -3.52 4.41
N GLU A 40 6.25 -2.65 5.34
CA GLU A 40 5.59 -2.57 6.61
C GLU A 40 4.82 -1.27 6.71
N ILE A 41 3.60 -1.36 7.20
CA ILE A 41 2.73 -0.21 7.36
C ILE A 41 2.91 0.40 8.74
N LEU A 42 3.41 1.62 8.78
CA LEU A 42 3.66 2.29 10.04
C LEU A 42 2.91 3.60 10.08
N PRO A 43 2.55 4.07 11.28
CA PRO A 43 1.89 5.36 11.42
C PRO A 43 2.94 6.46 11.33
N SER A 44 2.78 7.39 10.40
CA SER A 44 3.74 8.47 10.22
C SER A 44 3.94 9.25 11.52
N GLY A 45 5.06 9.01 12.19
CA GLY A 45 5.33 9.70 13.43
C GLY A 45 6.77 10.17 13.55
N GLU A 46 7.66 9.53 12.80
CA GLU A 46 9.08 9.90 12.82
C GLU A 46 9.44 10.54 11.51
N ARG A 47 8.60 10.23 10.56
CA ARG A 47 8.69 10.68 9.19
C ARG A 47 9.88 10.03 8.47
N PRO A 48 9.75 9.83 7.16
CA PRO A 48 10.80 9.23 6.34
C PRO A 48 12.03 10.13 6.19
N GLN A 49 13.08 9.55 5.64
CA GLN A 49 14.32 10.27 5.41
C GLN A 49 14.10 11.41 4.42
N ALA A 50 15.02 12.38 4.44
CA ALA A 50 14.95 13.53 3.57
C ALA A 50 14.66 13.15 2.12
N ASN A 51 14.23 14.14 1.36
CA ASN A 51 13.87 13.98 -0.04
C ASN A 51 15.06 13.69 -0.95
N GLN A 52 15.99 12.88 -0.47
CA GLN A 52 17.17 12.50 -1.25
C GLN A 52 16.79 11.50 -2.32
N LYS A 53 17.76 11.07 -3.12
CA LYS A 53 17.50 10.12 -4.19
C LYS A 53 17.20 8.73 -3.62
N ARG A 54 15.93 8.46 -3.36
CA ARG A 54 15.51 7.16 -2.85
C ARG A 54 15.83 6.07 -3.86
N ILE A 55 15.76 4.83 -3.43
CA ILE A 55 16.08 3.71 -4.32
C ILE A 55 14.84 3.03 -4.87
N THR A 56 13.68 3.31 -4.29
CA THR A 56 12.44 2.70 -4.75
C THR A 56 11.51 3.73 -5.37
N THR A 57 10.31 3.29 -5.73
CA THR A 57 9.34 4.15 -6.39
C THR A 57 8.36 4.81 -5.42
N PRO A 58 8.20 6.13 -5.52
CA PRO A 58 7.25 6.88 -4.69
C PRO A 58 5.84 6.68 -5.24
N TYR A 59 5.29 5.51 -5.00
CA TYR A 59 3.99 5.11 -5.48
C TYR A 59 3.37 4.20 -4.47
N MET A 60 2.11 3.94 -4.65
CA MET A 60 1.41 3.04 -3.78
C MET A 60 0.82 1.92 -4.61
N THR A 61 1.55 0.81 -4.68
CA THR A 61 1.11 -0.34 -5.46
C THR A 61 -0.15 -0.93 -4.87
N LYS A 62 -0.66 -1.97 -5.51
CA LYS A 62 -1.83 -2.63 -5.01
C LYS A 62 -1.49 -3.26 -3.65
N TYR A 63 -0.21 -3.61 -3.48
CA TYR A 63 0.25 -4.20 -2.24
C TYR A 63 0.22 -3.16 -1.14
N GLU A 64 0.90 -2.03 -1.40
CA GLU A 64 0.92 -0.93 -0.44
C GLU A 64 -0.51 -0.54 -0.09
N ARG A 65 -1.31 -0.39 -1.13
CA ARG A 65 -2.71 -0.02 -1.00
C ARG A 65 -3.46 -1.03 -0.14
N ALA A 66 -3.31 -2.32 -0.47
CA ALA A 66 -4.00 -3.36 0.28
C ALA A 66 -3.58 -3.35 1.74
N ARG A 67 -2.27 -3.18 1.95
CA ARG A 67 -1.70 -3.14 3.29
C ARG A 67 -2.23 -1.92 4.06
N VAL A 68 -2.19 -0.77 3.41
CA VAL A 68 -2.65 0.48 4.00
C VAL A 68 -4.17 0.46 4.25
N LEU A 69 -4.92 -0.05 3.29
CA LEU A 69 -6.37 -0.13 3.41
C LEU A 69 -6.76 -0.88 4.67
N GLY A 70 -6.26 -2.10 4.79
CA GLY A 70 -6.54 -2.91 5.97
C GLY A 70 -6.13 -2.19 7.24
N THR A 71 -5.06 -1.41 7.16
CA THR A 71 -4.56 -0.66 8.30
C THR A 71 -5.55 0.44 8.71
N ARG A 72 -6.04 1.22 7.75
CA ARG A 72 -6.99 2.27 8.08
C ARG A 72 -8.33 1.65 8.40
N ALA A 73 -8.67 0.58 7.72
CA ALA A 73 -9.91 -0.12 7.98
C ALA A 73 -9.90 -0.59 9.43
N LEU A 74 -8.69 -0.80 9.93
CA LEU A 74 -8.50 -1.22 11.30
C LEU A 74 -8.71 -0.04 12.22
N GLN A 75 -8.35 1.15 11.72
CA GLN A 75 -8.51 2.37 12.48
C GLN A 75 -9.99 2.61 12.76
N ILE A 76 -10.83 2.57 11.71
CA ILE A 76 -12.27 2.78 11.89
C ILE A 76 -12.82 1.75 12.86
N ALA A 77 -12.33 0.53 12.71
CA ALA A 77 -12.73 -0.57 13.59
C ALA A 77 -12.42 -0.24 15.05
N MET A 78 -11.39 0.59 15.26
CA MET A 78 -10.99 0.99 16.60
C MET A 78 -11.58 2.36 16.95
N CYS A 79 -12.71 2.69 16.32
CA CYS A 79 -13.43 3.94 16.55
C CYS A 79 -12.70 5.18 16.02
N ALA A 80 -12.07 5.06 14.86
CA ALA A 80 -11.38 6.19 14.26
C ALA A 80 -12.26 6.89 13.23
N PRO A 81 -12.61 8.16 13.47
CA PRO A 81 -13.48 8.93 12.57
C PRO A 81 -12.89 9.05 11.16
N VAL A 82 -13.77 9.13 10.17
CA VAL A 82 -13.37 9.22 8.78
C VAL A 82 -13.06 10.69 8.42
N MET A 83 -12.02 10.91 7.62
CA MET A 83 -11.63 12.26 7.22
C MET A 83 -12.10 12.58 5.80
N VAL A 84 -12.97 11.75 5.26
CA VAL A 84 -13.51 11.94 3.92
C VAL A 84 -15.01 11.72 3.91
N GLU A 85 -15.66 12.13 2.82
CA GLU A 85 -17.10 11.97 2.69
C GLU A 85 -17.47 10.54 2.30
N LEU A 86 -18.71 10.19 2.57
CA LEU A 86 -19.22 8.84 2.27
C LEU A 86 -20.31 8.92 1.20
N GLU A 87 -19.96 8.52 -0.01
CA GLU A 87 -20.90 8.54 -1.13
C GLU A 87 -21.58 7.18 -1.25
N GLY A 88 -21.89 6.58 -0.11
CA GLY A 88 -22.52 5.28 -0.09
C GLY A 88 -21.71 4.27 0.68
N GLU A 89 -20.49 4.66 1.05
CA GLU A 89 -19.62 3.79 1.81
C GLU A 89 -20.02 3.81 3.27
N THR A 90 -19.87 2.66 3.92
CA THR A 90 -20.21 2.53 5.32
C THR A 90 -19.30 1.49 5.97
N ASP A 91 -18.43 0.89 5.17
CA ASP A 91 -17.50 -0.12 5.66
C ASP A 91 -16.12 0.49 5.77
N PRO A 92 -15.39 0.19 6.87
CA PRO A 92 -14.05 0.70 7.11
C PRO A 92 -13.10 0.54 5.91
N LEU A 93 -13.17 -0.60 5.23
CA LEU A 93 -12.31 -0.82 4.06
C LEU A 93 -12.73 0.08 2.93
N LEU A 94 -14.03 0.05 2.64
CA LEU A 94 -14.61 0.85 1.59
C LEU A 94 -14.19 2.31 1.76
N ILE A 95 -14.36 2.79 2.99
CA ILE A 95 -14.02 4.16 3.34
C ILE A 95 -12.50 4.35 3.28
N ALA A 96 -11.75 3.32 3.68
CA ALA A 96 -10.30 3.35 3.62
C ALA A 96 -9.87 3.66 2.20
N MET A 97 -10.62 3.11 1.25
CA MET A 97 -10.38 3.31 -0.17
C MET A 97 -10.61 4.77 -0.52
N LYS A 98 -11.69 5.33 0.02
CA LYS A 98 -12.05 6.72 -0.24
C LYS A 98 -10.96 7.66 0.26
N GLU A 99 -10.57 7.46 1.51
CA GLU A 99 -9.54 8.29 2.13
C GLU A 99 -8.20 8.11 1.43
N LEU A 100 -7.95 6.91 0.91
CA LEU A 100 -6.73 6.64 0.18
C LEU A 100 -6.72 7.43 -1.12
N LYS A 101 -7.79 7.28 -1.89
CA LYS A 101 -7.94 7.97 -3.16
C LYS A 101 -7.92 9.49 -2.96
N ALA A 102 -8.18 9.88 -1.73
CA ALA A 102 -8.20 11.28 -1.36
C ALA A 102 -6.87 11.67 -0.75
N ARG A 103 -6.07 10.65 -0.44
CA ARG A 103 -4.76 10.81 0.18
C ARG A 103 -4.89 11.52 1.52
N LYS A 104 -5.76 11.00 2.37
CA LYS A 104 -5.96 11.55 3.70
C LYS A 104 -5.53 10.57 4.77
N ILE A 105 -4.81 9.54 4.35
CA ILE A 105 -4.34 8.52 5.27
C ILE A 105 -2.90 8.82 5.69
N PRO A 106 -2.70 9.27 6.94
CA PRO A 106 -1.37 9.55 7.45
C PRO A 106 -0.68 8.25 7.86
N ILE A 107 0.19 7.76 6.99
CA ILE A 107 0.89 6.52 7.22
C ILE A 107 2.20 6.48 6.44
N ILE A 108 3.17 5.77 7.00
CA ILE A 108 4.46 5.61 6.36
C ILE A 108 4.63 4.16 5.93
N ILE A 109 4.96 3.98 4.67
CA ILE A 109 5.16 2.67 4.11
C ILE A 109 6.64 2.38 4.05
N ARG A 110 7.06 1.52 4.93
CA ARG A 110 8.43 1.16 5.00
C ARG A 110 8.65 -0.10 4.18
N ARG A 111 9.29 0.04 3.03
CA ARG A 111 9.53 -1.10 2.16
C ARG A 111 10.93 -1.62 2.47
N TYR A 112 11.09 -2.93 2.54
CA TYR A 112 12.40 -3.49 2.87
C TYR A 112 13.03 -4.15 1.65
N LEU A 113 14.35 -4.13 1.58
CA LEU A 113 15.07 -4.75 0.47
C LEU A 113 15.53 -6.14 0.88
N PRO A 114 15.78 -7.03 -0.10
CA PRO A 114 16.24 -8.40 0.18
C PRO A 114 17.63 -8.43 0.81
N ASP A 115 18.31 -7.29 0.79
CA ASP A 115 19.64 -7.17 1.37
C ASP A 115 19.56 -6.86 2.86
N GLY A 116 18.42 -6.32 3.28
CA GLY A 116 18.23 -5.98 4.67
C GLY A 116 17.92 -4.52 4.90
N SER A 117 18.06 -3.70 3.85
CA SER A 117 17.79 -2.28 3.97
C SER A 117 16.31 -2.00 3.82
N TYR A 118 15.93 -0.72 3.88
CA TYR A 118 14.54 -0.33 3.75
C TYR A 118 14.41 1.13 3.34
N GLU A 119 13.27 1.47 2.76
CA GLU A 119 12.97 2.82 2.35
C GLU A 119 11.68 3.27 3.00
N ASP A 120 11.67 4.45 3.60
CA ASP A 120 10.47 4.98 4.24
C ASP A 120 9.68 5.75 3.21
N TRP A 121 8.39 5.48 3.12
CA TRP A 121 7.55 6.12 2.13
C TRP A 121 6.25 6.66 2.71
N GLY A 122 6.16 7.97 2.89
CA GLY A 122 4.92 8.52 3.39
C GLY A 122 3.91 8.58 2.26
N VAL A 123 2.65 8.26 2.54
CA VAL A 123 1.61 8.28 1.51
C VAL A 123 1.60 9.62 0.76
N ASP A 124 1.89 10.69 1.50
CA ASP A 124 1.93 12.04 0.94
C ASP A 124 3.04 12.16 -0.11
N GLU A 125 4.10 11.39 0.06
CA GLU A 125 5.22 11.38 -0.87
C GLU A 125 5.03 10.27 -1.90
N LEU A 126 3.90 9.59 -1.82
CA LEU A 126 3.60 8.50 -2.71
C LEU A 126 2.52 8.82 -3.72
N ILE A 127 2.79 8.43 -4.95
CA ILE A 127 1.85 8.61 -6.04
C ILE A 127 0.94 7.40 -6.05
N ILE A 128 -0.28 7.59 -5.62
CA ILE A 128 -1.23 6.50 -5.51
C ILE A 128 -1.75 6.05 -6.86
N THR A 129 -2.06 4.77 -6.93
CA THR A 129 -2.60 4.16 -8.12
C THR A 129 -3.74 3.24 -7.73
N ASP A 130 -4.93 3.68 -8.08
CA ASP A 130 -6.15 2.92 -7.78
C ASP A 130 -6.55 2.09 -8.97
N MET A 4 26.25 -7.61 -54.13
CA MET A 4 24.90 -8.02 -54.60
C MET A 4 24.37 -9.13 -53.71
N SER A 5 24.70 -9.09 -52.44
CA SER A 5 24.27 -10.09 -51.48
C SER A 5 23.34 -9.47 -50.43
N ASP A 6 22.88 -10.30 -49.51
CA ASP A 6 21.99 -9.85 -48.45
C ASP A 6 22.74 -8.96 -47.45
N ASN A 7 24.07 -9.07 -47.48
CA ASN A 7 24.91 -8.28 -46.58
C ASN A 7 24.86 -6.81 -46.94
N GLU A 8 24.11 -6.48 -47.99
CA GLU A 8 23.96 -5.10 -48.44
C GLU A 8 22.49 -4.69 -48.48
N ASP A 9 21.66 -5.53 -49.10
CA ASP A 9 20.23 -5.23 -49.25
C ASP A 9 19.35 -6.07 -48.33
N ASN A 10 19.76 -6.25 -47.09
CA ASN A 10 18.96 -7.01 -46.13
C ASN A 10 19.11 -6.44 -44.72
N PHE A 11 20.31 -6.48 -44.18
CA PHE A 11 20.55 -5.96 -42.84
C PHE A 11 21.64 -4.90 -42.84
N ASP A 12 21.46 -3.90 -42.00
CA ASP A 12 22.41 -2.80 -41.88
C ASP A 12 22.34 -2.22 -40.47
N GLY A 13 23.41 -1.59 -40.03
CA GLY A 13 23.46 -1.00 -38.70
C GLY A 13 23.83 -2.01 -37.63
N ASP A 14 23.39 -3.25 -37.81
CA ASP A 14 23.66 -4.32 -36.87
C ASP A 14 24.16 -5.55 -37.61
N ASP A 15 25.18 -6.20 -37.06
CA ASP A 15 25.75 -7.39 -37.68
C ASP A 15 25.89 -8.51 -36.67
N PHE A 16 25.16 -8.41 -35.58
CA PHE A 16 25.23 -9.43 -34.55
C PHE A 16 24.36 -10.63 -34.89
N ASP A 17 25.00 -11.74 -35.21
CA ASP A 17 24.31 -12.97 -35.55
C ASP A 17 24.69 -14.07 -34.56
N ASP A 18 23.75 -14.95 -34.27
CA ASP A 18 23.98 -16.05 -33.33
C ASP A 18 22.84 -17.06 -33.43
N VAL A 19 22.97 -18.17 -32.73
CA VAL A 19 21.96 -19.21 -32.74
C VAL A 19 20.87 -18.91 -31.71
N GLU A 20 19.79 -18.31 -32.15
CA GLU A 20 18.68 -17.98 -31.28
C GLU A 20 17.88 -19.24 -30.94
N GLU A 21 18.17 -19.79 -29.77
CA GLU A 21 17.49 -21.00 -29.32
C GLU A 21 17.09 -20.86 -27.85
N ASP A 22 15.83 -20.56 -27.62
CA ASP A 22 15.29 -20.40 -26.27
C ASP A 22 14.18 -21.41 -26.04
N GLU A 23 13.96 -21.76 -24.78
CA GLU A 23 12.92 -22.72 -24.40
C GLU A 23 12.62 -22.60 -22.91
N GLY A 24 11.35 -22.75 -22.56
CA GLY A 24 10.94 -22.67 -21.17
C GLY A 24 10.71 -21.23 -20.72
N LEU A 25 11.09 -20.27 -21.55
CA LEU A 25 10.93 -18.87 -21.21
C LEU A 25 9.76 -18.26 -21.98
N ASP A 26 9.14 -17.26 -21.39
CA ASP A 26 8.01 -16.57 -22.01
C ASP A 26 8.08 -15.07 -21.67
N ASP A 27 7.71 -14.24 -22.63
CA ASP A 27 7.74 -12.78 -22.46
C ASP A 27 6.39 -12.21 -21.99
N LEU A 28 5.32 -12.96 -22.18
CA LEU A 28 3.98 -12.47 -21.85
C LEU A 28 3.59 -12.65 -20.38
N GLU A 29 3.30 -13.89 -19.99
CA GLU A 29 2.85 -14.19 -18.63
C GLU A 29 3.99 -14.22 -17.62
N ASN A 30 5.09 -13.60 -17.99
CA ASN A 30 6.25 -13.54 -17.10
C ASN A 30 6.49 -12.12 -16.66
N ALA A 31 5.47 -11.30 -16.79
CA ALA A 31 5.54 -9.91 -16.38
C ALA A 31 5.01 -9.73 -14.98
N GLU A 32 5.95 -9.61 -14.06
CA GLU A 32 5.64 -9.43 -12.66
C GLU A 32 5.26 -7.97 -12.39
N GLU A 33 4.46 -7.75 -11.37
CA GLU A 33 4.01 -6.42 -10.99
C GLU A 33 4.79 -5.93 -9.78
N GLU A 34 5.18 -4.66 -9.79
CA GLU A 34 5.90 -4.09 -8.67
C GLU A 34 5.04 -4.14 -7.42
N GLY A 35 5.66 -4.29 -6.27
CA GLY A 35 4.91 -4.36 -5.05
C GLY A 35 5.08 -5.70 -4.36
N GLN A 36 5.48 -6.71 -5.12
CA GLN A 36 5.69 -8.03 -4.55
C GLN A 36 6.97 -8.01 -3.70
N GLU A 37 6.83 -7.46 -2.51
CA GLU A 37 7.92 -7.32 -1.56
C GLU A 37 7.36 -7.37 -0.14
N ASN A 38 8.18 -7.00 0.83
CA ASN A 38 7.74 -6.99 2.21
C ASN A 38 7.85 -5.58 2.78
N VAL A 39 6.71 -4.99 3.09
CA VAL A 39 6.67 -3.65 3.65
C VAL A 39 5.91 -3.65 4.97
N GLU A 40 6.18 -2.64 5.79
CA GLU A 40 5.53 -2.49 7.07
C GLU A 40 4.73 -1.20 7.09
N ILE A 41 3.45 -1.31 7.40
CA ILE A 41 2.57 -0.16 7.45
C ILE A 41 2.63 0.49 8.82
N LEU A 42 3.10 1.72 8.85
CA LEU A 42 3.22 2.46 10.10
C LEU A 42 2.36 3.72 10.00
N PRO A 43 1.89 4.27 11.12
CA PRO A 43 1.12 5.49 11.11
C PRO A 43 2.04 6.69 11.05
N SER A 44 1.89 7.54 10.05
CA SER A 44 2.77 8.70 9.88
C SER A 44 2.65 9.64 11.09
N GLY A 45 3.65 9.60 11.95
CA GLY A 45 3.65 10.47 13.12
C GLY A 45 5.04 10.93 13.46
N GLU A 46 5.98 10.54 12.62
CA GLU A 46 7.38 10.89 12.80
C GLU A 46 7.90 11.56 11.55
N ARG A 47 7.31 11.15 10.46
CA ARG A 47 7.61 11.62 9.12
C ARG A 47 8.90 10.98 8.61
N PRO A 48 8.92 10.59 7.32
CA PRO A 48 10.08 9.96 6.73
C PRO A 48 11.18 10.96 6.40
N GLN A 49 12.35 10.44 6.06
CA GLN A 49 13.51 11.24 5.72
C GLN A 49 13.25 12.00 4.42
N ALA A 50 14.05 13.03 4.19
CA ALA A 50 13.94 13.90 3.02
C ALA A 50 13.65 13.10 1.74
N ASN A 51 12.84 13.71 0.87
CA ASN A 51 12.43 13.10 -0.40
C ASN A 51 13.57 13.10 -1.43
N GLN A 52 14.79 12.84 -0.97
CA GLN A 52 15.94 12.79 -1.87
C GLN A 52 15.84 11.54 -2.75
N LYS A 53 16.81 11.35 -3.63
CA LYS A 53 16.84 10.20 -4.54
C LYS A 53 16.69 8.88 -3.77
N ARG A 54 15.45 8.41 -3.66
CA ARG A 54 15.15 7.16 -2.96
C ARG A 54 15.57 5.98 -3.81
N ILE A 55 15.58 4.79 -3.21
CA ILE A 55 15.98 3.60 -3.93
C ILE A 55 14.78 2.81 -4.46
N THR A 56 13.60 3.04 -3.88
CA THR A 56 12.41 2.35 -4.34
C THR A 56 11.47 3.31 -5.07
N THR A 57 10.32 2.81 -5.50
CA THR A 57 9.37 3.62 -6.25
C THR A 57 8.38 4.38 -5.37
N PRO A 58 8.26 5.70 -5.59
CA PRO A 58 7.31 6.54 -4.88
C PRO A 58 5.92 6.35 -5.47
N TYR A 59 5.34 5.20 -5.22
CA TYR A 59 4.05 4.82 -5.74
C TYR A 59 3.37 3.94 -4.74
N MET A 60 2.10 3.73 -4.95
CA MET A 60 1.35 2.87 -4.09
C MET A 60 0.69 1.80 -4.93
N THR A 61 1.39 0.67 -5.06
CA THR A 61 0.89 -0.45 -5.85
C THR A 61 -0.33 -1.05 -5.19
N LYS A 62 -0.87 -2.11 -5.78
CA LYS A 62 -2.01 -2.76 -5.17
C LYS A 62 -1.55 -3.37 -3.86
N TYR A 63 -0.24 -3.63 -3.77
CA TYR A 63 0.34 -4.21 -2.57
C TYR A 63 0.30 -3.21 -1.42
N GLU A 64 0.99 -2.10 -1.60
CA GLU A 64 1.03 -1.05 -0.58
C GLU A 64 -0.39 -0.65 -0.23
N ARG A 65 -1.19 -0.43 -1.27
CA ARG A 65 -2.59 -0.03 -1.13
C ARG A 65 -3.38 -1.03 -0.31
N ALA A 66 -3.29 -2.32 -0.66
CA ALA A 66 -4.04 -3.35 0.07
C ALA A 66 -3.60 -3.38 1.52
N ARG A 67 -2.29 -3.26 1.73
CA ARG A 67 -1.72 -3.27 3.06
C ARG A 67 -2.19 -2.05 3.86
N VAL A 68 -2.16 -0.90 3.21
CA VAL A 68 -2.57 0.35 3.83
C VAL A 68 -4.07 0.40 4.10
N LEU A 69 -4.86 -0.05 3.13
CA LEU A 69 -6.31 -0.05 3.28
C LEU A 69 -6.72 -0.85 4.51
N GLY A 70 -6.25 -2.08 4.58
CA GLY A 70 -6.53 -2.93 5.73
C GLY A 70 -6.09 -2.27 7.02
N THR A 71 -4.98 -1.53 6.96
CA THR A 71 -4.45 -0.84 8.12
C THR A 71 -5.40 0.28 8.57
N ARG A 72 -5.91 1.07 7.63
CA ARG A 72 -6.82 2.14 7.99
C ARG A 72 -8.15 1.55 8.40
N ALA A 73 -8.55 0.49 7.72
CA ALA A 73 -9.78 -0.19 8.05
C ALA A 73 -9.70 -0.68 9.48
N LEU A 74 -8.46 -0.91 9.93
CA LEU A 74 -8.22 -1.36 11.29
C LEU A 74 -8.34 -0.18 12.23
N GLN A 75 -8.00 1.00 11.72
CA GLN A 75 -8.09 2.21 12.51
C GLN A 75 -9.55 2.49 12.88
N ILE A 76 -10.46 2.41 11.90
CA ILE A 76 -11.88 2.64 12.18
C ILE A 76 -12.34 1.62 13.21
N ALA A 77 -11.89 0.39 13.03
CA ALA A 77 -12.21 -0.70 13.96
C ALA A 77 -11.70 -0.38 15.36
N MET A 78 -10.69 0.49 15.44
CA MET A 78 -10.09 0.89 16.71
C MET A 78 -10.68 2.23 17.17
N CYS A 79 -11.85 2.57 16.62
CA CYS A 79 -12.57 3.80 16.94
C CYS A 79 -11.92 5.06 16.35
N ALA A 80 -11.29 4.91 15.20
CA ALA A 80 -10.67 6.06 14.53
C ALA A 80 -11.64 6.70 13.56
N PRO A 81 -12.02 7.97 13.81
CA PRO A 81 -12.96 8.70 12.96
C PRO A 81 -12.44 8.88 11.54
N VAL A 82 -13.36 9.00 10.60
CA VAL A 82 -13.03 9.19 9.19
C VAL A 82 -12.71 10.66 8.94
N MET A 83 -11.74 10.93 8.06
CA MET A 83 -11.35 12.31 7.78
C MET A 83 -11.73 12.70 6.35
N VAL A 84 -12.50 11.86 5.67
CA VAL A 84 -12.91 12.16 4.31
C VAL A 84 -14.42 12.25 4.19
N GLU A 85 -14.87 12.45 2.97
CA GLU A 85 -16.27 12.58 2.66
C GLU A 85 -16.88 11.21 2.39
N LEU A 86 -18.12 11.03 2.80
CA LEU A 86 -18.84 9.76 2.61
C LEU A 86 -20.03 9.95 1.70
N GLU A 87 -20.01 9.24 0.57
CA GLU A 87 -21.08 9.28 -0.41
C GLU A 87 -21.80 7.94 -0.40
N GLY A 88 -21.92 7.38 0.78
CA GLY A 88 -22.58 6.09 0.94
C GLY A 88 -21.67 5.07 1.60
N GLU A 89 -20.42 5.43 1.82
CA GLU A 89 -19.48 4.53 2.47
C GLU A 89 -19.69 4.58 3.97
N THR A 90 -19.55 3.44 4.60
CA THR A 90 -19.74 3.34 6.04
C THR A 90 -18.88 2.21 6.60
N ASP A 91 -18.34 1.41 5.70
CA ASP A 91 -17.50 0.28 6.08
C ASP A 91 -16.05 0.75 6.20
N PRO A 92 -15.33 0.28 7.23
CA PRO A 92 -13.93 0.65 7.46
C PRO A 92 -13.05 0.55 6.22
N LEU A 93 -13.17 -0.55 5.46
CA LEU A 93 -12.37 -0.72 4.26
C LEU A 93 -12.83 0.23 3.18
N LEU A 94 -14.14 0.26 2.95
CA LEU A 94 -14.73 1.13 1.96
C LEU A 94 -14.25 2.56 2.17
N ILE A 95 -14.27 2.97 3.44
CA ILE A 95 -13.84 4.30 3.83
C ILE A 95 -12.32 4.42 3.68
N ALA A 96 -11.60 3.34 3.99
CA ALA A 96 -10.15 3.32 3.82
C ALA A 96 -9.84 3.63 2.37
N MET A 97 -10.68 3.09 1.48
CA MET A 97 -10.54 3.30 0.05
C MET A 97 -10.85 4.74 -0.30
N LYS A 98 -11.77 5.33 0.46
CA LYS A 98 -12.17 6.72 0.24
C LYS A 98 -11.00 7.65 0.52
N GLU A 99 -10.41 7.51 1.70
CA GLU A 99 -9.29 8.35 2.10
C GLU A 99 -8.11 8.13 1.18
N LEU A 100 -7.94 6.92 0.68
CA LEU A 100 -6.84 6.64 -0.23
C LEU A 100 -7.09 7.39 -1.54
N LYS A 101 -8.26 7.18 -2.10
CA LYS A 101 -8.66 7.82 -3.35
C LYS A 101 -8.74 9.33 -3.20
N ALA A 102 -8.69 9.78 -1.98
CA ALA A 102 -8.75 11.19 -1.67
C ALA A 102 -7.40 11.67 -1.12
N ARG A 103 -6.46 10.72 -1.01
CA ARG A 103 -5.12 10.97 -0.49
C ARG A 103 -5.15 11.66 0.88
N LYS A 104 -6.01 11.17 1.76
CA LYS A 104 -6.13 11.72 3.10
C LYS A 104 -5.70 10.70 4.15
N ILE A 105 -5.11 9.61 3.68
CA ILE A 105 -4.63 8.56 4.56
C ILE A 105 -3.23 8.88 5.07
N PRO A 106 -3.09 9.16 6.36
CA PRO A 106 -1.80 9.44 6.96
C PRO A 106 -1.13 8.14 7.41
N ILE A 107 -0.19 7.66 6.61
CA ILE A 107 0.49 6.42 6.92
C ILE A 107 1.88 6.38 6.27
N ILE A 108 2.79 5.72 6.97
CA ILE A 108 4.15 5.56 6.51
C ILE A 108 4.34 4.12 6.02
N ILE A 109 4.74 3.98 4.78
CA ILE A 109 4.96 2.66 4.21
C ILE A 109 6.43 2.36 4.22
N ARG A 110 6.82 1.57 5.18
CA ARG A 110 8.18 1.17 5.32
C ARG A 110 8.42 -0.04 4.44
N ARG A 111 9.15 0.16 3.36
CA ARG A 111 9.42 -0.94 2.44
C ARG A 111 10.82 -1.48 2.70
N TYR A 112 10.97 -2.79 2.72
CA TYR A 112 12.27 -3.39 2.97
C TYR A 112 13.04 -3.61 1.67
N LEU A 113 14.36 -3.60 1.77
CA LEU A 113 15.20 -3.85 0.61
C LEU A 113 15.71 -5.29 0.65
N PRO A 114 16.04 -5.86 -0.53
CA PRO A 114 16.54 -7.24 -0.63
C PRO A 114 17.86 -7.45 0.10
N ASP A 115 18.50 -6.36 0.49
CA ASP A 115 19.77 -6.42 1.21
C ASP A 115 19.53 -6.57 2.70
N GLY A 116 18.34 -6.20 3.15
CA GLY A 116 18.00 -6.29 4.55
C GLY A 116 17.62 -4.96 5.14
N SER A 117 17.83 -3.89 4.37
CA SER A 117 17.51 -2.55 4.84
C SER A 117 16.05 -2.20 4.55
N TYR A 118 15.72 -0.91 4.61
CA TYR A 118 14.37 -0.46 4.36
C TYR A 118 14.36 1.02 4.01
N GLU A 119 13.28 1.47 3.37
CA GLU A 119 13.12 2.86 3.02
C GLU A 119 11.77 3.35 3.55
N ASP A 120 11.80 4.50 4.18
CA ASP A 120 10.60 5.11 4.75
C ASP A 120 9.82 5.85 3.67
N TRP A 121 8.57 5.50 3.51
CA TRP A 121 7.73 6.14 2.50
C TRP A 121 6.47 6.73 3.10
N GLY A 122 6.06 7.88 2.61
CA GLY A 122 4.84 8.49 3.05
C GLY A 122 3.84 8.49 1.92
N VAL A 123 2.57 8.17 2.19
CA VAL A 123 1.55 8.15 1.14
C VAL A 123 1.56 9.46 0.34
N ASP A 124 1.80 10.57 1.04
CA ASP A 124 1.86 11.88 0.42
C ASP A 124 2.99 11.94 -0.60
N GLU A 125 4.08 11.23 -0.31
CA GLU A 125 5.24 11.18 -1.18
C GLU A 125 5.08 10.05 -2.20
N LEU A 126 3.92 9.40 -2.15
CA LEU A 126 3.64 8.28 -3.05
C LEU A 126 2.61 8.61 -4.12
N ILE A 127 2.93 8.21 -5.33
CA ILE A 127 2.05 8.39 -6.46
C ILE A 127 1.10 7.21 -6.48
N ILE A 128 -0.12 7.46 -6.07
CA ILE A 128 -1.12 6.39 -5.98
C ILE A 128 -1.60 5.95 -7.33
N THR A 129 -1.94 4.67 -7.38
CA THR A 129 -2.46 4.04 -8.56
C THR A 129 -3.51 3.02 -8.19
N ASP A 130 -4.75 3.36 -8.47
CA ASP A 130 -5.88 2.49 -8.17
C ASP A 130 -6.16 1.55 -9.34
N MET A 4 -14.12 -24.61 4.34
CA MET A 4 -14.70 -23.33 4.79
C MET A 4 -14.57 -23.20 6.30
N SER A 5 -13.43 -22.71 6.75
CA SER A 5 -13.17 -22.55 8.17
C SER A 5 -12.55 -21.18 8.44
N ASP A 6 -12.31 -20.88 9.70
CA ASP A 6 -11.72 -19.60 10.11
C ASP A 6 -10.23 -19.56 9.78
N ASN A 7 -9.42 -20.33 10.51
CA ASN A 7 -7.98 -20.38 10.31
C ASN A 7 -7.61 -21.22 9.07
N GLU A 8 -8.60 -21.46 8.21
CA GLU A 8 -8.39 -22.21 6.98
C GLU A 8 -7.44 -21.46 6.05
N ASP A 9 -7.22 -20.19 6.37
CA ASP A 9 -6.34 -19.32 5.60
C ASP A 9 -4.89 -19.76 5.76
N ASN A 10 -4.60 -20.38 6.91
CA ASN A 10 -3.26 -20.85 7.22
C ASN A 10 -3.11 -22.32 6.85
N PHE A 11 -3.60 -22.68 5.68
CA PHE A 11 -3.54 -24.05 5.21
C PHE A 11 -2.14 -24.37 4.67
N ASP A 12 -1.60 -25.50 5.08
CA ASP A 12 -0.28 -25.93 4.65
C ASP A 12 -0.32 -27.41 4.26
N GLY A 13 0.82 -27.98 3.92
CA GLY A 13 0.87 -29.38 3.54
C GLY A 13 0.68 -29.59 2.06
N ASP A 14 0.59 -28.48 1.31
CA ASP A 14 0.40 -28.54 -0.13
C ASP A 14 1.48 -27.74 -0.84
N ASP A 15 1.78 -28.12 -2.08
CA ASP A 15 2.81 -27.44 -2.86
C ASP A 15 2.36 -27.32 -4.32
N PHE A 16 1.06 -27.16 -4.52
CA PHE A 16 0.55 -27.04 -5.88
C PHE A 16 0.43 -25.58 -6.28
N ASP A 17 1.30 -25.17 -7.19
CA ASP A 17 1.28 -23.81 -7.72
C ASP A 17 1.27 -23.85 -9.24
N ASP A 18 0.35 -23.13 -9.84
CA ASP A 18 0.21 -23.09 -11.29
C ASP A 18 -0.71 -21.95 -11.70
N VAL A 19 -0.81 -21.71 -13.00
CA VAL A 19 -1.64 -20.64 -13.53
C VAL A 19 -2.57 -21.18 -14.62
N GLU A 20 -3.32 -20.28 -15.24
CA GLU A 20 -4.25 -20.63 -16.31
C GLU A 20 -3.49 -21.26 -17.48
N GLU A 21 -4.11 -22.24 -18.12
CA GLU A 21 -3.48 -22.93 -19.24
C GLU A 21 -3.48 -22.06 -20.50
N ASP A 22 -2.33 -21.46 -20.77
CA ASP A 22 -2.14 -20.61 -21.94
C ASP A 22 -0.69 -20.68 -22.39
N GLU A 23 -0.37 -20.01 -23.49
CA GLU A 23 0.97 -20.01 -24.03
C GLU A 23 1.73 -18.75 -23.61
N GLY A 24 3.04 -18.76 -23.79
CA GLY A 24 3.85 -17.62 -23.42
C GLY A 24 4.16 -17.59 -21.94
N LEU A 25 4.04 -18.74 -21.30
CA LEU A 25 4.31 -18.87 -19.87
C LEU A 25 5.81 -19.00 -19.62
N ASP A 26 6.36 -18.04 -18.89
CA ASP A 26 7.78 -18.06 -18.56
C ASP A 26 8.05 -18.95 -17.36
N ASP A 27 9.30 -19.36 -17.19
CA ASP A 27 9.69 -20.24 -16.09
C ASP A 27 9.68 -19.48 -14.76
N LEU A 28 10.03 -18.19 -14.83
CA LEU A 28 10.08 -17.36 -13.63
C LEU A 28 8.79 -16.59 -13.44
N GLU A 29 7.79 -16.91 -14.25
CA GLU A 29 6.50 -16.25 -14.17
C GLU A 29 5.73 -16.69 -12.93
N ASN A 30 5.18 -15.72 -12.23
CA ASN A 30 4.42 -15.96 -11.00
C ASN A 30 3.70 -14.69 -10.60
N ALA A 31 3.25 -13.96 -11.61
CA ALA A 31 2.53 -12.69 -11.44
C ALA A 31 3.45 -11.59 -10.97
N GLU A 32 4.31 -11.17 -11.88
CA GLU A 32 5.26 -10.11 -11.63
C GLU A 32 4.53 -8.76 -11.50
N GLU A 33 5.06 -7.88 -10.66
CA GLU A 33 4.46 -6.58 -10.43
C GLU A 33 5.48 -5.65 -9.79
N GLU A 34 5.81 -4.57 -10.48
CA GLU A 34 6.75 -3.59 -9.96
C GLU A 34 6.17 -2.98 -8.69
N GLY A 35 6.82 -3.24 -7.57
CA GLY A 35 6.33 -2.72 -6.31
C GLY A 35 5.84 -3.82 -5.40
N GLN A 36 5.73 -5.03 -5.93
CA GLN A 36 5.30 -6.17 -5.15
C GLN A 36 6.46 -6.65 -4.29
N GLU A 37 6.67 -5.94 -3.20
CA GLU A 37 7.76 -6.22 -2.27
C GLU A 37 7.20 -6.49 -0.89
N ASN A 38 8.08 -6.50 0.11
CA ASN A 38 7.68 -6.69 1.49
C ASN A 38 7.81 -5.37 2.23
N VAL A 39 6.68 -4.80 2.62
CA VAL A 39 6.70 -3.52 3.30
C VAL A 39 6.00 -3.60 4.65
N GLU A 40 6.34 -2.65 5.50
CA GLU A 40 5.78 -2.52 6.83
C GLU A 40 4.92 -1.26 6.91
N ILE A 41 3.68 -1.42 7.30
CA ILE A 41 2.77 -0.29 7.39
C ILE A 41 2.84 0.34 8.78
N LEU A 42 3.25 1.59 8.82
CA LEU A 42 3.37 2.33 10.07
C LEU A 42 2.48 3.55 10.01
N PRO A 43 2.01 4.06 11.15
CA PRO A 43 1.20 5.27 11.14
C PRO A 43 2.10 6.51 11.15
N SER A 44 1.94 7.36 10.15
CA SER A 44 2.75 8.56 10.05
C SER A 44 2.40 9.54 11.18
N GLY A 45 3.23 9.62 12.19
CA GLY A 45 2.96 10.53 13.29
C GLY A 45 4.23 11.06 13.92
N GLU A 46 5.35 10.74 13.31
CA GLU A 46 6.65 11.17 13.79
C GLU A 46 7.47 11.69 12.63
N ARG A 47 7.34 10.94 11.56
CA ARG A 47 8.01 11.20 10.31
C ARG A 47 9.53 11.15 10.47
N PRO A 48 10.12 9.95 10.38
CA PRO A 48 11.57 9.77 10.53
C PRO A 48 12.38 10.66 9.59
N GLN A 49 13.28 11.45 10.17
CA GLN A 49 14.11 12.36 9.39
C GLN A 49 15.57 11.97 9.55
N ALA A 50 16.31 12.03 8.44
CA ALA A 50 17.72 11.68 8.42
C ALA A 50 18.31 12.02 7.06
N ASN A 51 19.61 11.77 6.89
CA ASN A 51 20.28 12.03 5.63
C ASN A 51 20.10 10.86 4.67
N GLN A 52 18.90 10.29 4.67
CA GLN A 52 18.59 9.17 3.81
C GLN A 52 17.58 9.58 2.75
N LYS A 53 18.00 9.55 1.50
CA LYS A 53 17.14 9.90 0.40
C LYS A 53 16.50 8.65 -0.18
N ARG A 54 15.22 8.73 -0.50
CA ARG A 54 14.45 7.61 -1.03
C ARG A 54 15.14 6.94 -2.21
N ILE A 55 15.21 5.60 -2.17
CA ILE A 55 15.87 4.83 -3.21
C ILE A 55 14.89 4.00 -4.05
N THR A 56 13.76 3.63 -3.47
CA THR A 56 12.77 2.82 -4.18
C THR A 56 11.75 3.69 -4.93
N THR A 57 10.66 3.08 -5.37
CA THR A 57 9.64 3.78 -6.13
C THR A 57 8.63 4.51 -5.24
N PRO A 58 8.44 5.81 -5.49
CA PRO A 58 7.47 6.63 -4.77
C PRO A 58 6.08 6.43 -5.36
N TYR A 59 5.51 5.27 -5.11
CA TYR A 59 4.22 4.88 -5.64
C TYR A 59 3.57 3.97 -4.64
N MET A 60 2.27 3.90 -4.69
CA MET A 60 1.58 3.01 -3.79
C MET A 60 0.94 1.90 -4.61
N THR A 61 1.71 0.84 -4.81
CA THR A 61 1.27 -0.30 -5.58
C THR A 61 0.06 -0.95 -4.95
N LYS A 62 -0.53 -1.94 -5.61
CA LYS A 62 -1.68 -2.62 -5.06
C LYS A 62 -1.26 -3.31 -3.77
N TYR A 63 0.02 -3.69 -3.69
CA TYR A 63 0.55 -4.34 -2.52
C TYR A 63 0.45 -3.39 -1.33
N GLU A 64 1.09 -2.25 -1.47
CA GLU A 64 1.09 -1.22 -0.44
C GLU A 64 -0.34 -0.76 -0.19
N ARG A 65 -1.06 -0.57 -1.28
CA ARG A 65 -2.46 -0.13 -1.26
C ARG A 65 -3.29 -1.05 -0.37
N ALA A 66 -3.22 -2.34 -0.63
CA ALA A 66 -3.97 -3.32 0.15
C ALA A 66 -3.52 -3.33 1.61
N ARG A 67 -2.21 -3.32 1.81
CA ARG A 67 -1.62 -3.32 3.13
C ARG A 67 -2.05 -2.09 3.93
N VAL A 68 -2.01 -0.94 3.26
CA VAL A 68 -2.38 0.33 3.86
C VAL A 68 -3.88 0.41 4.13
N LEU A 69 -4.68 0.01 3.15
CA LEU A 69 -6.14 0.06 3.30
C LEU A 69 -6.57 -0.72 4.52
N GLY A 70 -6.11 -1.95 4.63
CA GLY A 70 -6.43 -2.77 5.77
C GLY A 70 -5.98 -2.12 7.06
N THR A 71 -4.81 -1.46 7.01
CA THR A 71 -4.27 -0.79 8.17
C THR A 71 -5.14 0.39 8.61
N ARG A 72 -5.59 1.20 7.66
CA ARG A 72 -6.42 2.34 8.00
C ARG A 72 -7.81 1.86 8.36
N ALA A 73 -8.24 0.79 7.71
CA ALA A 73 -9.53 0.19 8.01
C ALA A 73 -9.52 -0.26 9.45
N LEU A 74 -8.33 -0.54 9.95
CA LEU A 74 -8.16 -0.96 11.32
C LEU A 74 -8.24 0.25 12.22
N GLN A 75 -7.81 1.39 11.69
CA GLN A 75 -7.87 2.64 12.45
C GLN A 75 -9.32 2.99 12.76
N ILE A 76 -10.19 2.97 11.74
CA ILE A 76 -11.61 3.28 11.95
C ILE A 76 -12.19 2.30 12.96
N ALA A 77 -11.80 1.04 12.82
CA ALA A 77 -12.24 -0.01 13.72
C ALA A 77 -11.80 0.29 15.16
N MET A 78 -10.74 1.09 15.30
CA MET A 78 -10.23 1.47 16.60
C MET A 78 -10.81 2.82 17.03
N CYS A 79 -11.95 3.17 16.45
CA CYS A 79 -12.67 4.41 16.75
C CYS A 79 -11.99 5.65 16.16
N ALA A 80 -11.37 5.50 14.99
CA ALA A 80 -10.72 6.63 14.34
C ALA A 80 -11.67 7.29 13.35
N PRO A 81 -11.70 8.63 13.34
CA PRO A 81 -12.55 9.39 12.44
C PRO A 81 -12.11 9.31 10.98
N VAL A 82 -13.05 9.52 10.07
CA VAL A 82 -12.77 9.49 8.66
C VAL A 82 -12.42 10.90 8.17
N MET A 83 -11.43 11.00 7.28
CA MET A 83 -10.97 12.28 6.77
C MET A 83 -11.65 12.66 5.44
N VAL A 84 -12.62 11.85 5.03
CA VAL A 84 -13.34 12.13 3.78
C VAL A 84 -14.84 12.00 3.99
N GLU A 85 -15.61 12.28 2.94
CA GLU A 85 -17.06 12.18 3.00
C GLU A 85 -17.50 10.75 2.77
N LEU A 86 -18.71 10.44 3.20
CA LEU A 86 -19.26 9.11 3.04
C LEU A 86 -20.50 9.12 2.14
N GLU A 87 -20.35 8.57 0.94
CA GLU A 87 -21.44 8.52 -0.01
C GLU A 87 -22.06 7.13 -0.01
N GLY A 88 -22.08 6.51 1.16
CA GLY A 88 -22.65 5.19 1.29
C GLY A 88 -21.67 4.18 1.88
N GLU A 89 -20.41 4.58 1.99
CA GLU A 89 -19.40 3.69 2.55
C GLU A 89 -19.61 3.57 4.06
N THR A 90 -20.07 2.41 4.48
CA THR A 90 -20.34 2.16 5.87
C THR A 90 -19.38 1.13 6.45
N ASP A 91 -18.32 0.84 5.72
CA ASP A 91 -17.33 -0.12 6.16
C ASP A 91 -15.95 0.53 6.20
N PRO A 92 -15.19 0.30 7.27
CA PRO A 92 -13.84 0.86 7.44
C PRO A 92 -12.95 0.67 6.22
N LEU A 93 -13.02 -0.50 5.58
CA LEU A 93 -12.21 -0.75 4.39
C LEU A 93 -12.68 0.13 3.26
N LEU A 94 -13.98 0.06 2.99
CA LEU A 94 -14.61 0.85 1.94
C LEU A 94 -14.22 2.30 2.07
N ILE A 95 -14.29 2.80 3.31
CA ILE A 95 -13.94 4.17 3.61
C ILE A 95 -12.45 4.40 3.40
N ALA A 96 -11.64 3.45 3.84
CA ALA A 96 -10.19 3.53 3.66
C ALA A 96 -9.87 3.70 2.18
N MET A 97 -10.61 3.00 1.36
CA MET A 97 -10.45 3.08 -0.09
C MET A 97 -10.75 4.49 -0.57
N LYS A 98 -11.75 5.11 0.04
CA LYS A 98 -12.15 6.46 -0.32
C LYS A 98 -11.06 7.45 0.08
N GLU A 99 -10.54 7.30 1.28
CA GLU A 99 -9.50 8.19 1.79
C GLU A 99 -8.21 8.00 1.02
N LEU A 100 -7.89 6.77 0.66
CA LEU A 100 -6.68 6.50 -0.11
C LEU A 100 -6.80 7.19 -1.47
N LYS A 101 -7.90 6.96 -2.12
CA LYS A 101 -8.18 7.56 -3.42
C LYS A 101 -8.20 9.08 -3.35
N ALA A 102 -8.44 9.58 -2.17
CA ALA A 102 -8.48 11.01 -1.92
C ALA A 102 -7.16 11.49 -1.33
N ARG A 103 -6.28 10.53 -1.02
CA ARG A 103 -4.99 10.82 -0.41
C ARG A 103 -5.18 11.50 0.95
N LYS A 104 -6.00 10.88 1.80
CA LYS A 104 -6.26 11.39 3.14
C LYS A 104 -5.81 10.40 4.20
N ILE A 105 -5.25 9.30 3.73
CA ILE A 105 -4.76 8.25 4.62
C ILE A 105 -3.37 8.61 5.16
N PRO A 106 -3.27 8.87 6.47
CA PRO A 106 -2.01 9.18 7.10
C PRO A 106 -1.29 7.90 7.52
N ILE A 107 -0.31 7.49 6.72
CA ILE A 107 0.43 6.27 7.00
C ILE A 107 1.82 6.30 6.35
N ILE A 108 2.75 5.64 6.99
CA ILE A 108 4.11 5.54 6.53
C ILE A 108 4.38 4.10 6.07
N ILE A 109 4.85 3.96 4.86
CA ILE A 109 5.13 2.66 4.28
C ILE A 109 6.60 2.38 4.25
N ARG A 110 7.02 1.51 5.12
CA ARG A 110 8.40 1.11 5.17
C ARG A 110 8.59 -0.04 4.19
N ARG A 111 9.24 0.23 3.08
CA ARG A 111 9.44 -0.80 2.07
C ARG A 111 10.79 -1.47 2.30
N TYR A 112 10.81 -2.79 2.41
CA TYR A 112 12.05 -3.52 2.64
C TYR A 112 12.67 -3.97 1.32
N LEU A 113 13.99 -4.05 1.30
CA LEU A 113 14.71 -4.50 0.13
C LEU A 113 15.11 -5.95 0.30
N PRO A 114 15.35 -6.67 -0.82
CA PRO A 114 15.77 -8.08 -0.78
C PRO A 114 17.14 -8.26 -0.10
N ASP A 115 17.84 -7.15 0.13
CA ASP A 115 19.14 -7.19 0.76
C ASP A 115 19.00 -7.17 2.28
N GLY A 116 17.87 -6.65 2.75
CA GLY A 116 17.62 -6.58 4.18
C GLY A 116 17.38 -5.16 4.66
N SER A 117 17.55 -4.19 3.77
CA SER A 117 17.35 -2.79 4.13
C SER A 117 15.87 -2.39 3.98
N TYR A 118 15.57 -1.12 4.25
CA TYR A 118 14.20 -0.64 4.14
C TYR A 118 14.18 0.88 4.00
N GLU A 119 13.11 1.39 3.40
CA GLU A 119 12.91 2.82 3.21
C GLU A 119 11.58 3.23 3.86
N ASP A 120 11.60 4.23 4.71
CA ASP A 120 10.37 4.70 5.36
C ASP A 120 9.71 5.74 4.47
N TRP A 121 8.63 5.33 3.82
CA TRP A 121 7.91 6.19 2.90
C TRP A 121 6.64 6.73 3.50
N GLY A 122 6.21 7.88 3.03
CA GLY A 122 4.97 8.45 3.47
C GLY A 122 4.01 8.43 2.31
N VAL A 123 2.71 8.22 2.56
CA VAL A 123 1.74 8.22 1.45
C VAL A 123 1.85 9.50 0.65
N ASP A 124 2.22 10.57 1.34
CA ASP A 124 2.41 11.89 0.75
C ASP A 124 3.53 11.86 -0.28
N GLU A 125 4.54 11.01 -0.02
CA GLU A 125 5.67 10.85 -0.91
C GLU A 125 5.38 9.77 -1.94
N LEU A 126 4.18 9.21 -1.89
CA LEU A 126 3.80 8.13 -2.80
C LEU A 126 2.80 8.55 -3.84
N ILE A 127 3.12 8.22 -5.08
CA ILE A 127 2.25 8.49 -6.20
C ILE A 127 1.26 7.33 -6.28
N ILE A 128 0.06 7.57 -5.83
CA ILE A 128 -0.95 6.53 -5.80
C ILE A 128 -1.51 6.22 -7.17
N THR A 129 -1.95 4.99 -7.32
CA THR A 129 -2.56 4.55 -8.53
C THR A 129 -4.04 4.35 -8.29
N ASP A 130 -4.79 5.33 -8.77
CA ASP A 130 -6.26 5.39 -8.65
C ASP A 130 -6.65 6.05 -7.34
N MET A 4 -28.04 3.61 -0.48
CA MET A 4 -26.60 3.31 -0.30
C MET A 4 -26.42 2.47 0.95
N SER A 5 -26.06 3.10 2.06
CA SER A 5 -25.93 2.36 3.30
C SER A 5 -27.31 2.28 3.92
N ASP A 6 -28.14 1.45 3.31
CA ASP A 6 -29.52 1.29 3.75
C ASP A 6 -29.70 -0.03 4.48
N ASN A 7 -29.55 -1.13 3.76
CA ASN A 7 -29.72 -2.46 4.33
C ASN A 7 -28.58 -3.39 3.93
N GLU A 8 -28.07 -3.17 2.73
CA GLU A 8 -26.98 -3.98 2.19
C GLU A 8 -25.62 -3.50 2.69
N ASP A 9 -25.36 -2.22 2.53
CA ASP A 9 -24.09 -1.63 2.97
C ASP A 9 -24.12 -1.42 4.48
N ASN A 10 -25.28 -1.00 4.97
CA ASN A 10 -25.46 -0.74 6.40
C ASN A 10 -25.91 -2.00 7.12
N PHE A 11 -25.28 -3.12 6.79
CA PHE A 11 -25.63 -4.40 7.39
C PHE A 11 -24.88 -4.61 8.71
N ASP A 12 -25.61 -4.50 9.81
CA ASP A 12 -25.03 -4.70 11.13
C ASP A 12 -25.55 -6.01 11.72
N GLY A 13 -24.96 -6.44 12.81
CA GLY A 13 -25.36 -7.68 13.44
C GLY A 13 -24.31 -8.77 13.33
N ASP A 14 -23.15 -8.40 12.81
CA ASP A 14 -22.04 -9.35 12.64
C ASP A 14 -20.76 -8.75 13.19
N ASP A 15 -20.04 -9.52 14.00
CA ASP A 15 -18.79 -9.06 14.58
C ASP A 15 -17.66 -10.05 14.28
N PHE A 16 -17.79 -10.78 13.18
CA PHE A 16 -16.78 -11.76 12.81
C PHE A 16 -15.59 -11.10 12.15
N ASP A 17 -14.47 -11.09 12.86
CA ASP A 17 -13.23 -10.51 12.35
C ASP A 17 -12.13 -11.54 12.44
N ASP A 18 -11.87 -12.22 11.33
CA ASP A 18 -10.85 -13.25 11.26
C ASP A 18 -10.57 -13.61 9.80
N VAL A 19 -9.57 -14.46 9.58
CA VAL A 19 -9.21 -14.89 8.24
C VAL A 19 -8.90 -16.38 8.22
N GLU A 20 -9.84 -17.17 7.74
CA GLU A 20 -9.68 -18.61 7.66
C GLU A 20 -8.52 -18.99 6.75
N GLU A 21 -7.66 -19.88 7.22
CA GLU A 21 -6.51 -20.32 6.44
C GLU A 21 -6.91 -21.38 5.42
N ASP A 22 -7.05 -20.96 4.17
CA ASP A 22 -7.43 -21.85 3.09
C ASP A 22 -6.75 -21.40 1.80
N GLU A 23 -6.96 -22.14 0.73
CA GLU A 23 -6.37 -21.81 -0.56
C GLU A 23 -7.44 -21.42 -1.56
N GLY A 24 -7.03 -20.79 -2.66
CA GLY A 24 -7.96 -20.36 -3.67
C GLY A 24 -8.73 -19.12 -3.27
N LEU A 25 -8.18 -18.38 -2.31
CA LEU A 25 -8.81 -17.16 -1.83
C LEU A 25 -8.55 -16.00 -2.77
N ASP A 26 -9.20 -16.03 -3.93
CA ASP A 26 -9.06 -14.98 -4.94
C ASP A 26 -10.44 -14.68 -5.53
N ASP A 27 -10.71 -13.39 -5.72
CA ASP A 27 -11.99 -12.95 -6.27
C ASP A 27 -12.06 -13.22 -7.78
N LEU A 28 -10.94 -13.06 -8.46
CA LEU A 28 -10.88 -13.27 -9.90
C LEU A 28 -10.27 -14.63 -10.21
N GLU A 29 -9.55 -15.16 -9.22
CA GLU A 29 -8.87 -16.45 -9.30
C GLU A 29 -7.58 -16.31 -10.08
N ASN A 30 -6.50 -16.69 -9.41
CA ASN A 30 -5.15 -16.65 -9.97
C ASN A 30 -4.82 -15.27 -10.54
N ALA A 31 -5.25 -14.22 -9.86
CA ALA A 31 -5.00 -12.87 -10.33
C ALA A 31 -4.32 -12.02 -9.28
N GLU A 32 -3.06 -11.78 -9.51
CA GLU A 32 -2.23 -11.00 -8.62
C GLU A 32 -1.06 -10.41 -9.40
N GLU A 33 -0.61 -9.24 -8.99
CA GLU A 33 0.50 -8.57 -9.64
C GLU A 33 1.80 -8.87 -8.93
N GLU A 34 2.91 -8.71 -9.61
CA GLU A 34 4.21 -8.95 -9.01
C GLU A 34 4.60 -7.76 -8.14
N GLY A 35 5.48 -8.00 -7.19
CA GLY A 35 5.90 -6.95 -6.30
C GLY A 35 5.52 -7.26 -4.87
N GLN A 36 5.33 -8.54 -4.58
CA GLN A 36 4.98 -8.94 -3.23
C GLN A 36 6.24 -8.94 -2.37
N GLU A 37 6.62 -7.74 -1.96
CA GLU A 37 7.77 -7.54 -1.10
C GLU A 37 7.32 -7.49 0.34
N ASN A 38 8.19 -7.06 1.23
CA ASN A 38 7.84 -6.94 2.64
C ASN A 38 7.96 -5.48 3.09
N VAL A 39 6.82 -4.88 3.38
CA VAL A 39 6.79 -3.51 3.83
C VAL A 39 6.03 -3.40 5.16
N GLU A 40 6.38 -2.40 5.92
CA GLU A 40 5.75 -2.16 7.20
C GLU A 40 4.90 -0.89 7.14
N ILE A 41 3.64 -1.03 7.50
CA ILE A 41 2.73 0.09 7.51
C ILE A 41 2.79 0.79 8.86
N LEU A 42 3.48 1.92 8.91
CA LEU A 42 3.64 2.67 10.13
C LEU A 42 2.78 3.92 10.08
N PRO A 43 2.37 4.46 11.22
CA PRO A 43 1.60 5.69 11.24
C PRO A 43 2.52 6.91 11.20
N SER A 44 2.36 7.77 10.21
CA SER A 44 3.22 8.94 10.10
C SER A 44 3.00 9.87 11.28
N GLY A 45 3.92 9.87 12.22
CA GLY A 45 3.79 10.73 13.38
C GLY A 45 4.96 11.67 13.50
N GLU A 46 5.96 11.40 12.68
CA GLU A 46 7.17 12.19 12.63
C GLU A 46 7.51 12.54 11.21
N ARG A 47 7.23 11.57 10.38
CA ARG A 47 7.45 11.63 8.95
C ARG A 47 8.93 11.73 8.63
N PRO A 48 9.61 10.58 8.56
CA PRO A 48 11.03 10.53 8.27
C PRO A 48 11.32 10.96 6.83
N GLN A 49 12.53 11.42 6.59
CA GLN A 49 12.92 11.85 5.25
C GLN A 49 14.31 11.33 4.91
N ALA A 50 14.37 10.48 3.90
CA ALA A 50 15.65 9.91 3.46
C ALA A 50 16.49 10.98 2.80
N ASN A 51 17.59 11.36 3.45
CA ASN A 51 18.50 12.37 2.93
C ASN A 51 19.43 11.75 1.90
N GLN A 52 18.88 10.87 1.09
CA GLN A 52 19.64 10.16 0.06
C GLN A 52 18.75 9.92 -1.14
N LYS A 53 19.32 9.33 -2.17
CA LYS A 53 18.56 9.03 -3.38
C LYS A 53 17.73 7.77 -3.15
N ARG A 54 16.43 7.94 -2.95
CA ARG A 54 15.52 6.83 -2.71
C ARG A 54 15.69 5.77 -3.79
N ILE A 55 15.74 4.52 -3.38
CA ILE A 55 15.96 3.42 -4.30
C ILE A 55 14.67 2.75 -4.78
N THR A 56 13.57 2.91 -4.06
CA THR A 56 12.34 2.28 -4.49
C THR A 56 11.39 3.27 -5.17
N THR A 57 10.22 2.77 -5.55
CA THR A 57 9.24 3.58 -6.26
C THR A 57 8.28 4.30 -5.33
N PRO A 58 8.16 5.63 -5.51
CA PRO A 58 7.23 6.43 -4.74
C PRO A 58 5.83 6.32 -5.33
N TYR A 59 5.19 5.19 -5.06
CA TYR A 59 3.87 4.89 -5.60
C TYR A 59 3.13 4.06 -4.58
N MET A 60 1.85 3.92 -4.81
CA MET A 60 1.03 3.12 -3.94
C MET A 60 0.34 2.04 -4.77
N THR A 61 1.06 0.96 -5.00
CA THR A 61 0.54 -0.15 -5.79
C THR A 61 -0.59 -0.83 -5.07
N LYS A 62 -1.20 -1.82 -5.72
CA LYS A 62 -2.26 -2.58 -5.10
C LYS A 62 -1.68 -3.23 -3.85
N TYR A 63 -0.39 -3.54 -3.90
CA TYR A 63 0.29 -4.17 -2.79
C TYR A 63 0.35 -3.24 -1.57
N GLU A 64 1.02 -2.09 -1.71
CA GLU A 64 1.13 -1.11 -0.62
C GLU A 64 -0.25 -0.70 -0.15
N ARG A 65 -1.09 -0.35 -1.13
CA ARG A 65 -2.46 0.09 -0.88
C ARG A 65 -3.25 -0.90 -0.05
N ALA A 66 -3.16 -2.18 -0.39
CA ALA A 66 -3.89 -3.22 0.34
C ALA A 66 -3.45 -3.25 1.79
N ARG A 67 -2.14 -3.15 2.00
CA ARG A 67 -1.58 -3.16 3.34
C ARG A 67 -2.03 -1.92 4.11
N VAL A 68 -2.01 -0.78 3.44
CA VAL A 68 -2.39 0.49 4.04
C VAL A 68 -3.90 0.55 4.31
N LEU A 69 -4.69 0.13 3.33
CA LEU A 69 -6.15 0.15 3.47
C LEU A 69 -6.56 -0.67 4.68
N GLY A 70 -6.07 -1.90 4.75
CA GLY A 70 -6.37 -2.75 5.88
C GLY A 70 -5.96 -2.09 7.19
N THR A 71 -4.85 -1.35 7.15
CA THR A 71 -4.35 -0.66 8.33
C THR A 71 -5.32 0.45 8.75
N ARG A 72 -5.83 1.21 7.78
CA ARG A 72 -6.76 2.28 8.09
C ARG A 72 -8.11 1.72 8.45
N ALA A 73 -8.52 0.69 7.74
CA ALA A 73 -9.77 0.03 8.01
C ALA A 73 -9.73 -0.53 9.43
N LEU A 74 -8.52 -0.75 9.90
CA LEU A 74 -8.29 -1.27 11.24
C LEU A 74 -8.47 -0.14 12.23
N GLN A 75 -8.10 1.06 11.81
CA GLN A 75 -8.25 2.25 12.64
C GLN A 75 -9.72 2.50 12.94
N ILE A 76 -10.57 2.50 11.91
CA ILE A 76 -12.01 2.72 12.10
C ILE A 76 -12.56 1.65 13.03
N ALA A 77 -12.09 0.42 12.85
CA ALA A 77 -12.50 -0.69 13.69
C ALA A 77 -12.14 -0.41 15.15
N MET A 78 -11.11 0.42 15.34
CA MET A 78 -10.65 0.80 16.67
C MET A 78 -11.31 2.10 17.10
N CYS A 79 -12.45 2.42 16.47
CA CYS A 79 -13.24 3.61 16.77
C CYS A 79 -12.59 4.90 16.25
N ALA A 80 -11.99 4.83 15.07
CA ALA A 80 -11.37 6.01 14.47
C ALA A 80 -12.35 6.70 13.52
N PRO A 81 -12.54 8.01 13.68
CA PRO A 81 -13.44 8.78 12.82
C PRO A 81 -12.91 8.92 11.40
N VAL A 82 -13.82 8.88 10.44
CA VAL A 82 -13.45 9.02 9.04
C VAL A 82 -13.13 10.48 8.71
N MET A 83 -12.14 10.69 7.86
CA MET A 83 -11.72 12.04 7.49
C MET A 83 -11.98 12.34 6.02
N VAL A 84 -12.85 11.58 5.39
CA VAL A 84 -13.16 11.79 3.98
C VAL A 84 -14.66 11.90 3.73
N GLU A 85 -14.98 12.11 2.47
CA GLU A 85 -16.34 12.25 2.02
C GLU A 85 -16.98 10.88 1.84
N LEU A 86 -18.26 10.78 2.15
CA LEU A 86 -18.98 9.53 2.03
C LEU A 86 -20.16 9.67 1.08
N GLU A 87 -20.19 8.80 0.08
CA GLU A 87 -21.26 8.79 -0.91
C GLU A 87 -22.12 7.56 -0.70
N GLY A 88 -22.00 6.97 0.48
CA GLY A 88 -22.76 5.79 0.81
C GLY A 88 -21.90 4.61 1.22
N GLU A 89 -20.65 4.88 1.55
CA GLU A 89 -19.74 3.83 2.01
C GLU A 89 -19.67 3.86 3.53
N THR A 90 -20.14 2.80 4.17
CA THR A 90 -20.14 2.76 5.63
C THR A 90 -19.18 1.69 6.16
N ASP A 91 -18.45 1.04 5.27
CA ASP A 91 -17.52 0.00 5.67
C ASP A 91 -16.12 0.58 5.84
N PRO A 92 -15.42 0.21 6.93
CA PRO A 92 -14.07 0.70 7.21
C PRO A 92 -13.11 0.55 6.04
N LEU A 93 -13.16 -0.58 5.33
CA LEU A 93 -12.28 -0.78 4.19
C LEU A 93 -12.71 0.12 3.04
N LEU A 94 -14.00 0.06 2.72
CA LEU A 94 -14.57 0.86 1.66
C LEU A 94 -14.17 2.32 1.86
N ILE A 95 -14.34 2.79 3.09
CA ILE A 95 -14.00 4.16 3.46
C ILE A 95 -12.48 4.36 3.38
N ALA A 96 -11.72 3.34 3.79
CA ALA A 96 -10.27 3.42 3.72
C ALA A 96 -9.85 3.67 2.28
N MET A 97 -10.57 3.05 1.36
CA MET A 97 -10.32 3.21 -0.06
C MET A 97 -10.62 4.64 -0.47
N LYS A 98 -11.65 5.21 0.13
CA LYS A 98 -12.03 6.59 -0.15
C LYS A 98 -11.00 7.55 0.39
N GLU A 99 -10.49 7.25 1.58
CA GLU A 99 -9.47 8.07 2.22
C GLU A 99 -8.18 8.05 1.43
N LEU A 100 -7.84 6.91 0.86
CA LEU A 100 -6.64 6.81 0.05
C LEU A 100 -6.79 7.65 -1.21
N LYS A 101 -7.87 7.43 -1.92
CA LYS A 101 -8.18 8.17 -3.14
C LYS A 101 -8.28 9.66 -2.87
N ALA A 102 -8.52 9.97 -1.62
CA ALA A 102 -8.64 11.34 -1.19
C ALA A 102 -7.33 11.84 -0.58
N ARG A 103 -6.36 10.93 -0.52
CA ARG A 103 -5.03 11.22 0.03
C ARG A 103 -5.11 11.75 1.46
N LYS A 104 -6.05 11.21 2.23
CA LYS A 104 -6.23 11.62 3.61
C LYS A 104 -5.77 10.53 4.58
N ILE A 105 -4.87 9.68 4.10
CA ILE A 105 -4.33 8.61 4.93
C ILE A 105 -2.90 8.92 5.32
N PRO A 106 -2.67 9.33 6.57
CA PRO A 106 -1.35 9.62 7.08
C PRO A 106 -0.67 8.33 7.54
N ILE A 107 0.23 7.82 6.71
CA ILE A 107 0.92 6.58 7.02
C ILE A 107 2.30 6.53 6.37
N ILE A 108 3.24 5.93 7.09
CA ILE A 108 4.60 5.75 6.63
C ILE A 108 4.78 4.31 6.19
N ILE A 109 5.06 4.11 4.92
CA ILE A 109 5.26 2.79 4.39
C ILE A 109 6.72 2.48 4.28
N ARG A 110 7.20 1.75 5.25
CA ARG A 110 8.56 1.35 5.28
C ARG A 110 8.71 0.06 4.48
N ARG A 111 9.31 0.17 3.31
CA ARG A 111 9.50 -1.00 2.46
C ARG A 111 10.89 -1.56 2.73
N TYR A 112 11.03 -2.87 2.71
CA TYR A 112 12.32 -3.49 2.97
C TYR A 112 13.03 -3.86 1.68
N LEU A 113 14.34 -3.83 1.71
CA LEU A 113 15.15 -4.19 0.56
C LEU A 113 15.61 -5.64 0.69
N PRO A 114 15.88 -6.31 -0.45
CA PRO A 114 16.33 -7.71 -0.46
C PRO A 114 17.66 -7.91 0.24
N ASP A 115 18.35 -6.81 0.55
CA ASP A 115 19.63 -6.88 1.24
C ASP A 115 19.42 -6.95 2.74
N GLY A 116 18.25 -6.51 3.19
CA GLY A 116 17.94 -6.53 4.61
C GLY A 116 17.62 -5.15 5.15
N SER A 117 17.81 -4.13 4.32
CA SER A 117 17.54 -2.76 4.75
C SER A 117 16.09 -2.38 4.50
N TYR A 118 15.79 -1.09 4.61
CA TYR A 118 14.43 -0.60 4.40
C TYR A 118 14.46 0.88 4.03
N GLU A 119 13.35 1.37 3.49
CA GLU A 119 13.24 2.76 3.08
C GLU A 119 11.95 3.38 3.61
N ASP A 120 11.94 4.70 3.75
CA ASP A 120 10.79 5.43 4.26
C ASP A 120 9.91 5.93 3.12
N TRP A 121 8.62 5.61 3.17
CA TRP A 121 7.72 6.07 2.13
C TRP A 121 6.43 6.63 2.71
N GLY A 122 6.32 7.93 2.72
CA GLY A 122 5.10 8.54 3.21
C GLY A 122 4.10 8.58 2.08
N VAL A 123 2.84 8.28 2.37
CA VAL A 123 1.80 8.30 1.33
C VAL A 123 1.81 9.63 0.57
N ASP A 124 2.15 10.69 1.28
CA ASP A 124 2.23 12.03 0.71
C ASP A 124 3.31 12.09 -0.37
N GLU A 125 4.35 11.28 -0.20
CA GLU A 125 5.45 11.20 -1.16
C GLU A 125 5.19 10.09 -2.15
N LEU A 126 4.02 9.47 -2.05
CA LEU A 126 3.68 8.37 -2.94
C LEU A 126 2.63 8.72 -3.96
N ILE A 127 2.91 8.31 -5.18
CA ILE A 127 2.00 8.52 -6.29
C ILE A 127 1.00 7.38 -6.28
N ILE A 128 -0.23 7.70 -5.93
CA ILE A 128 -1.27 6.69 -5.82
C ILE A 128 -1.79 6.25 -7.17
N THR A 129 -2.28 5.02 -7.20
CA THR A 129 -2.87 4.46 -8.39
C THR A 129 -4.25 3.92 -8.08
N ASP A 130 -5.24 4.67 -8.54
CA ASP A 130 -6.66 4.38 -8.34
C ASP A 130 -7.08 4.74 -6.93
N MET A 4 -7.86 6.29 -10.16
CA MET A 4 -7.38 7.63 -10.55
C MET A 4 -8.10 8.08 -11.81
N SER A 5 -8.06 7.23 -12.81
CA SER A 5 -8.70 7.48 -14.08
C SER A 5 -9.97 6.65 -14.18
N ASP A 6 -10.87 7.02 -15.08
CA ASP A 6 -12.13 6.31 -15.28
C ASP A 6 -11.85 4.86 -15.69
N ASN A 7 -10.70 4.65 -16.30
CA ASN A 7 -10.26 3.33 -16.75
C ASN A 7 -10.31 2.30 -15.64
N GLU A 8 -9.59 2.54 -14.55
CA GLU A 8 -9.54 1.60 -13.44
C GLU A 8 -10.61 1.89 -12.39
N ASP A 9 -11.06 3.14 -12.32
CA ASP A 9 -12.08 3.51 -11.33
C ASP A 9 -13.41 2.85 -11.66
N ASN A 10 -13.56 2.40 -12.89
CA ASN A 10 -14.79 1.74 -13.32
C ASN A 10 -14.54 0.25 -13.55
N PHE A 11 -13.48 -0.27 -12.94
CA PHE A 11 -13.16 -1.68 -13.07
C PHE A 11 -14.01 -2.53 -12.14
N ASP A 12 -15.08 -3.08 -12.67
CA ASP A 12 -15.98 -3.92 -11.89
C ASP A 12 -15.35 -5.29 -11.66
N GLY A 13 -15.24 -5.68 -10.39
CA GLY A 13 -14.65 -6.97 -10.07
C GLY A 13 -13.23 -6.86 -9.58
N ASP A 14 -12.61 -5.71 -9.77
CA ASP A 14 -11.24 -5.49 -9.33
C ASP A 14 -11.21 -4.56 -8.13
N ASP A 15 -12.03 -4.89 -7.14
CA ASP A 15 -12.13 -4.11 -5.92
C ASP A 15 -11.94 -5.00 -4.71
N PHE A 16 -11.41 -6.18 -4.96
CA PHE A 16 -11.19 -7.16 -3.91
C PHE A 16 -10.00 -6.77 -3.03
N ASP A 17 -10.31 -6.42 -1.79
CA ASP A 17 -9.32 -6.04 -0.80
C ASP A 17 -9.83 -6.48 0.56
N ASP A 18 -9.79 -7.78 0.81
CA ASP A 18 -10.29 -8.33 2.06
C ASP A 18 -9.16 -8.73 2.99
N VAL A 19 -9.37 -8.50 4.28
CA VAL A 19 -8.38 -8.84 5.29
C VAL A 19 -9.07 -9.50 6.48
N GLU A 20 -8.81 -10.77 6.69
CA GLU A 20 -9.39 -11.52 7.79
C GLU A 20 -8.58 -11.31 9.07
N GLU A 21 -9.20 -11.56 10.22
CA GLU A 21 -8.54 -11.39 11.51
C GLU A 21 -7.44 -12.44 11.69
N ASP A 22 -6.21 -12.03 11.47
CA ASP A 22 -5.05 -12.91 11.61
C ASP A 22 -3.82 -12.10 12.00
N GLU A 23 -2.77 -12.77 12.44
CA GLU A 23 -1.55 -12.10 12.85
C GLU A 23 -0.34 -12.97 12.53
N GLY A 24 0.73 -12.33 12.06
CA GLY A 24 1.94 -13.05 11.72
C GLY A 24 1.96 -13.52 10.28
N LEU A 25 0.78 -13.72 9.70
CA LEU A 25 0.67 -14.18 8.32
C LEU A 25 0.00 -13.12 7.45
N ASP A 26 -0.24 -13.47 6.20
CA ASP A 26 -0.90 -12.58 5.25
C ASP A 26 -1.96 -13.36 4.49
N ASP A 27 -3.22 -12.99 4.70
CA ASP A 27 -4.33 -13.67 4.06
C ASP A 27 -4.75 -12.99 2.76
N LEU A 28 -4.63 -11.66 2.72
CA LEU A 28 -5.02 -10.89 1.54
C LEU A 28 -4.15 -11.20 0.33
N GLU A 29 -2.85 -11.39 0.55
CA GLU A 29 -1.95 -11.68 -0.55
C GLU A 29 -1.05 -12.86 -0.24
N ASN A 30 -0.80 -13.68 -1.25
CA ASN A 30 0.06 -14.84 -1.13
C ASN A 30 0.34 -15.43 -2.50
N ALA A 31 1.33 -14.87 -3.17
CA ALA A 31 1.71 -15.32 -4.50
C ALA A 31 3.09 -14.78 -4.85
N GLU A 32 3.49 -14.95 -6.09
CA GLU A 32 4.79 -14.48 -6.56
C GLU A 32 4.63 -13.43 -7.65
N GLU A 33 3.49 -12.76 -7.63
CA GLU A 33 3.17 -11.73 -8.62
C GLU A 33 4.08 -10.51 -8.46
N GLU A 34 4.17 -9.72 -9.52
CA GLU A 34 5.01 -8.52 -9.52
C GLU A 34 4.54 -7.54 -8.45
N GLY A 35 5.38 -7.32 -7.46
CA GLY A 35 5.04 -6.41 -6.39
C GLY A 35 4.97 -7.11 -5.06
N GLN A 36 5.19 -8.42 -5.06
CA GLN A 36 5.17 -9.20 -3.83
C GLN A 36 6.46 -8.98 -3.05
N GLU A 37 6.52 -7.85 -2.36
CA GLU A 37 7.66 -7.49 -1.55
C GLU A 37 7.26 -7.51 -0.09
N ASN A 38 8.10 -6.96 0.78
CA ASN A 38 7.77 -6.90 2.20
C ASN A 38 7.91 -5.48 2.74
N VAL A 39 6.78 -4.88 3.09
CA VAL A 39 6.78 -3.54 3.62
C VAL A 39 6.05 -3.50 4.97
N GLU A 40 6.39 -2.50 5.77
CA GLU A 40 5.78 -2.30 7.06
C GLU A 40 4.88 -1.09 7.04
N ILE A 41 3.64 -1.26 7.45
CA ILE A 41 2.69 -0.17 7.49
C ILE A 41 2.74 0.50 8.85
N LEU A 42 3.34 1.68 8.89
CA LEU A 42 3.49 2.44 10.11
C LEU A 42 2.61 3.68 10.05
N PRO A 43 2.20 4.25 11.17
CA PRO A 43 1.42 5.48 11.17
C PRO A 43 2.34 6.69 11.08
N SER A 44 2.16 7.53 10.06
CA SER A 44 3.00 8.71 9.88
C SER A 44 2.83 9.67 11.06
N GLY A 45 3.81 9.69 11.95
CA GLY A 45 3.74 10.59 13.09
C GLY A 45 5.01 11.41 13.21
N GLU A 46 6.01 11.02 12.45
CA GLU A 46 7.30 11.70 12.46
C GLU A 46 7.70 12.04 11.04
N ARG A 47 7.36 11.12 10.17
CA ARG A 47 7.62 11.19 8.76
C ARG A 47 9.13 11.23 8.48
N PRO A 48 9.77 10.06 8.42
CA PRO A 48 11.20 9.98 8.18
C PRO A 48 11.60 10.50 6.80
N GLN A 49 12.47 11.50 6.80
CA GLN A 49 12.96 12.09 5.58
C GLN A 49 14.46 12.31 5.69
N ALA A 50 15.13 12.42 4.55
CA ALA A 50 16.57 12.63 4.52
C ALA A 50 17.00 13.02 3.12
N ASN A 51 18.24 13.50 3.00
CA ASN A 51 18.78 13.91 1.71
C ASN A 51 19.32 12.68 0.97
N GLN A 52 18.59 11.58 1.08
CA GLN A 52 18.95 10.34 0.44
C GLN A 52 18.02 10.04 -0.71
N LYS A 53 18.58 9.63 -1.83
CA LYS A 53 17.79 9.28 -2.99
C LYS A 53 17.01 8.02 -2.69
N ARG A 54 15.70 8.15 -2.54
CA ARG A 54 14.84 7.01 -2.24
C ARG A 54 15.13 5.87 -3.20
N ILE A 55 15.32 4.68 -2.63
CA ILE A 55 15.68 3.50 -3.40
C ILE A 55 14.55 2.92 -4.26
N THR A 56 13.31 3.04 -3.81
CA THR A 56 12.20 2.49 -4.58
C THR A 56 11.39 3.58 -5.28
N THR A 57 10.19 3.21 -5.70
CA THR A 57 9.31 4.11 -6.41
C THR A 57 8.37 4.85 -5.48
N PRO A 58 8.25 6.18 -5.65
CA PRO A 58 7.33 6.99 -4.85
C PRO A 58 5.92 6.80 -5.40
N TYR A 59 5.39 5.61 -5.19
CA TYR A 59 4.08 5.23 -5.68
C TYR A 59 3.48 4.26 -4.71
N MET A 60 2.18 4.15 -4.73
CA MET A 60 1.51 3.21 -3.90
C MET A 60 0.75 2.24 -4.77
N THR A 61 1.37 1.11 -5.04
CA THR A 61 0.76 0.08 -5.87
C THR A 61 -0.40 -0.54 -5.13
N LYS A 62 -1.08 -1.48 -5.78
CA LYS A 62 -2.18 -2.17 -5.13
C LYS A 62 -1.63 -2.93 -3.92
N TYR A 63 -0.33 -3.25 -3.99
CA TYR A 63 0.33 -3.97 -2.92
C TYR A 63 0.35 -3.12 -1.66
N GLU A 64 0.97 -1.95 -1.75
CA GLU A 64 1.02 -1.02 -0.64
C GLU A 64 -0.40 -0.66 -0.23
N ARG A 65 -1.22 -0.39 -1.25
CA ARG A 65 -2.62 -0.02 -1.06
C ARG A 65 -3.36 -1.03 -0.20
N ALA A 66 -3.27 -2.30 -0.58
CA ALA A 66 -3.94 -3.37 0.16
C ALA A 66 -3.50 -3.41 1.62
N ARG A 67 -2.19 -3.28 1.82
CA ARG A 67 -1.63 -3.30 3.16
C ARG A 67 -2.09 -2.08 3.97
N VAL A 68 -2.15 -0.94 3.30
CA VAL A 68 -2.55 0.30 3.93
C VAL A 68 -4.06 0.34 4.20
N LEU A 69 -4.85 -0.15 3.24
CA LEU A 69 -6.30 -0.18 3.39
C LEU A 69 -6.68 -0.94 4.64
N GLY A 70 -6.25 -2.19 4.72
CA GLY A 70 -6.52 -2.99 5.89
C GLY A 70 -6.07 -2.31 7.16
N THR A 71 -4.90 -1.67 7.10
CA THR A 71 -4.35 -0.97 8.26
C THR A 71 -5.27 0.19 8.69
N ARG A 72 -5.76 0.97 7.74
CA ARG A 72 -6.63 2.09 8.08
C ARG A 72 -7.99 1.58 8.47
N ALA A 73 -8.45 0.54 7.80
CA ALA A 73 -9.73 -0.06 8.10
C ALA A 73 -9.70 -0.54 9.55
N LEU A 74 -8.50 -0.80 10.04
CA LEU A 74 -8.31 -1.25 11.41
C LEU A 74 -8.38 -0.05 12.33
N GLN A 75 -7.92 1.09 11.83
CA GLN A 75 -7.93 2.32 12.59
C GLN A 75 -9.37 2.74 12.88
N ILE A 76 -10.21 2.77 11.84
CA ILE A 76 -11.62 3.14 12.03
C ILE A 76 -12.28 2.15 12.98
N ALA A 77 -11.91 0.88 12.83
CA ALA A 77 -12.42 -0.18 13.70
C ALA A 77 -12.08 0.13 15.15
N MET A 78 -10.98 0.86 15.36
CA MET A 78 -10.54 1.25 16.69
C MET A 78 -11.12 2.63 17.07
N CYS A 79 -12.25 2.98 16.45
CA CYS A 79 -12.95 4.23 16.71
C CYS A 79 -12.23 5.45 16.14
N ALA A 80 -11.65 5.29 14.95
CA ALA A 80 -10.96 6.41 14.30
C ALA A 80 -11.91 7.18 13.38
N PRO A 81 -11.92 8.51 13.50
CA PRO A 81 -12.78 9.36 12.66
C PRO A 81 -12.31 9.38 11.21
N VAL A 82 -13.25 9.26 10.29
CA VAL A 82 -12.95 9.28 8.87
C VAL A 82 -12.52 10.68 8.43
N MET A 83 -11.49 10.74 7.59
CA MET A 83 -10.96 12.02 7.12
C MET A 83 -11.39 12.32 5.68
N VAL A 84 -12.37 11.58 5.18
CA VAL A 84 -12.84 11.83 3.82
C VAL A 84 -14.35 11.98 3.76
N GLU A 85 -14.81 12.16 2.55
CA GLU A 85 -16.21 12.34 2.25
C GLU A 85 -16.88 10.98 2.06
N LEU A 86 -18.14 10.90 2.46
CA LEU A 86 -18.91 9.67 2.35
C LEU A 86 -20.11 9.87 1.43
N GLU A 87 -20.11 9.13 0.33
CA GLU A 87 -21.20 9.18 -0.64
C GLU A 87 -21.96 7.87 -0.61
N GLY A 88 -22.11 7.33 0.60
CA GLY A 88 -22.79 6.08 0.77
C GLY A 88 -21.93 5.05 1.48
N GLU A 89 -20.64 5.32 1.59
CA GLU A 89 -19.74 4.41 2.27
C GLU A 89 -19.92 4.54 3.77
N THR A 90 -19.73 3.45 4.48
CA THR A 90 -19.88 3.45 5.92
C THR A 90 -18.98 2.37 6.54
N ASP A 91 -18.45 1.50 5.70
CA ASP A 91 -17.58 0.43 6.16
C ASP A 91 -16.15 0.93 6.25
N PRO A 92 -15.44 0.60 7.35
CA PRO A 92 -14.05 1.03 7.56
C PRO A 92 -13.13 0.76 6.38
N LEU A 93 -13.27 -0.41 5.75
CA LEU A 93 -12.42 -0.75 4.61
C LEU A 93 -12.84 0.08 3.41
N LEU A 94 -14.13 0.08 3.12
CA LEU A 94 -14.68 0.82 2.00
C LEU A 94 -14.24 2.28 2.10
N ILE A 95 -14.35 2.82 3.30
CA ILE A 95 -13.97 4.20 3.56
C ILE A 95 -12.45 4.34 3.46
N ALA A 96 -11.72 3.30 3.86
CA ALA A 96 -10.26 3.30 3.75
C ALA A 96 -9.89 3.49 2.29
N MET A 97 -10.69 2.88 1.42
CA MET A 97 -10.49 2.99 -0.02
C MET A 97 -10.69 4.43 -0.45
N LYS A 98 -11.71 5.06 0.13
CA LYS A 98 -12.05 6.44 -0.19
C LYS A 98 -10.94 7.37 0.31
N GLU A 99 -10.44 7.09 1.50
CA GLU A 99 -9.38 7.90 2.09
C GLU A 99 -8.09 7.76 1.34
N LEU A 100 -7.78 6.56 0.87
CA LEU A 100 -6.57 6.35 0.12
C LEU A 100 -6.68 7.06 -1.22
N LYS A 101 -7.76 6.81 -1.91
CA LYS A 101 -8.04 7.44 -3.20
C LYS A 101 -8.08 8.96 -3.08
N ALA A 102 -8.33 9.41 -1.86
CA ALA A 102 -8.40 10.83 -1.58
C ALA A 102 -7.10 11.33 -0.96
N ARG A 103 -6.17 10.40 -0.72
CA ARG A 103 -4.87 10.71 -0.12
C ARG A 103 -5.03 11.36 1.25
N LYS A 104 -5.98 10.87 2.02
CA LYS A 104 -6.23 11.37 3.37
C LYS A 104 -5.77 10.37 4.41
N ILE A 105 -5.04 9.37 3.96
CA ILE A 105 -4.52 8.34 4.85
C ILE A 105 -3.10 8.66 5.28
N PRO A 106 -2.91 9.01 6.56
CA PRO A 106 -1.60 9.30 7.11
C PRO A 106 -0.90 8.03 7.55
N ILE A 107 0.03 7.55 6.72
CA ILE A 107 0.75 6.32 7.03
C ILE A 107 2.14 6.30 6.40
N ILE A 108 3.06 5.64 7.08
CA ILE A 108 4.42 5.48 6.64
C ILE A 108 4.63 4.06 6.12
N ILE A 109 5.01 3.94 4.88
CA ILE A 109 5.23 2.63 4.27
C ILE A 109 6.70 2.32 4.22
N ARG A 110 7.13 1.53 5.16
CA ARG A 110 8.50 1.12 5.22
C ARG A 110 8.69 -0.06 4.30
N ARG A 111 9.35 0.14 3.18
CA ARG A 111 9.57 -0.93 2.24
C ARG A 111 10.97 -1.50 2.46
N TYR A 112 11.08 -2.80 2.61
CA TYR A 112 12.38 -3.40 2.84
C TYR A 112 13.15 -3.59 1.54
N LEU A 113 14.46 -3.44 1.60
CA LEU A 113 15.31 -3.59 0.44
C LEU A 113 15.84 -5.02 0.38
N PRO A 114 16.15 -5.53 -0.84
CA PRO A 114 16.66 -6.88 -1.02
C PRO A 114 18.01 -7.12 -0.32
N ASP A 115 18.63 -6.04 0.14
CA ASP A 115 19.91 -6.13 0.82
C ASP A 115 19.70 -6.46 2.30
N GLY A 116 18.49 -6.17 2.78
CA GLY A 116 18.17 -6.43 4.16
C GLY A 116 17.76 -5.17 4.91
N SER A 117 17.92 -4.03 4.26
CA SER A 117 17.57 -2.75 4.87
C SER A 117 16.12 -2.40 4.57
N TYR A 118 15.77 -1.14 4.80
CA TYR A 118 14.41 -0.68 4.55
C TYR A 118 14.37 0.83 4.38
N GLU A 119 13.41 1.30 3.61
CA GLU A 119 13.23 2.72 3.37
C GLU A 119 11.82 3.11 3.82
N ASP A 120 11.75 4.12 4.67
CA ASP A 120 10.48 4.59 5.21
C ASP A 120 9.84 5.62 4.30
N TRP A 121 8.74 5.23 3.67
CA TRP A 121 8.01 6.09 2.73
C TRP A 121 6.76 6.70 3.35
N GLY A 122 6.37 7.86 2.86
CA GLY A 122 5.16 8.50 3.31
C GLY A 122 4.13 8.50 2.20
N VAL A 123 2.87 8.22 2.50
CA VAL A 123 1.82 8.20 1.45
C VAL A 123 1.81 9.51 0.67
N ASP A 124 2.05 10.61 1.38
CA ASP A 124 2.07 11.94 0.78
C ASP A 124 3.22 12.06 -0.23
N GLU A 125 4.25 11.25 -0.05
CA GLU A 125 5.39 11.24 -0.96
C GLU A 125 5.16 10.17 -2.03
N LEU A 126 4.02 9.49 -1.93
CA LEU A 126 3.69 8.42 -2.84
C LEU A 126 2.58 8.76 -3.81
N ILE A 127 2.84 8.44 -5.07
CA ILE A 127 1.85 8.64 -6.09
C ILE A 127 0.99 7.39 -6.09
N ILE A 128 -0.20 7.51 -5.52
CA ILE A 128 -1.08 6.38 -5.39
C ILE A 128 -1.66 5.94 -6.72
N THR A 129 -1.84 4.64 -6.83
CA THR A 129 -2.43 4.07 -8.00
C THR A 129 -3.64 3.25 -7.59
N ASP A 130 -4.78 3.87 -7.78
CA ASP A 130 -6.06 3.32 -7.43
C ASP A 130 -7.14 4.25 -7.93
N MET A 4 -12.01 -14.19 42.57
CA MET A 4 -13.11 -15.00 43.12
C MET A 4 -13.47 -16.08 42.13
N SER A 5 -13.65 -17.30 42.61
CA SER A 5 -13.96 -18.39 41.70
C SER A 5 -15.43 -18.36 41.29
N ASP A 6 -15.74 -17.39 40.43
CA ASP A 6 -17.06 -17.24 39.86
C ASP A 6 -16.98 -17.67 38.40
N ASN A 7 -15.95 -17.15 37.74
CA ASN A 7 -15.68 -17.46 36.34
C ASN A 7 -14.21 -17.84 36.19
N GLU A 8 -13.54 -18.03 37.33
CA GLU A 8 -12.11 -18.39 37.35
C GLU A 8 -11.88 -19.74 36.69
N ASP A 9 -12.84 -20.64 36.85
CA ASP A 9 -12.76 -21.98 36.28
C ASP A 9 -12.75 -21.90 34.75
N ASN A 10 -13.40 -20.87 34.22
CA ASN A 10 -13.48 -20.66 32.78
C ASN A 10 -12.44 -19.64 32.36
N PHE A 11 -11.22 -19.80 32.88
CA PHE A 11 -10.13 -18.91 32.56
C PHE A 11 -9.71 -19.06 31.10
N ASP A 12 -10.02 -18.05 30.30
CA ASP A 12 -9.68 -18.07 28.88
C ASP A 12 -8.72 -16.93 28.57
N GLY A 13 -8.09 -16.99 27.40
CA GLY A 13 -7.15 -15.97 27.01
C GLY A 13 -5.75 -16.23 27.54
N ASP A 14 -5.53 -17.46 27.96
CA ASP A 14 -4.24 -17.87 28.51
C ASP A 14 -3.37 -18.49 27.41
N ASP A 15 -2.09 -18.68 27.70
CA ASP A 15 -1.14 -19.26 26.76
C ASP A 15 -1.28 -20.79 26.69
N PHE A 16 -2.52 -21.26 26.76
CA PHE A 16 -2.80 -22.68 26.70
C PHE A 16 -2.56 -23.22 25.30
N ASP A 17 -1.52 -24.04 25.16
CA ASP A 17 -1.18 -24.65 23.88
C ASP A 17 -2.11 -25.82 23.60
N ASP A 18 -2.33 -26.10 22.32
CA ASP A 18 -3.20 -27.19 21.90
C ASP A 18 -2.66 -27.86 20.65
N VAL A 19 -2.67 -29.18 20.63
CA VAL A 19 -2.18 -29.93 19.50
C VAL A 19 -2.71 -31.36 19.50
N GLU A 20 -3.32 -31.75 18.40
CA GLU A 20 -3.88 -33.10 18.24
C GLU A 20 -3.07 -33.84 17.17
N GLU A 21 -3.03 -35.16 17.28
CA GLU A 21 -2.29 -35.98 16.33
C GLU A 21 -3.02 -36.03 14.99
N ASP A 22 -2.55 -35.22 14.05
CA ASP A 22 -3.14 -35.14 12.71
C ASP A 22 -2.16 -34.44 11.77
N GLU A 23 -2.36 -34.60 10.47
CA GLU A 23 -1.49 -34.00 9.47
C GLU A 23 -2.19 -33.96 8.11
N GLY A 24 -1.75 -33.05 7.26
CA GLY A 24 -2.33 -32.91 5.94
C GLY A 24 -3.44 -31.89 5.93
N LEU A 25 -3.49 -31.06 6.97
CA LEU A 25 -4.51 -30.03 7.08
C LEU A 25 -4.11 -28.79 6.30
N ASP A 26 -4.77 -28.56 5.17
CA ASP A 26 -4.51 -27.41 4.32
C ASP A 26 -5.27 -26.18 4.84
N ASP A 27 -4.99 -25.83 6.09
CA ASP A 27 -5.63 -24.69 6.73
C ASP A 27 -4.98 -23.37 6.30
N LEU A 28 -3.68 -23.25 6.53
CA LEU A 28 -2.94 -22.06 6.17
C LEU A 28 -2.22 -22.25 4.84
N GLU A 29 -2.64 -23.24 4.10
CA GLU A 29 -2.04 -23.56 2.81
C GLU A 29 -2.60 -22.64 1.72
N ASN A 30 -1.79 -22.43 0.67
CA ASN A 30 -2.17 -21.57 -0.46
C ASN A 30 -2.22 -20.11 -0.06
N ALA A 31 -1.18 -19.37 -0.44
CA ALA A 31 -1.08 -17.94 -0.11
C ALA A 31 -0.19 -17.22 -1.11
N GLU A 32 -0.18 -17.70 -2.35
CA GLU A 32 0.62 -17.11 -3.40
C GLU A 32 0.00 -15.79 -3.89
N GLU A 33 0.28 -14.72 -3.15
CA GLU A 33 -0.23 -13.40 -3.50
C GLU A 33 0.80 -12.69 -4.38
N GLU A 34 0.40 -12.39 -5.61
CA GLU A 34 1.30 -11.71 -6.54
C GLU A 34 1.48 -10.26 -6.14
N GLY A 35 2.73 -9.86 -5.91
CA GLY A 35 3.01 -8.51 -5.53
C GLY A 35 3.14 -8.39 -4.04
N GLN A 36 3.13 -9.52 -3.36
CA GLN A 36 3.23 -9.52 -1.91
C GLN A 36 4.69 -9.40 -1.48
N GLU A 37 5.19 -8.17 -1.54
CA GLU A 37 6.54 -7.85 -1.12
C GLU A 37 6.58 -7.74 0.41
N ASN A 38 7.66 -7.20 0.95
CA ASN A 38 7.76 -7.03 2.39
C ASN A 38 7.95 -5.57 2.77
N VAL A 39 6.88 -4.98 3.28
CA VAL A 39 6.90 -3.59 3.73
C VAL A 39 6.26 -3.47 5.10
N GLU A 40 6.60 -2.42 5.80
CA GLU A 40 6.08 -2.14 7.12
C GLU A 40 5.17 -0.93 7.07
N ILE A 41 3.97 -1.09 7.60
CA ILE A 41 3.02 0.00 7.66
C ILE A 41 3.21 0.77 8.96
N LEU A 42 3.74 1.97 8.85
CA LEU A 42 4.02 2.79 10.01
C LEU A 42 3.17 4.05 9.94
N PRO A 43 2.89 4.70 11.08
CA PRO A 43 2.14 5.93 11.09
C PRO A 43 3.08 7.12 10.82
N SER A 44 2.80 7.90 9.79
CA SER A 44 3.64 9.03 9.46
C SER A 44 3.55 10.11 10.55
N GLY A 45 4.57 10.20 11.38
CA GLY A 45 4.56 11.19 12.45
C GLY A 45 5.61 12.26 12.28
N GLU A 46 6.86 11.89 12.47
CA GLU A 46 7.97 12.82 12.36
C GLU A 46 8.90 12.38 11.26
N ARG A 47 8.69 11.15 10.87
CA ARG A 47 9.43 10.47 9.84
C ARG A 47 10.81 10.04 10.36
N PRO A 48 11.15 8.75 10.23
CA PRO A 48 12.42 8.22 10.70
C PRO A 48 13.61 8.98 10.11
N GLN A 49 14.45 9.51 10.98
CA GLN A 49 15.62 10.26 10.55
C GLN A 49 16.62 9.34 9.85
N ALA A 50 16.82 9.60 8.56
CA ALA A 50 17.74 8.82 7.75
C ALA A 50 18.11 9.59 6.48
N ASN A 51 19.39 9.66 6.20
CA ASN A 51 19.87 10.36 5.01
C ASN A 51 19.96 9.40 3.83
N GLN A 52 19.10 8.40 3.83
CA GLN A 52 19.08 7.41 2.76
C GLN A 52 18.16 7.85 1.64
N LYS A 53 18.76 8.11 0.49
CA LYS A 53 18.01 8.54 -0.68
C LYS A 53 17.13 7.39 -1.16
N ARG A 54 15.82 7.55 -1.03
CA ARG A 54 14.85 6.53 -1.45
C ARG A 54 15.12 6.09 -2.88
N ILE A 55 15.41 4.81 -3.06
CA ILE A 55 15.73 4.26 -4.37
C ILE A 55 14.54 3.56 -5.03
N THR A 56 13.45 3.40 -4.31
CA THR A 56 12.29 2.74 -4.88
C THR A 56 11.31 3.74 -5.49
N THR A 57 10.12 3.28 -5.85
CA THR A 57 9.14 4.14 -6.48
C THR A 57 8.17 4.76 -5.50
N PRO A 58 7.97 6.09 -5.60
CA PRO A 58 7.04 6.82 -4.77
C PRO A 58 5.62 6.62 -5.29
N TYR A 59 5.08 5.45 -5.04
CA TYR A 59 3.77 5.07 -5.51
C TYR A 59 3.15 4.15 -4.49
N MET A 60 1.88 3.89 -4.66
CA MET A 60 1.18 2.99 -3.78
C MET A 60 0.53 1.91 -4.63
N THR A 61 1.24 0.81 -4.81
CA THR A 61 0.75 -0.30 -5.60
C THR A 61 -0.42 -0.98 -4.91
N LYS A 62 -0.93 -2.02 -5.56
CA LYS A 62 -2.01 -2.80 -4.98
C LYS A 62 -1.52 -3.36 -3.65
N TYR A 63 -0.23 -3.62 -3.58
CA TYR A 63 0.37 -4.17 -2.39
C TYR A 63 0.35 -3.18 -1.23
N GLU A 64 1.04 -2.04 -1.39
CA GLU A 64 1.08 -1.02 -0.35
C GLU A 64 -0.35 -0.65 0.05
N ARG A 65 -1.17 -0.44 -0.98
CA ARG A 65 -2.57 -0.07 -0.83
C ARG A 65 -3.33 -1.08 0.03
N ALA A 66 -3.18 -2.35 -0.28
CA ALA A 66 -3.88 -3.41 0.46
C ALA A 66 -3.46 -3.39 1.92
N ARG A 67 -2.16 -3.21 2.15
CA ARG A 67 -1.61 -3.17 3.49
C ARG A 67 -2.12 -1.94 4.24
N VAL A 68 -2.06 -0.79 3.56
CA VAL A 68 -2.50 0.48 4.14
C VAL A 68 -4.00 0.50 4.39
N LEU A 69 -4.78 -0.01 3.45
CA LEU A 69 -6.23 -0.05 3.58
C LEU A 69 -6.62 -0.79 4.84
N GLY A 70 -6.13 -2.02 4.98
CA GLY A 70 -6.42 -2.80 6.17
C GLY A 70 -6.00 -2.06 7.43
N THR A 71 -4.89 -1.35 7.35
CA THR A 71 -4.38 -0.58 8.48
C THR A 71 -5.38 0.50 8.89
N ARG A 72 -5.89 1.25 7.93
CA ARG A 72 -6.85 2.30 8.23
C ARG A 72 -8.20 1.72 8.53
N ALA A 73 -8.56 0.67 7.83
CA ALA A 73 -9.83 -0.01 8.05
C ALA A 73 -9.87 -0.50 9.49
N LEU A 74 -8.68 -0.67 10.06
CA LEU A 74 -8.57 -1.12 11.44
C LEU A 74 -8.81 0.06 12.36
N GLN A 75 -8.33 1.23 11.94
CA GLN A 75 -8.51 2.44 12.71
C GLN A 75 -10.00 2.74 12.89
N ILE A 76 -10.77 2.76 11.80
CA ILE A 76 -12.20 3.03 11.87
C ILE A 76 -12.87 1.98 12.75
N ALA A 77 -12.45 0.74 12.57
CA ALA A 77 -12.97 -0.37 13.37
C ALA A 77 -12.75 -0.13 14.86
N MET A 78 -11.73 0.67 15.18
CA MET A 78 -11.42 1.01 16.56
C MET A 78 -12.09 2.33 16.96
N CYS A 79 -13.19 2.64 16.28
CA CYS A 79 -13.99 3.84 16.54
C CYS A 79 -13.28 5.13 16.08
N ALA A 80 -12.61 5.06 14.94
CA ALA A 80 -11.92 6.22 14.40
C ALA A 80 -12.82 6.97 13.42
N PRO A 81 -12.92 8.29 13.57
CA PRO A 81 -13.75 9.11 12.68
C PRO A 81 -13.17 9.15 11.26
N VAL A 82 -14.06 9.04 10.28
CA VAL A 82 -13.65 9.08 8.88
C VAL A 82 -13.26 10.50 8.48
N MET A 83 -12.17 10.62 7.72
CA MET A 83 -11.68 11.92 7.30
C MET A 83 -11.97 12.19 5.83
N VAL A 84 -12.89 11.42 5.25
CA VAL A 84 -13.23 11.61 3.85
C VAL A 84 -14.72 11.71 3.64
N GLU A 85 -15.08 11.88 2.38
CA GLU A 85 -16.44 12.01 1.94
C GLU A 85 -17.05 10.62 1.75
N LEU A 86 -18.34 10.51 1.97
CA LEU A 86 -19.05 9.24 1.83
C LEU A 86 -20.15 9.34 0.78
N GLU A 87 -19.95 8.66 -0.35
CA GLU A 87 -20.92 8.65 -1.43
C GLU A 87 -21.54 7.27 -1.52
N GLY A 88 -21.78 6.69 -0.36
CA GLY A 88 -22.34 5.36 -0.29
C GLY A 88 -21.47 4.43 0.51
N GLU A 89 -20.26 4.87 0.82
CA GLU A 89 -19.34 4.07 1.61
C GLU A 89 -19.75 4.14 3.07
N THR A 90 -19.60 3.03 3.77
CA THR A 90 -19.96 2.97 5.18
C THR A 90 -19.10 1.94 5.89
N ASP A 91 -18.44 1.09 5.11
CA ASP A 91 -17.58 0.06 5.66
C ASP A 91 -16.17 0.61 5.81
N PRO A 92 -15.49 0.28 6.94
CA PRO A 92 -14.13 0.76 7.22
C PRO A 92 -13.17 0.57 6.05
N LEU A 93 -13.23 -0.57 5.38
CA LEU A 93 -12.34 -0.82 4.24
C LEU A 93 -12.73 0.06 3.07
N LEU A 94 -14.02 0.02 2.74
CA LEU A 94 -14.57 0.80 1.65
C LEU A 94 -14.16 2.26 1.81
N ILE A 95 -14.36 2.76 3.03
CA ILE A 95 -14.01 4.12 3.37
C ILE A 95 -12.51 4.32 3.32
N ALA A 96 -11.76 3.29 3.72
CA ALA A 96 -10.30 3.34 3.67
C ALA A 96 -9.87 3.57 2.22
N MET A 97 -10.61 2.95 1.30
CA MET A 97 -10.35 3.09 -0.12
C MET A 97 -10.64 4.52 -0.55
N LYS A 98 -11.59 5.14 0.13
CA LYS A 98 -11.95 6.52 -0.17
C LYS A 98 -10.89 7.46 0.38
N GLU A 99 -10.45 7.19 1.61
CA GLU A 99 -9.43 7.98 2.27
C GLU A 99 -8.10 7.89 1.53
N LEU A 100 -7.77 6.70 1.08
CA LEU A 100 -6.53 6.50 0.35
C LEU A 100 -6.58 7.28 -0.95
N LYS A 101 -7.64 7.04 -1.69
CA LYS A 101 -7.88 7.70 -2.97
C LYS A 101 -7.99 9.22 -2.81
N ALA A 102 -8.21 9.62 -1.58
CA ALA A 102 -8.34 11.03 -1.25
C ALA A 102 -7.07 11.52 -0.57
N ARG A 103 -6.12 10.61 -0.41
CA ARG A 103 -4.83 10.88 0.23
C ARG A 103 -5.01 11.51 1.61
N LYS A 104 -5.98 11.00 2.36
CA LYS A 104 -6.25 11.49 3.70
C LYS A 104 -5.79 10.47 4.73
N ILE A 105 -4.91 9.58 4.32
CA ILE A 105 -4.37 8.55 5.21
C ILE A 105 -2.91 8.86 5.54
N PRO A 106 -2.64 9.32 6.77
CA PRO A 106 -1.29 9.61 7.21
C PRO A 106 -0.57 8.33 7.62
N ILE A 107 0.27 7.81 6.74
CA ILE A 107 1.00 6.58 7.01
C ILE A 107 2.30 6.53 6.21
N ILE A 108 3.28 5.87 6.79
CA ILE A 108 4.59 5.70 6.18
C ILE A 108 4.79 4.24 5.84
N ILE A 109 5.06 3.96 4.58
CA ILE A 109 5.27 2.61 4.12
C ILE A 109 6.75 2.34 3.98
N ARG A 110 7.23 1.51 4.86
CA ARG A 110 8.61 1.17 4.84
C ARG A 110 8.80 -0.14 4.10
N ARG A 111 9.35 -0.06 2.91
CA ARG A 111 9.56 -1.26 2.11
C ARG A 111 10.96 -1.80 2.38
N TYR A 112 11.11 -3.09 2.48
CA TYR A 112 12.41 -3.68 2.75
C TYR A 112 13.09 -4.12 1.47
N LEU A 113 14.41 -4.00 1.41
CA LEU A 113 15.17 -4.41 0.25
C LEU A 113 15.73 -5.82 0.46
N PRO A 114 16.02 -6.55 -0.63
CA PRO A 114 16.56 -7.92 -0.54
C PRO A 114 17.94 -7.95 0.11
N ASP A 115 18.55 -6.78 0.27
CA ASP A 115 19.86 -6.66 0.88
C ASP A 115 19.73 -6.59 2.40
N GLY A 116 18.54 -6.22 2.87
CA GLY A 116 18.31 -6.13 4.29
C GLY A 116 17.94 -4.73 4.74
N SER A 117 18.03 -3.77 3.83
CA SER A 117 17.70 -2.38 4.17
C SER A 117 16.21 -2.12 4.00
N TYR A 118 15.82 -0.86 4.11
CA TYR A 118 14.43 -0.47 3.94
C TYR A 118 14.32 0.96 3.43
N GLU A 119 13.15 1.28 2.89
CA GLU A 119 12.86 2.57 2.32
C GLU A 119 11.56 3.09 2.91
N ASP A 120 11.62 4.25 3.53
CA ASP A 120 10.46 4.87 4.14
C ASP A 120 9.68 5.64 3.09
N TRP A 121 8.38 5.36 3.00
CA TRP A 121 7.53 6.00 2.00
C TRP A 121 6.25 6.57 2.58
N GLY A 122 6.19 7.87 2.75
CA GLY A 122 4.96 8.48 3.25
C GLY A 122 3.93 8.51 2.15
N VAL A 123 2.68 8.21 2.47
CA VAL A 123 1.62 8.22 1.46
C VAL A 123 1.57 9.57 0.72
N ASP A 124 1.86 10.63 1.46
CA ASP A 124 1.87 11.97 0.89
C ASP A 124 3.01 12.13 -0.10
N GLU A 125 4.05 11.32 0.08
CA GLU A 125 5.22 11.32 -0.82
C GLU A 125 5.00 10.28 -1.90
N LEU A 126 3.86 9.59 -1.82
CA LEU A 126 3.55 8.52 -2.77
C LEU A 126 2.44 8.88 -3.74
N ILE A 127 2.64 8.44 -4.97
CA ILE A 127 1.66 8.63 -6.01
C ILE A 127 0.72 7.43 -5.97
N ILE A 128 -0.48 7.67 -5.47
CA ILE A 128 -1.44 6.60 -5.30
C ILE A 128 -2.13 6.19 -6.59
N THR A 129 -2.56 4.95 -6.61
CA THR A 129 -3.27 4.39 -7.72
C THR A 129 -4.45 3.57 -7.21
N ASP A 130 -5.63 4.13 -7.39
CA ASP A 130 -6.87 3.49 -6.94
C ASP A 130 -7.60 2.88 -8.14
N MET A 4 -50.46 -3.94 -35.93
CA MET A 4 -51.57 -2.96 -35.82
C MET A 4 -51.92 -2.74 -34.36
N SER A 5 -51.24 -1.79 -33.74
CA SER A 5 -51.47 -1.48 -32.33
C SER A 5 -51.62 0.02 -32.14
N ASP A 6 -52.01 0.42 -30.94
CA ASP A 6 -52.20 1.83 -30.62
C ASP A 6 -50.86 2.51 -30.38
N ASN A 7 -49.97 1.84 -29.68
CA ASN A 7 -48.65 2.38 -29.39
C ASN A 7 -47.64 1.95 -30.46
N GLU A 8 -48.17 1.46 -31.57
CA GLU A 8 -47.33 0.99 -32.68
C GLU A 8 -46.76 2.17 -33.45
N ASP A 9 -47.62 3.09 -33.84
CA ASP A 9 -47.21 4.28 -34.58
C ASP A 9 -46.77 5.37 -33.61
N ASN A 10 -47.30 5.30 -32.41
CA ASN A 10 -47.01 6.28 -31.36
C ASN A 10 -45.67 5.98 -30.68
N PHE A 11 -44.67 5.66 -31.47
CA PHE A 11 -43.34 5.37 -30.95
C PHE A 11 -42.38 6.50 -31.30
N ASP A 12 -42.17 7.40 -30.34
CA ASP A 12 -41.29 8.54 -30.55
C ASP A 12 -40.63 8.93 -29.22
N GLY A 13 -39.58 9.73 -29.31
CA GLY A 13 -38.87 10.19 -28.13
C GLY A 13 -37.61 9.40 -27.88
N ASP A 14 -37.64 8.10 -28.18
CA ASP A 14 -36.48 7.24 -28.00
C ASP A 14 -36.25 6.41 -29.24
N ASP A 15 -35.01 6.34 -29.69
CA ASP A 15 -34.66 5.56 -30.87
C ASP A 15 -33.43 4.71 -30.60
N PHE A 16 -33.17 4.44 -29.33
CA PHE A 16 -32.01 3.66 -28.97
C PHE A 16 -32.36 2.18 -28.87
N ASP A 17 -31.86 1.41 -29.83
CA ASP A 17 -32.10 -0.03 -29.85
C ASP A 17 -30.80 -0.75 -29.54
N ASP A 18 -30.50 -0.86 -28.24
CA ASP A 18 -29.29 -1.52 -27.77
C ASP A 18 -29.33 -1.64 -26.25
N VAL A 19 -28.41 -2.39 -25.68
CA VAL A 19 -28.35 -2.58 -24.24
C VAL A 19 -26.91 -2.48 -23.74
N GLU A 20 -26.57 -1.31 -23.21
CA GLU A 20 -25.24 -1.07 -22.68
C GLU A 20 -25.14 -1.55 -21.23
N GLU A 21 -24.54 -2.71 -21.05
CA GLU A 21 -24.37 -3.30 -19.72
C GLU A 21 -22.90 -3.45 -19.39
N ASP A 22 -22.54 -3.12 -18.15
CA ASP A 22 -21.16 -3.21 -17.70
C ASP A 22 -21.13 -3.41 -16.18
N GLU A 23 -20.37 -4.39 -15.73
CA GLU A 23 -20.25 -4.70 -14.32
C GLU A 23 -19.02 -5.59 -14.08
N GLY A 24 -18.60 -5.67 -12.83
CA GLY A 24 -17.45 -6.46 -12.48
C GLY A 24 -16.25 -5.61 -12.13
N LEU A 25 -16.48 -4.30 -12.05
CA LEU A 25 -15.42 -3.37 -11.73
C LEU A 25 -15.26 -3.22 -10.22
N ASP A 26 -14.36 -4.01 -9.65
CA ASP A 26 -14.10 -3.96 -8.22
C ASP A 26 -13.02 -2.94 -7.92
N ASP A 27 -13.10 -2.33 -6.74
CA ASP A 27 -12.12 -1.32 -6.33
C ASP A 27 -10.98 -1.94 -5.54
N LEU A 28 -11.23 -3.12 -4.96
CA LEU A 28 -10.23 -3.80 -4.17
C LEU A 28 -9.16 -4.42 -5.06
N GLU A 29 -9.49 -5.51 -5.73
CA GLU A 29 -8.54 -6.20 -6.59
C GLU A 29 -9.12 -6.39 -7.98
N ASN A 30 -8.86 -5.44 -8.85
CA ASN A 30 -9.35 -5.53 -10.21
C ASN A 30 -8.21 -5.23 -11.17
N ALA A 31 -7.02 -5.19 -10.61
CA ALA A 31 -5.80 -4.90 -11.34
C ALA A 31 -4.61 -5.26 -10.48
N GLU A 32 -4.11 -6.47 -10.62
CA GLU A 32 -2.99 -6.95 -9.84
C GLU A 32 -1.67 -6.39 -10.35
N GLU A 33 -1.28 -5.25 -9.79
CA GLU A 33 -0.03 -4.61 -10.15
C GLU A 33 1.09 -5.24 -9.33
N GLU A 34 2.31 -5.21 -9.84
CA GLU A 34 3.43 -5.80 -9.13
C GLU A 34 3.80 -4.98 -7.90
N GLY A 35 4.78 -5.45 -7.16
CA GLY A 35 5.20 -4.79 -5.95
C GLY A 35 4.96 -5.70 -4.78
N GLN A 36 4.91 -7.00 -5.08
CA GLN A 36 4.69 -8.01 -4.06
C GLN A 36 5.98 -8.24 -3.28
N GLU A 37 6.25 -7.32 -2.38
CA GLU A 37 7.43 -7.36 -1.55
C GLU A 37 7.03 -7.32 -0.08
N ASN A 38 7.99 -7.10 0.80
CA ASN A 38 7.71 -7.02 2.22
C ASN A 38 7.85 -5.59 2.71
N VAL A 39 6.72 -5.00 3.09
CA VAL A 39 6.73 -3.63 3.58
C VAL A 39 6.00 -3.53 4.91
N GLU A 40 6.38 -2.53 5.69
CA GLU A 40 5.78 -2.30 6.99
C GLU A 40 4.84 -1.11 6.93
N ILE A 41 3.66 -1.28 7.49
CA ILE A 41 2.68 -0.23 7.53
C ILE A 41 2.73 0.46 8.89
N LEU A 42 3.35 1.63 8.91
CA LEU A 42 3.49 2.38 10.15
C LEU A 42 2.58 3.60 10.09
N PRO A 43 2.15 4.15 11.23
CA PRO A 43 1.34 5.34 11.23
C PRO A 43 2.23 6.57 11.11
N SER A 44 2.03 7.39 10.09
CA SER A 44 2.87 8.56 9.89
C SER A 44 2.69 9.56 11.04
N GLY A 45 3.65 9.60 11.94
CA GLY A 45 3.58 10.53 13.05
C GLY A 45 4.95 10.90 13.56
N GLU A 46 5.95 10.26 12.98
CA GLU A 46 7.34 10.48 13.35
C GLU A 46 8.08 11.00 12.14
N ARG A 47 7.40 10.87 11.02
CA ARG A 47 7.87 11.25 9.72
C ARG A 47 8.92 10.27 9.22
N PRO A 48 8.90 9.95 7.92
CA PRO A 48 9.84 9.01 7.32
C PRO A 48 11.26 9.59 7.28
N GLN A 49 12.22 8.73 6.96
CA GLN A 49 13.60 9.16 6.89
C GLN A 49 13.76 10.20 5.79
N ALA A 50 14.85 10.97 5.88
CA ALA A 50 15.15 12.05 4.94
C ALA A 50 14.82 11.67 3.49
N ASN A 51 14.29 12.64 2.76
CA ASN A 51 13.90 12.48 1.36
C ASN A 51 15.12 12.39 0.44
N GLN A 52 16.15 11.69 0.90
CA GLN A 52 17.36 11.49 0.13
C GLN A 52 17.06 10.68 -1.12
N LYS A 53 18.07 10.42 -1.94
CA LYS A 53 17.88 9.63 -3.15
C LYS A 53 17.34 8.24 -2.81
N ARG A 54 16.02 8.14 -2.78
CA ARG A 54 15.35 6.89 -2.45
C ARG A 54 15.81 5.75 -3.35
N ILE A 55 15.75 4.54 -2.83
CA ILE A 55 16.17 3.37 -3.59
C ILE A 55 14.99 2.55 -4.11
N THR A 56 13.79 3.07 -3.93
CA THR A 56 12.58 2.39 -4.38
C THR A 56 11.62 3.37 -5.06
N THR A 57 10.47 2.85 -5.50
CA THR A 57 9.48 3.66 -6.20
C THR A 57 8.54 4.40 -5.26
N PRO A 58 8.34 5.70 -5.50
CA PRO A 58 7.42 6.52 -4.73
C PRO A 58 6.01 6.34 -5.25
N TYR A 59 5.45 5.16 -5.01
CA TYR A 59 4.13 4.82 -5.48
C TYR A 59 3.45 3.97 -4.44
N MET A 60 2.20 3.67 -4.70
CA MET A 60 1.44 2.84 -3.81
C MET A 60 0.86 1.69 -4.62
N THR A 61 1.66 0.63 -4.73
CA THR A 61 1.28 -0.56 -5.49
C THR A 61 0.04 -1.20 -4.89
N LYS A 62 -0.50 -2.21 -5.58
CA LYS A 62 -1.65 -2.92 -5.06
C LYS A 62 -1.28 -3.45 -3.68
N TYR A 63 -0.05 -3.95 -3.57
CA TYR A 63 0.42 -4.50 -2.32
C TYR A 63 0.37 -3.45 -1.22
N GLU A 64 1.10 -2.36 -1.41
CA GLU A 64 1.15 -1.28 -0.44
C GLU A 64 -0.26 -0.77 -0.16
N ARG A 65 -1.01 -0.52 -1.24
CA ARG A 65 -2.38 -0.03 -1.15
C ARG A 65 -3.26 -0.95 -0.33
N ALA A 66 -3.20 -2.26 -0.60
CA ALA A 66 -4.01 -3.23 0.15
C ALA A 66 -3.58 -3.27 1.61
N ARG A 67 -2.26 -3.25 1.81
CA ARG A 67 -1.68 -3.27 3.14
C ARG A 67 -2.13 -2.04 3.94
N VAL A 68 -2.12 -0.90 3.28
CA VAL A 68 -2.53 0.36 3.89
C VAL A 68 -4.03 0.42 4.10
N LEU A 69 -4.80 -0.02 3.10
CA LEU A 69 -6.26 -0.01 3.20
C LEU A 69 -6.71 -0.80 4.40
N GLY A 70 -6.19 -2.01 4.53
CA GLY A 70 -6.52 -2.84 5.68
C GLY A 70 -6.14 -2.17 6.98
N THR A 71 -5.01 -1.48 6.97
CA THR A 71 -4.53 -0.78 8.15
C THR A 71 -5.47 0.37 8.51
N ARG A 72 -5.93 1.13 7.52
CA ARG A 72 -6.82 2.23 7.78
C ARG A 72 -8.19 1.70 8.16
N ALA A 73 -8.57 0.62 7.52
CA ALA A 73 -9.84 -0.04 7.81
C ALA A 73 -9.82 -0.45 9.27
N LEU A 74 -8.62 -0.64 9.79
CA LEU A 74 -8.44 -1.03 11.17
C LEU A 74 -8.63 0.18 12.06
N GLN A 75 -8.21 1.33 11.56
CA GLN A 75 -8.35 2.58 12.31
C GLN A 75 -9.83 2.88 12.57
N ILE A 76 -10.64 2.89 11.51
CA ILE A 76 -12.07 3.16 11.65
C ILE A 76 -12.70 2.14 12.58
N ALA A 77 -12.25 0.89 12.42
CA ALA A 77 -12.74 -0.20 13.26
C ALA A 77 -12.41 0.07 14.73
N MET A 78 -11.38 0.86 14.98
CA MET A 78 -10.96 1.21 16.32
C MET A 78 -11.62 2.53 16.76
N CYS A 79 -12.74 2.85 16.11
CA CYS A 79 -13.52 4.06 16.41
C CYS A 79 -12.82 5.34 15.95
N ALA A 80 -12.17 5.28 14.80
CA ALA A 80 -11.49 6.45 14.25
C ALA A 80 -12.43 7.20 13.30
N PRO A 81 -12.51 8.53 13.45
CA PRO A 81 -13.36 9.36 12.59
C PRO A 81 -12.82 9.46 11.18
N VAL A 82 -13.68 9.19 10.20
CA VAL A 82 -13.31 9.25 8.79
C VAL A 82 -12.96 10.69 8.41
N MET A 83 -11.91 10.87 7.62
CA MET A 83 -11.47 12.20 7.21
C MET A 83 -12.02 12.59 5.84
N VAL A 84 -13.01 11.84 5.36
CA VAL A 84 -13.64 12.12 4.07
C VAL A 84 -15.14 11.94 4.18
N GLU A 85 -15.86 12.32 3.13
CA GLU A 85 -17.31 12.18 3.10
C GLU A 85 -17.71 10.78 2.67
N LEU A 86 -18.91 10.38 3.04
CA LEU A 86 -19.41 9.05 2.71
C LEU A 86 -20.54 9.15 1.68
N GLU A 87 -20.22 8.79 0.44
CA GLU A 87 -21.18 8.83 -0.65
C GLU A 87 -21.83 7.47 -0.80
N GLY A 88 -22.09 6.81 0.32
CA GLY A 88 -22.68 5.50 0.30
C GLY A 88 -21.82 4.50 1.03
N GLU A 89 -20.59 4.89 1.33
CA GLU A 89 -19.67 4.02 2.03
C GLU A 89 -20.04 3.96 3.51
N THR A 90 -19.82 2.81 4.11
CA THR A 90 -20.14 2.62 5.52
C THR A 90 -19.19 1.60 6.15
N ASP A 91 -18.41 0.92 5.31
CA ASP A 91 -17.48 -0.08 5.80
C ASP A 91 -16.09 0.52 5.91
N PRO A 92 -15.36 0.23 7.00
CA PRO A 92 -14.01 0.74 7.24
C PRO A 92 -13.08 0.58 6.04
N LEU A 93 -13.13 -0.56 5.37
CA LEU A 93 -12.27 -0.80 4.20
C LEU A 93 -12.72 0.09 3.05
N LEU A 94 -14.02 0.03 2.77
CA LEU A 94 -14.62 0.80 1.70
C LEU A 94 -14.26 2.28 1.88
N ILE A 95 -14.39 2.74 3.11
CA ILE A 95 -14.09 4.12 3.45
C ILE A 95 -12.58 4.38 3.33
N ALA A 96 -11.78 3.37 3.68
CA ALA A 96 -10.33 3.46 3.55
C ALA A 96 -9.98 3.73 2.09
N MET A 97 -10.75 3.11 1.20
CA MET A 97 -10.59 3.28 -0.23
C MET A 97 -10.85 4.74 -0.59
N LYS A 98 -11.88 5.30 0.03
CA LYS A 98 -12.27 6.69 -0.22
C LYS A 98 -11.16 7.63 0.23
N GLU A 99 -10.65 7.40 1.43
CA GLU A 99 -9.60 8.23 1.99
C GLU A 99 -8.29 8.09 1.21
N LEU A 100 -8.07 6.93 0.62
CA LEU A 100 -6.86 6.74 -0.16
C LEU A 100 -6.89 7.63 -1.39
N LYS A 101 -7.94 7.51 -2.17
CA LYS A 101 -8.13 8.32 -3.38
C LYS A 101 -8.11 9.80 -3.05
N ALA A 102 -8.49 10.10 -1.84
CA ALA A 102 -8.54 11.47 -1.36
C ALA A 102 -7.23 11.87 -0.70
N ARG A 103 -6.34 10.89 -0.51
CA ARG A 103 -5.06 11.11 0.14
C ARG A 103 -5.25 11.64 1.56
N LYS A 104 -6.09 10.95 2.32
CA LYS A 104 -6.36 11.32 3.71
C LYS A 104 -5.84 10.25 4.65
N ILE A 105 -5.13 9.30 4.09
CA ILE A 105 -4.55 8.22 4.88
C ILE A 105 -3.11 8.56 5.25
N PRO A 106 -2.87 8.92 6.52
CA PRO A 106 -1.55 9.24 7.01
C PRO A 106 -0.86 7.97 7.50
N ILE A 107 0.03 7.43 6.67
CA ILE A 107 0.73 6.19 7.00
C ILE A 107 2.12 6.17 6.38
N ILE A 108 3.03 5.51 7.07
CA ILE A 108 4.40 5.37 6.62
C ILE A 108 4.61 3.94 6.13
N ILE A 109 4.91 3.81 4.86
CA ILE A 109 5.14 2.50 4.28
C ILE A 109 6.61 2.25 4.17
N ARG A 110 7.09 1.48 5.11
CA ARG A 110 8.48 1.15 5.11
C ARG A 110 8.68 -0.06 4.24
N ARG A 111 9.28 0.16 3.09
CA ARG A 111 9.53 -0.90 2.15
C ARG A 111 10.90 -1.50 2.46
N TYR A 112 11.14 -2.73 2.08
CA TYR A 112 12.44 -3.34 2.34
C TYR A 112 13.14 -3.63 1.02
N LEU A 113 14.47 -3.61 1.03
CA LEU A 113 15.23 -3.88 -0.16
C LEU A 113 15.70 -5.33 -0.16
N PRO A 114 15.90 -5.93 -1.35
CA PRO A 114 16.34 -7.32 -1.49
C PRO A 114 17.74 -7.56 -0.91
N ASP A 115 18.44 -6.47 -0.60
CA ASP A 115 19.79 -6.57 -0.04
C ASP A 115 19.71 -6.76 1.47
N GLY A 116 18.58 -6.38 2.05
CA GLY A 116 18.40 -6.51 3.47
C GLY A 116 18.10 -5.18 4.14
N SER A 117 18.16 -4.11 3.37
CA SER A 117 17.89 -2.78 3.90
C SER A 117 16.40 -2.43 3.77
N TYR A 118 16.08 -1.15 3.91
CA TYR A 118 14.71 -0.70 3.83
C TYR A 118 14.65 0.77 3.42
N GLU A 119 13.44 1.28 3.26
CA GLU A 119 13.22 2.66 2.90
C GLU A 119 11.87 3.12 3.47
N ASP A 120 11.87 4.26 4.12
CA ASP A 120 10.64 4.81 4.72
C ASP A 120 9.88 5.64 3.71
N TRP A 121 8.69 5.19 3.36
CA TRP A 121 7.87 5.89 2.37
C TRP A 121 6.58 6.43 2.95
N GLY A 122 6.46 7.73 3.04
CA GLY A 122 5.22 8.29 3.51
C GLY A 122 4.23 8.37 2.37
N VAL A 123 2.96 8.04 2.63
CA VAL A 123 1.94 8.11 1.56
C VAL A 123 2.00 9.47 0.88
N ASP A 124 2.35 10.48 1.67
CA ASP A 124 2.47 11.85 1.19
C ASP A 124 3.53 11.98 0.09
N GLU A 125 4.58 11.15 0.16
CA GLU A 125 5.64 11.17 -0.86
C GLU A 125 5.35 10.09 -1.89
N LEU A 126 4.18 9.48 -1.82
CA LEU A 126 3.83 8.39 -2.73
C LEU A 126 2.79 8.76 -3.76
N ILE A 127 3.06 8.33 -4.98
CA ILE A 127 2.15 8.52 -6.10
C ILE A 127 1.17 7.36 -6.07
N ILE A 128 -0.06 7.65 -5.73
CA ILE A 128 -1.07 6.61 -5.62
C ILE A 128 -1.78 6.34 -6.93
N THR A 129 -2.29 5.12 -7.03
CA THR A 129 -3.07 4.72 -8.16
C THR A 129 -4.38 4.14 -7.65
N ASP A 130 -5.40 4.96 -7.73
CA ASP A 130 -6.72 4.60 -7.24
C ASP A 130 -7.79 5.08 -8.21
N MET A 4 -13.41 -18.38 6.33
CA MET A 4 -12.51 -18.77 5.22
C MET A 4 -13.30 -18.78 3.93
N SER A 5 -13.93 -19.91 3.64
CA SER A 5 -14.79 -20.01 2.50
C SER A 5 -16.15 -20.44 3.02
N ASP A 6 -16.77 -19.51 3.69
CA ASP A 6 -18.07 -19.71 4.28
C ASP A 6 -19.11 -18.92 3.49
N ASN A 7 -18.94 -17.61 3.51
CA ASN A 7 -19.80 -16.69 2.80
C ASN A 7 -18.99 -15.62 2.10
N GLU A 8 -17.71 -15.53 2.45
CA GLU A 8 -16.78 -14.54 1.90
C GLU A 8 -16.60 -14.70 0.40
N ASP A 9 -16.70 -15.93 -0.08
CA ASP A 9 -16.52 -16.22 -1.50
C ASP A 9 -17.58 -15.52 -2.34
N ASN A 10 -18.75 -15.30 -1.75
CA ASN A 10 -19.85 -14.64 -2.45
C ASN A 10 -20.28 -13.40 -1.65
N PHE A 11 -19.29 -12.65 -1.20
CA PHE A 11 -19.53 -11.44 -0.41
C PHE A 11 -19.34 -10.20 -1.29
N ASP A 12 -19.56 -9.03 -0.70
CA ASP A 12 -19.42 -7.75 -1.40
C ASP A 12 -18.16 -7.73 -2.25
N GLY A 13 -18.32 -7.39 -3.52
CA GLY A 13 -17.19 -7.38 -4.43
C GLY A 13 -17.31 -8.46 -5.49
N ASP A 14 -18.08 -9.49 -5.18
CA ASP A 14 -18.32 -10.59 -6.12
C ASP A 14 -19.50 -10.24 -7.03
N ASP A 15 -19.40 -9.05 -7.61
CA ASP A 15 -20.44 -8.54 -8.49
C ASP A 15 -20.06 -8.78 -9.95
N PHE A 16 -19.46 -9.93 -10.21
CA PHE A 16 -19.05 -10.28 -11.56
C PHE A 16 -20.24 -10.71 -12.40
N ASP A 17 -20.58 -9.88 -13.38
CA ASP A 17 -21.71 -10.15 -14.27
C ASP A 17 -21.21 -10.92 -15.49
N ASP A 18 -22.14 -11.37 -16.33
CA ASP A 18 -21.79 -12.13 -17.53
C ASP A 18 -21.23 -11.21 -18.60
N VAL A 19 -19.94 -11.37 -18.88
CA VAL A 19 -19.25 -10.57 -19.89
C VAL A 19 -18.39 -11.47 -20.77
N GLU A 20 -18.36 -11.19 -22.07
CA GLU A 20 -17.58 -11.98 -23.01
C GLU A 20 -16.09 -11.82 -22.75
N GLU A 21 -15.31 -12.83 -23.13
CA GLU A 21 -13.87 -12.81 -22.96
C GLU A 21 -13.22 -11.91 -24.00
N ASP A 22 -12.82 -10.71 -23.58
CA ASP A 22 -12.17 -9.76 -24.48
C ASP A 22 -10.72 -10.18 -24.73
N GLU A 23 -10.11 -9.57 -25.73
CA GLU A 23 -8.74 -9.89 -26.10
C GLU A 23 -7.75 -9.18 -25.18
N GLY A 24 -6.52 -9.70 -25.14
CA GLY A 24 -5.49 -9.11 -24.30
C GLY A 24 -5.62 -9.56 -22.85
N LEU A 25 -6.48 -10.53 -22.60
CA LEU A 25 -6.69 -11.04 -21.26
C LEU A 25 -5.66 -12.11 -20.92
N ASP A 26 -4.80 -11.82 -19.96
CA ASP A 26 -3.77 -12.76 -19.53
C ASP A 26 -4.30 -13.66 -18.42
N ASP A 27 -3.60 -14.77 -18.17
CA ASP A 27 -4.00 -15.73 -17.14
C ASP A 27 -3.78 -15.13 -15.76
N LEU A 28 -2.61 -14.53 -15.55
CA LEU A 28 -2.27 -13.93 -14.28
C LEU A 28 -2.70 -12.46 -14.25
N GLU A 29 -2.48 -11.78 -15.38
CA GLU A 29 -2.83 -10.37 -15.54
C GLU A 29 -1.96 -9.49 -14.64
N ASN A 30 -2.16 -8.18 -14.73
CA ASN A 30 -1.39 -7.24 -13.93
C ASN A 30 -2.06 -7.01 -12.58
N ALA A 31 -2.77 -8.02 -12.10
CA ALA A 31 -3.43 -7.92 -10.80
C ALA A 31 -2.49 -8.32 -9.69
N GLU A 32 -1.42 -8.95 -10.11
CA GLU A 32 -0.38 -9.41 -9.21
C GLU A 32 0.98 -8.96 -9.72
N GLU A 33 1.61 -8.06 -8.99
CA GLU A 33 2.91 -7.54 -9.37
C GLU A 33 4.02 -8.49 -8.93
N GLU A 34 4.64 -9.16 -9.90
CA GLU A 34 5.73 -10.07 -9.60
C GLU A 34 6.90 -9.27 -9.07
N GLY A 35 7.30 -9.59 -7.86
CA GLY A 35 8.36 -8.87 -7.21
C GLY A 35 7.77 -8.19 -6.00
N GLN A 36 6.66 -8.78 -5.54
CA GLN A 36 5.89 -8.31 -4.39
C GLN A 36 6.76 -8.15 -3.15
N GLU A 37 7.38 -6.99 -3.10
CA GLU A 37 8.24 -6.59 -1.99
C GLU A 37 7.52 -6.66 -0.64
N ASN A 38 8.29 -6.75 0.44
CA ASN A 38 7.73 -6.80 1.77
C ASN A 38 7.83 -5.44 2.42
N VAL A 39 6.69 -4.86 2.77
CA VAL A 39 6.67 -3.55 3.38
C VAL A 39 5.93 -3.58 4.73
N GLU A 40 6.28 -2.64 5.58
CA GLU A 40 5.68 -2.50 6.90
C GLU A 40 4.83 -1.25 6.94
N ILE A 41 3.58 -1.41 7.32
CA ILE A 41 2.66 -0.27 7.41
C ILE A 41 2.78 0.36 8.78
N LEU A 42 3.28 1.58 8.82
CA LEU A 42 3.45 2.29 10.07
C LEU A 42 2.60 3.55 10.05
N PRO A 43 2.14 4.02 11.21
CA PRO A 43 1.36 5.25 11.29
C PRO A 43 2.28 6.45 11.26
N SER A 44 2.08 7.35 10.31
CA SER A 44 2.92 8.54 10.19
C SER A 44 2.74 9.45 11.41
N GLY A 45 3.70 9.45 12.32
CA GLY A 45 3.61 10.28 13.50
C GLY A 45 4.31 11.62 13.32
N GLU A 46 5.61 11.55 13.12
CA GLU A 46 6.42 12.74 12.92
C GLU A 46 7.07 12.67 11.56
N ARG A 47 6.77 11.56 10.93
CA ARG A 47 7.27 11.19 9.62
C ARG A 47 8.80 11.17 9.58
N PRO A 48 9.40 10.03 9.99
CA PRO A 48 10.85 9.87 9.98
C PRO A 48 11.40 9.77 8.57
N GLN A 49 12.69 10.03 8.43
CA GLN A 49 13.36 9.96 7.14
C GLN A 49 14.69 9.24 7.29
N ALA A 50 15.06 8.46 6.29
CA ALA A 50 16.31 7.72 6.32
C ALA A 50 17.48 8.65 6.00
N ASN A 51 18.68 8.24 6.40
CA ASN A 51 19.88 9.02 6.16
C ASN A 51 20.49 8.65 4.80
N GLN A 52 19.62 8.44 3.83
CA GLN A 52 20.03 8.08 2.49
C GLN A 52 19.12 8.72 1.47
N LYS A 53 19.48 8.62 0.20
CA LYS A 53 18.65 9.17 -0.85
C LYS A 53 17.61 8.14 -1.27
N ARG A 54 16.40 8.62 -1.55
CA ARG A 54 15.29 7.75 -1.97
C ARG A 54 15.73 6.86 -3.14
N ILE A 55 15.53 5.55 -3.02
CA ILE A 55 15.96 4.63 -4.06
C ILE A 55 14.82 3.78 -4.65
N THR A 56 13.67 3.73 -4.00
CA THR A 56 12.58 2.92 -4.52
C THR A 56 11.52 3.76 -5.24
N THR A 57 10.41 3.12 -5.60
CA THR A 57 9.34 3.78 -6.34
C THR A 57 8.37 4.54 -5.45
N PRO A 58 8.18 5.84 -5.73
CA PRO A 58 7.24 6.67 -5.00
C PRO A 58 5.83 6.41 -5.52
N TYR A 59 5.32 5.23 -5.22
CA TYR A 59 4.02 4.79 -5.67
C TYR A 59 3.44 3.87 -4.65
N MET A 60 2.16 3.65 -4.73
CA MET A 60 1.52 2.74 -3.82
C MET A 60 0.92 1.59 -4.63
N THR A 61 1.71 0.53 -4.78
CA THR A 61 1.28 -0.65 -5.53
C THR A 61 0.01 -1.23 -4.92
N LYS A 62 -0.58 -2.23 -5.57
CA LYS A 62 -1.78 -2.83 -5.03
C LYS A 62 -1.40 -3.52 -3.73
N TYR A 63 -0.14 -3.97 -3.66
CA TYR A 63 0.37 -4.62 -2.45
C TYR A 63 0.33 -3.63 -1.30
N GLU A 64 1.02 -2.51 -1.48
CA GLU A 64 1.08 -1.45 -0.48
C GLU A 64 -0.32 -0.92 -0.19
N ARG A 65 -1.06 -0.68 -1.27
CA ARG A 65 -2.43 -0.16 -1.18
C ARG A 65 -3.31 -1.07 -0.33
N ALA A 66 -3.28 -2.37 -0.60
CA ALA A 66 -4.07 -3.33 0.16
C ALA A 66 -3.62 -3.37 1.62
N ARG A 67 -2.31 -3.36 1.80
CA ARG A 67 -1.71 -3.37 3.13
C ARG A 67 -2.15 -2.15 3.93
N VAL A 68 -2.12 -1.00 3.27
CA VAL A 68 -2.49 0.26 3.88
C VAL A 68 -4.00 0.35 4.12
N LEU A 69 -4.79 -0.06 3.13
CA LEU A 69 -6.24 -0.03 3.25
C LEU A 69 -6.70 -0.82 4.47
N GLY A 70 -6.23 -2.06 4.57
CA GLY A 70 -6.57 -2.88 5.71
C GLY A 70 -6.14 -2.21 7.01
N THR A 71 -4.97 -1.57 6.98
CA THR A 71 -4.45 -0.89 8.15
C THR A 71 -5.35 0.28 8.56
N ARG A 72 -5.83 1.05 7.59
CA ARG A 72 -6.70 2.17 7.88
C ARG A 72 -8.06 1.66 8.29
N ALA A 73 -8.51 0.62 7.61
CA ALA A 73 -9.78 0.00 7.92
C ALA A 73 -9.75 -0.47 9.37
N LEU A 74 -8.54 -0.70 9.86
CA LEU A 74 -8.33 -1.15 11.23
C LEU A 74 -8.45 0.05 12.16
N GLN A 75 -8.00 1.20 11.68
CA GLN A 75 -8.06 2.42 12.45
C GLN A 75 -9.51 2.79 12.75
N ILE A 76 -10.36 2.82 11.71
CA ILE A 76 -11.78 3.15 11.90
C ILE A 76 -12.40 2.14 12.86
N ALA A 77 -12.03 0.87 12.67
CA ALA A 77 -12.50 -0.20 13.53
C ALA A 77 -12.08 0.04 14.98
N MET A 78 -11.02 0.81 15.15
CA MET A 78 -10.50 1.13 16.48
C MET A 78 -11.04 2.48 16.96
N CYS A 79 -12.19 2.86 16.41
CA CYS A 79 -12.88 4.11 16.77
C CYS A 79 -12.19 5.36 16.21
N ALA A 80 -11.61 5.23 15.02
CA ALA A 80 -10.95 6.38 14.39
C ALA A 80 -11.91 7.09 13.45
N PRO A 81 -12.01 8.41 13.55
CA PRO A 81 -12.90 9.22 12.71
C PRO A 81 -12.45 9.23 11.25
N VAL A 82 -13.41 9.16 10.35
CA VAL A 82 -13.14 9.19 8.92
C VAL A 82 -12.81 10.62 8.47
N MET A 83 -11.85 10.76 7.59
CA MET A 83 -11.43 12.08 7.11
C MET A 83 -11.80 12.29 5.64
N VAL A 84 -12.74 11.51 5.12
CA VAL A 84 -13.16 11.66 3.74
C VAL A 84 -14.66 11.79 3.62
N GLU A 85 -15.09 11.94 2.39
CA GLU A 85 -16.49 12.09 2.04
C GLU A 85 -17.16 10.73 1.94
N LEU A 86 -18.40 10.67 2.38
CA LEU A 86 -19.17 9.42 2.35
C LEU A 86 -20.38 9.55 1.45
N GLU A 87 -20.28 8.94 0.28
CA GLU A 87 -21.35 8.96 -0.71
C GLU A 87 -22.04 7.60 -0.73
N GLY A 88 -22.17 7.02 0.45
CA GLY A 88 -22.78 5.73 0.57
C GLY A 88 -21.88 4.74 1.29
N GLU A 89 -20.62 5.12 1.48
CA GLU A 89 -19.67 4.26 2.17
C GLU A 89 -19.90 4.38 3.67
N THR A 90 -19.72 3.27 4.36
CA THR A 90 -19.92 3.25 5.80
C THR A 90 -19.02 2.18 6.43
N ASP A 91 -18.47 1.32 5.60
CA ASP A 91 -17.60 0.26 6.06
C ASP A 91 -16.17 0.78 6.13
N PRO A 92 -15.44 0.44 7.21
CA PRO A 92 -14.06 0.88 7.42
C PRO A 92 -13.16 0.68 6.20
N LEU A 93 -13.27 -0.47 5.52
CA LEU A 93 -12.46 -0.73 4.35
C LEU A 93 -12.92 0.14 3.19
N LEU A 94 -14.21 0.10 2.93
CA LEU A 94 -14.82 0.87 1.86
C LEU A 94 -14.38 2.33 1.98
N ILE A 95 -14.47 2.83 3.19
CA ILE A 95 -14.08 4.20 3.49
C ILE A 95 -12.58 4.37 3.35
N ALA A 96 -11.82 3.37 3.77
CA ALA A 96 -10.37 3.39 3.63
C ALA A 96 -10.00 3.59 2.18
N MET A 97 -10.78 2.94 1.31
CA MET A 97 -10.58 3.05 -0.14
C MET A 97 -10.85 4.48 -0.58
N LYS A 98 -11.85 5.10 0.04
CA LYS A 98 -12.20 6.47 -0.27
C LYS A 98 -11.09 7.40 0.19
N GLU A 99 -10.60 7.14 1.40
CA GLU A 99 -9.52 7.93 1.99
C GLU A 99 -8.25 7.82 1.19
N LEU A 100 -7.93 6.62 0.73
CA LEU A 100 -6.73 6.42 -0.05
C LEU A 100 -6.84 7.18 -1.36
N LYS A 101 -7.91 6.94 -2.08
CA LYS A 101 -8.17 7.60 -3.35
C LYS A 101 -8.29 9.11 -3.18
N ALA A 102 -8.45 9.53 -1.94
CA ALA A 102 -8.57 10.93 -1.61
C ALA A 102 -7.28 11.44 -0.99
N ARG A 103 -6.30 10.53 -0.86
CA ARG A 103 -5.00 10.84 -0.28
C ARG A 103 -5.11 11.41 1.13
N LYS A 104 -6.08 10.92 1.88
CA LYS A 104 -6.30 11.38 3.25
C LYS A 104 -5.92 10.31 4.26
N ILE A 105 -5.05 9.40 3.86
CA ILE A 105 -4.59 8.35 4.74
C ILE A 105 -3.20 8.68 5.28
N PRO A 106 -3.10 9.00 6.57
CA PRO A 106 -1.82 9.30 7.19
C PRO A 106 -1.12 8.00 7.61
N ILE A 107 -0.17 7.57 6.80
CA ILE A 107 0.55 6.33 7.06
C ILE A 107 1.92 6.34 6.38
N ILE A 108 2.86 5.66 7.01
CA ILE A 108 4.21 5.54 6.49
C ILE A 108 4.46 4.09 6.11
N ILE A 109 4.82 3.88 4.87
CA ILE A 109 5.09 2.55 4.36
C ILE A 109 6.56 2.31 4.31
N ARG A 110 7.02 1.49 5.22
CA ARG A 110 8.39 1.14 5.26
C ARG A 110 8.59 -0.05 4.34
N ARG A 111 9.20 0.17 3.20
CA ARG A 111 9.42 -0.89 2.25
C ARG A 111 10.80 -1.48 2.49
N TYR A 112 10.92 -2.79 2.46
CA TYR A 112 12.22 -3.43 2.69
C TYR A 112 12.98 -3.59 1.39
N LEU A 113 14.30 -3.48 1.47
CA LEU A 113 15.15 -3.62 0.32
C LEU A 113 15.67 -5.06 0.22
N PRO A 114 15.99 -5.53 -0.99
CA PRO A 114 16.49 -6.90 -1.21
C PRO A 114 17.81 -7.17 -0.49
N ASP A 115 18.44 -6.11 0.02
CA ASP A 115 19.69 -6.24 0.74
C ASP A 115 19.44 -6.54 2.21
N GLY A 116 18.24 -6.21 2.68
CA GLY A 116 17.89 -6.45 4.06
C GLY A 116 17.52 -5.17 4.78
N SER A 117 17.68 -4.04 4.12
CA SER A 117 17.36 -2.75 4.73
C SER A 117 15.92 -2.36 4.46
N TYR A 118 15.61 -1.08 4.63
CA TYR A 118 14.26 -0.57 4.42
C TYR A 118 14.30 0.93 4.13
N GLU A 119 13.23 1.44 3.54
CA GLU A 119 13.14 2.85 3.21
C GLU A 119 11.80 3.41 3.71
N ASP A 120 11.84 4.62 4.24
CA ASP A 120 10.64 5.28 4.76
C ASP A 120 9.84 5.89 3.62
N TRP A 121 8.63 5.44 3.46
CA TRP A 121 7.78 5.96 2.39
C TRP A 121 6.44 6.43 2.90
N GLY A 122 6.27 7.72 3.01
CA GLY A 122 5.00 8.23 3.45
C GLY A 122 4.05 8.26 2.29
N VAL A 123 2.76 8.04 2.52
CA VAL A 123 1.78 8.07 1.44
C VAL A 123 1.90 9.38 0.66
N ASP A 124 2.34 10.41 1.38
CA ASP A 124 2.56 11.74 0.83
C ASP A 124 3.60 11.69 -0.29
N GLU A 125 4.64 10.88 -0.10
CA GLU A 125 5.70 10.71 -1.09
C GLU A 125 5.32 9.65 -2.11
N LEU A 126 4.12 9.12 -1.99
CA LEU A 126 3.66 8.05 -2.88
C LEU A 126 2.60 8.49 -3.87
N ILE A 127 2.84 8.11 -5.11
CA ILE A 127 1.90 8.35 -6.18
C ILE A 127 0.92 7.19 -6.15
N ILE A 128 -0.25 7.45 -5.66
CA ILE A 128 -1.25 6.40 -5.49
C ILE A 128 -2.05 6.10 -6.73
N THR A 129 -2.53 4.87 -6.77
CA THR A 129 -3.38 4.38 -7.82
C THR A 129 -4.48 3.55 -7.20
N ASP A 130 -5.64 4.16 -7.06
CA ASP A 130 -6.78 3.51 -6.43
C ASP A 130 -7.99 3.57 -7.34
N MET A 4 -5.29 40.16 -8.41
CA MET A 4 -3.84 40.41 -8.56
C MET A 4 -3.05 39.60 -7.54
N SER A 5 -3.56 38.43 -7.20
CA SER A 5 -2.91 37.56 -6.24
C SER A 5 -2.14 36.44 -6.96
N ASP A 6 -1.26 35.78 -6.22
CA ASP A 6 -0.45 34.68 -6.76
C ASP A 6 -1.33 33.48 -7.12
N ASN A 7 -2.42 33.33 -6.39
CA ASN A 7 -3.36 32.23 -6.60
C ASN A 7 -4.20 32.43 -7.85
N GLU A 8 -3.91 33.46 -8.62
CA GLU A 8 -4.64 33.75 -9.85
C GLU A 8 -3.86 33.25 -11.05
N ASP A 9 -2.59 33.62 -11.14
CA ASP A 9 -1.74 33.20 -12.24
C ASP A 9 -1.20 31.80 -11.99
N ASN A 10 -0.89 31.53 -10.72
CA ASN A 10 -0.38 30.22 -10.32
C ASN A 10 -1.51 29.37 -9.76
N PHE A 11 -2.64 29.39 -10.47
CA PHE A 11 -3.82 28.63 -10.07
C PHE A 11 -3.53 27.14 -10.02
N ASP A 12 -4.08 26.47 -9.01
CA ASP A 12 -3.88 25.04 -8.83
C ASP A 12 -4.77 24.26 -9.80
N GLY A 13 -4.52 22.97 -9.92
CA GLY A 13 -5.30 22.14 -10.81
C GLY A 13 -4.48 21.65 -11.98
N ASP A 14 -3.18 21.86 -11.91
CA ASP A 14 -2.26 21.43 -12.97
C ASP A 14 -1.36 20.32 -12.46
N ASP A 15 -0.77 19.56 -13.38
CA ASP A 15 0.10 18.44 -13.01
C ASP A 15 1.47 18.58 -13.66
N PHE A 16 1.84 19.79 -14.00
CA PHE A 16 3.13 20.02 -14.63
C PHE A 16 4.19 20.21 -13.56
N ASP A 17 5.06 19.22 -13.44
CA ASP A 17 6.15 19.25 -12.48
C ASP A 17 7.36 18.52 -13.06
N ASP A 18 8.52 18.73 -12.47
CA ASP A 18 9.74 18.08 -12.94
C ASP A 18 10.08 16.89 -12.06
N VAL A 19 9.92 15.69 -12.62
CA VAL A 19 10.20 14.47 -11.89
C VAL A 19 10.32 13.29 -12.85
N GLU A 20 11.38 12.51 -12.66
CA GLU A 20 11.64 11.34 -13.49
C GLU A 20 11.44 10.08 -12.66
N GLU A 21 11.17 8.96 -13.31
CA GLU A 21 10.97 7.69 -12.62
C GLU A 21 12.25 7.24 -11.95
N ASP A 22 12.10 6.53 -10.83
CA ASP A 22 13.25 6.02 -10.08
C ASP A 22 13.29 4.51 -10.15
N GLU A 23 14.30 3.92 -9.52
CA GLU A 23 14.49 2.48 -9.51
C GLU A 23 13.29 1.78 -8.85
N GLY A 24 13.07 0.53 -9.24
CA GLY A 24 11.96 -0.23 -8.70
C GLY A 24 10.88 -0.47 -9.73
N LEU A 25 11.02 0.17 -10.88
CA LEU A 25 10.06 0.02 -11.96
C LEU A 25 10.42 -1.20 -12.81
N ASP A 26 9.43 -1.78 -13.45
CA ASP A 26 9.66 -2.95 -14.28
C ASP A 26 9.63 -2.60 -15.76
N ASP A 27 10.59 -3.11 -16.50
CA ASP A 27 10.71 -2.87 -17.93
C ASP A 27 10.02 -3.98 -18.73
N LEU A 28 9.82 -5.12 -18.07
CA LEU A 28 9.20 -6.28 -18.71
C LEU A 28 7.72 -6.04 -19.02
N GLU A 29 6.95 -5.64 -18.01
CA GLU A 29 5.53 -5.37 -18.15
C GLU A 29 4.77 -6.65 -18.46
N ASN A 30 3.78 -6.55 -19.35
CA ASN A 30 2.94 -7.67 -19.75
C ASN A 30 1.98 -8.02 -18.63
N ALA A 31 1.68 -7.02 -17.80
CA ALA A 31 0.78 -7.13 -16.66
C ALA A 31 1.20 -8.25 -15.72
N GLU A 32 2.24 -7.96 -14.97
CA GLU A 32 2.76 -8.89 -13.98
C GLU A 32 2.34 -8.41 -12.59
N GLU A 33 2.29 -9.32 -11.62
CA GLU A 33 1.89 -8.96 -10.27
C GLU A 33 2.89 -7.99 -9.64
N GLU A 34 2.40 -6.84 -9.25
CA GLU A 34 3.24 -5.81 -8.64
C GLU A 34 3.19 -5.89 -7.12
N GLY A 35 4.19 -5.33 -6.47
CA GLY A 35 4.21 -5.33 -5.03
C GLY A 35 4.71 -6.62 -4.47
N GLN A 36 5.42 -7.40 -5.29
CA GLN A 36 5.96 -8.64 -4.79
C GLN A 36 7.20 -8.34 -3.97
N GLU A 37 6.93 -7.84 -2.77
CA GLU A 37 7.95 -7.47 -1.81
C GLU A 37 7.35 -7.56 -0.42
N ASN A 38 8.08 -7.09 0.58
CA ASN A 38 7.58 -7.09 1.94
C ASN A 38 7.74 -5.70 2.52
N VAL A 39 6.62 -5.05 2.79
CA VAL A 39 6.65 -3.70 3.33
C VAL A 39 5.91 -3.63 4.66
N GLU A 40 6.34 -2.69 5.47
CA GLU A 40 5.80 -2.47 6.79
C GLU A 40 4.95 -1.21 6.81
N ILE A 41 3.76 -1.32 7.36
CA ILE A 41 2.86 -0.18 7.44
C ILE A 41 3.00 0.50 8.80
N LEU A 42 3.46 1.73 8.78
CA LEU A 42 3.68 2.49 10.00
C LEU A 42 2.88 3.78 9.92
N PRO A 43 2.53 4.38 11.06
CA PRO A 43 1.82 5.64 11.09
C PRO A 43 2.81 6.79 11.01
N SER A 44 2.67 7.65 10.00
CA SER A 44 3.56 8.78 9.83
C SER A 44 3.46 9.75 11.01
N GLY A 45 4.43 9.72 11.91
CA GLY A 45 4.39 10.61 13.06
C GLY A 45 5.70 11.34 13.28
N GLU A 46 6.81 10.73 12.89
CA GLU A 46 8.11 11.33 13.06
C GLU A 46 8.78 11.51 11.72
N ARG A 47 8.45 10.57 10.87
CA ARG A 47 8.91 10.49 9.50
C ARG A 47 10.44 10.34 9.45
N PRO A 48 10.94 9.11 9.57
CA PRO A 48 12.37 8.83 9.53
C PRO A 48 12.98 9.18 8.18
N GLN A 49 13.99 10.04 8.20
CA GLN A 49 14.66 10.47 7.00
C GLN A 49 16.17 10.47 7.20
N ALA A 50 16.90 10.42 6.10
CA ALA A 50 18.35 10.41 6.15
C ALA A 50 18.92 11.16 4.96
N ASN A 51 20.22 11.42 4.99
CA ASN A 51 20.90 12.13 3.91
C ASN A 51 21.21 11.20 2.74
N GLN A 52 20.28 10.30 2.44
CA GLN A 52 20.45 9.35 1.36
C GLN A 52 19.38 9.54 0.31
N LYS A 53 19.65 9.08 -0.89
CA LYS A 53 18.69 9.19 -1.98
C LYS A 53 17.80 7.95 -1.95
N ARG A 54 16.49 8.17 -1.90
CA ARG A 54 15.52 7.07 -1.88
C ARG A 54 15.81 6.12 -3.04
N ILE A 55 16.03 4.85 -2.72
CA ILE A 55 16.41 3.87 -3.72
C ILE A 55 15.23 3.13 -4.35
N THR A 56 14.04 3.29 -3.79
CA THR A 56 12.89 2.62 -4.36
C THR A 56 11.97 3.61 -5.07
N THR A 57 10.84 3.13 -5.58
CA THR A 57 9.92 3.98 -6.30
C THR A 57 8.90 4.65 -5.40
N PRO A 58 8.70 5.97 -5.59
CA PRO A 58 7.72 6.73 -4.83
C PRO A 58 6.34 6.50 -5.41
N TYR A 59 5.79 5.33 -5.15
CA TYR A 59 4.49 4.93 -5.68
C TYR A 59 3.83 4.04 -4.66
N MET A 60 2.55 3.87 -4.80
CA MET A 60 1.83 3.01 -3.92
C MET A 60 1.12 1.94 -4.74
N THR A 61 1.80 0.81 -4.90
CA THR A 61 1.27 -0.30 -5.66
C THR A 61 -0.02 -0.79 -5.00
N LYS A 62 -0.78 -1.65 -5.68
CA LYS A 62 -2.00 -2.17 -5.09
C LYS A 62 -1.64 -2.96 -3.85
N TYR A 63 -0.40 -3.47 -3.82
CA TYR A 63 0.09 -4.24 -2.69
C TYR A 63 0.22 -3.34 -1.48
N GLU A 64 1.00 -2.26 -1.64
CA GLU A 64 1.19 -1.28 -0.57
C GLU A 64 -0.16 -0.69 -0.19
N ARG A 65 -0.94 -0.39 -1.21
CA ARG A 65 -2.27 0.18 -1.06
C ARG A 65 -3.16 -0.75 -0.23
N ALA A 66 -3.15 -2.03 -0.54
CA ALA A 66 -3.96 -3.00 0.19
C ALA A 66 -3.52 -3.08 1.64
N ARG A 67 -2.20 -3.11 1.84
CA ARG A 67 -1.62 -3.17 3.18
C ARG A 67 -2.00 -1.93 3.99
N VAL A 68 -1.95 -0.78 3.33
CA VAL A 68 -2.29 0.49 3.96
C VAL A 68 -3.79 0.61 4.20
N LEU A 69 -4.59 0.21 3.21
CA LEU A 69 -6.04 0.28 3.33
C LEU A 69 -6.50 -0.54 4.51
N GLY A 70 -6.00 -1.77 4.61
CA GLY A 70 -6.35 -2.62 5.73
C GLY A 70 -5.97 -1.96 7.04
N THR A 71 -4.81 -1.30 7.05
CA THR A 71 -4.32 -0.62 8.23
C THR A 71 -5.24 0.54 8.61
N ARG A 72 -5.70 1.29 7.63
CA ARG A 72 -6.60 2.40 7.89
C ARG A 72 -7.95 1.87 8.27
N ALA A 73 -8.35 0.79 7.63
CA ALA A 73 -9.61 0.14 7.93
C ALA A 73 -9.60 -0.29 9.39
N LEU A 74 -8.39 -0.47 9.90
CA LEU A 74 -8.20 -0.88 11.29
C LEU A 74 -8.43 0.33 12.18
N GLN A 75 -8.05 1.50 11.68
CA GLN A 75 -8.23 2.73 12.43
C GLN A 75 -9.71 3.00 12.68
N ILE A 76 -10.53 2.94 11.63
CA ILE A 76 -11.98 3.16 11.77
C ILE A 76 -12.54 2.13 12.74
N ALA A 77 -12.05 0.91 12.63
CA ALA A 77 -12.46 -0.18 13.51
C ALA A 77 -12.12 0.15 14.96
N MET A 78 -11.12 1.00 15.15
CA MET A 78 -10.68 1.42 16.46
C MET A 78 -11.36 2.73 16.87
N CYS A 79 -12.46 3.03 16.18
CA CYS A 79 -13.26 4.25 16.44
C CYS A 79 -12.58 5.53 15.96
N ALA A 80 -11.84 5.43 14.85
CA ALA A 80 -11.17 6.60 14.29
C ALA A 80 -12.09 7.33 13.33
N PRO A 81 -12.16 8.66 13.43
CA PRO A 81 -13.00 9.48 12.56
C PRO A 81 -12.57 9.44 11.11
N VAL A 82 -13.54 9.33 10.21
CA VAL A 82 -13.28 9.29 8.78
C VAL A 82 -13.06 10.71 8.25
N MET A 83 -12.13 10.87 7.32
CA MET A 83 -11.80 12.18 6.76
C MET A 83 -12.54 12.46 5.44
N VAL A 84 -13.41 11.54 5.04
CA VAL A 84 -14.17 11.72 3.81
C VAL A 84 -15.66 11.54 4.05
N GLU A 85 -16.47 12.06 3.14
CA GLU A 85 -17.91 11.98 3.26
C GLU A 85 -18.40 10.58 2.86
N LEU A 86 -19.40 10.09 3.57
CA LEU A 86 -19.94 8.76 3.30
C LEU A 86 -21.18 8.87 2.41
N GLU A 87 -21.00 8.47 1.17
CA GLU A 87 -22.07 8.51 0.18
C GLU A 87 -22.62 7.10 -0.04
N GLY A 88 -22.71 6.37 1.06
CA GLY A 88 -23.19 5.01 1.02
C GLY A 88 -22.20 4.04 1.62
N GLU A 89 -21.00 4.54 1.92
CA GLU A 89 -19.98 3.71 2.52
C GLU A 89 -20.25 3.58 4.01
N THR A 90 -19.92 2.44 4.56
CA THR A 90 -20.13 2.19 5.98
C THR A 90 -19.09 1.20 6.52
N ASP A 91 -18.31 0.63 5.62
CA ASP A 91 -17.29 -0.33 6.01
C ASP A 91 -15.94 0.35 6.08
N PRO A 92 -15.18 0.08 7.16
CA PRO A 92 -13.85 0.68 7.37
C PRO A 92 -12.94 0.55 6.15
N LEU A 93 -12.97 -0.59 5.48
CA LEU A 93 -12.13 -0.78 4.29
C LEU A 93 -12.63 0.11 3.17
N LEU A 94 -13.92 -0.03 2.88
CA LEU A 94 -14.58 0.76 1.83
C LEU A 94 -14.24 2.23 1.99
N ILE A 95 -14.41 2.72 3.22
CA ILE A 95 -14.12 4.10 3.55
C ILE A 95 -12.62 4.39 3.40
N ALA A 96 -11.79 3.45 3.84
CA ALA A 96 -10.34 3.59 3.71
C ALA A 96 -9.96 3.77 2.25
N MET A 97 -10.68 3.04 1.39
CA MET A 97 -10.45 3.11 -0.05
C MET A 97 -10.79 4.51 -0.55
N LYS A 98 -11.80 5.12 0.05
CA LYS A 98 -12.22 6.45 -0.34
C LYS A 98 -11.22 7.47 0.15
N GLU A 99 -10.75 7.28 1.38
CA GLU A 99 -9.77 8.18 1.98
C GLU A 99 -8.46 8.12 1.20
N LEU A 100 -8.08 6.94 0.77
CA LEU A 100 -6.85 6.80 0.00
C LEU A 100 -6.99 7.57 -1.30
N LYS A 101 -8.08 7.32 -1.99
CA LYS A 101 -8.37 8.00 -3.26
C LYS A 101 -8.43 9.51 -3.07
N ALA A 102 -8.74 9.89 -1.86
CA ALA A 102 -8.82 11.30 -1.50
C ALA A 102 -7.49 11.78 -0.93
N ARG A 103 -6.57 10.84 -0.77
CA ARG A 103 -5.25 11.08 -0.21
C ARG A 103 -5.37 11.63 1.21
N LYS A 104 -6.14 10.94 2.04
CA LYS A 104 -6.34 11.32 3.44
C LYS A 104 -5.78 10.27 4.39
N ILE A 105 -4.93 9.43 3.88
CA ILE A 105 -4.32 8.39 4.71
C ILE A 105 -2.89 8.75 5.08
N PRO A 106 -2.66 9.20 6.32
CA PRO A 106 -1.34 9.54 6.80
C PRO A 106 -0.65 8.28 7.31
N ILE A 107 0.24 7.73 6.50
CA ILE A 107 0.94 6.51 6.86
C ILE A 107 2.31 6.45 6.19
N ILE A 108 3.22 5.76 6.84
CA ILE A 108 4.56 5.57 6.34
C ILE A 108 4.74 4.11 5.92
N ILE A 109 5.14 3.93 4.68
CA ILE A 109 5.36 2.60 4.15
C ILE A 109 6.83 2.27 4.14
N ARG A 110 7.18 1.40 5.04
CA ARG A 110 8.54 0.97 5.14
C ARG A 110 8.71 -0.22 4.20
N ARG A 111 9.39 -0.02 3.10
CA ARG A 111 9.57 -1.08 2.14
C ARG A 111 10.92 -1.76 2.40
N TYR A 112 10.88 -3.04 2.75
CA TYR A 112 12.12 -3.76 3.04
C TYR A 112 12.87 -4.09 1.76
N LEU A 113 14.19 -3.93 1.81
CA LEU A 113 15.03 -4.18 0.66
C LEU A 113 15.43 -5.66 0.62
N PRO A 114 15.69 -6.21 -0.58
CA PRO A 114 16.07 -7.61 -0.76
C PRO A 114 17.40 -7.94 -0.08
N ASP A 115 18.12 -6.90 0.34
CA ASP A 115 19.41 -7.07 0.99
C ASP A 115 19.21 -7.30 2.50
N GLY A 116 18.05 -6.92 2.99
CA GLY A 116 17.75 -7.10 4.40
C GLY A 116 17.41 -5.79 5.10
N SER A 117 17.62 -4.67 4.42
CA SER A 117 17.33 -3.37 5.00
C SER A 117 15.90 -2.95 4.67
N TYR A 118 15.62 -1.66 4.82
CA TYR A 118 14.29 -1.14 4.53
C TYR A 118 14.35 0.37 4.29
N GLU A 119 13.38 0.87 3.55
CA GLU A 119 13.29 2.29 3.26
C GLU A 119 11.93 2.80 3.71
N ASP A 120 11.95 3.85 4.51
CA ASP A 120 10.72 4.44 5.06
C ASP A 120 10.15 5.48 4.09
N TRP A 121 8.93 5.20 3.62
CA TRP A 121 8.24 6.06 2.67
C TRP A 121 6.98 6.67 3.25
N GLY A 122 6.58 7.83 2.76
CA GLY A 122 5.36 8.44 3.21
C GLY A 122 4.35 8.44 2.07
N VAL A 123 3.07 8.20 2.36
CA VAL A 123 2.05 8.18 1.30
C VAL A 123 2.05 9.48 0.50
N ASP A 124 2.30 10.59 1.17
CA ASP A 124 2.34 11.89 0.53
C ASP A 124 3.52 12.00 -0.41
N GLU A 125 4.53 11.16 -0.18
CA GLU A 125 5.72 11.11 -1.02
C GLU A 125 5.54 10.02 -2.06
N LEU A 126 4.37 9.38 -2.05
CA LEU A 126 4.08 8.30 -2.96
C LEU A 126 3.06 8.67 -4.03
N ILE A 127 3.40 8.31 -5.25
CA ILE A 127 2.53 8.55 -6.38
C ILE A 127 1.54 7.41 -6.40
N ILE A 128 0.34 7.69 -5.97
CA ILE A 128 -0.69 6.68 -5.89
C ILE A 128 -1.33 6.39 -7.23
N THR A 129 -1.80 5.17 -7.36
CA THR A 129 -2.49 4.76 -8.54
C THR A 129 -3.93 4.46 -8.21
N ASP A 130 -4.78 5.42 -8.61
CA ASP A 130 -6.23 5.39 -8.40
C ASP A 130 -6.58 6.00 -7.04
N MET A 4 12.83 -32.06 -19.50
CA MET A 4 13.91 -31.02 -19.45
C MET A 4 13.31 -29.72 -19.91
N SER A 5 13.29 -29.52 -21.22
CA SER A 5 12.67 -28.35 -21.79
C SER A 5 11.69 -28.87 -22.83
N ASP A 6 10.65 -29.49 -22.32
CA ASP A 6 9.63 -30.08 -23.13
C ASP A 6 8.35 -29.26 -23.06
N ASN A 7 7.71 -29.33 -21.90
CA ASN A 7 6.46 -28.62 -21.67
C ASN A 7 6.47 -27.94 -20.31
N GLU A 8 7.30 -28.45 -19.40
CA GLU A 8 7.39 -27.94 -18.04
C GLU A 8 7.93 -26.51 -17.97
N ASP A 9 8.76 -26.15 -18.94
CA ASP A 9 9.35 -24.81 -18.95
C ASP A 9 8.92 -24.02 -20.19
N ASN A 10 8.47 -24.72 -21.21
CA ASN A 10 8.06 -24.07 -22.45
C ASN A 10 6.56 -23.82 -22.48
N PHE A 11 5.86 -24.25 -21.45
CA PHE A 11 4.41 -24.05 -21.37
C PHE A 11 3.99 -23.74 -19.95
N ASP A 12 3.10 -22.77 -19.81
CA ASP A 12 2.60 -22.38 -18.49
C ASP A 12 1.20 -22.94 -18.29
N GLY A 13 0.81 -23.11 -17.04
CA GLY A 13 -0.50 -23.67 -16.75
C GLY A 13 -0.48 -25.18 -16.77
N ASP A 14 0.71 -25.74 -16.64
CA ASP A 14 0.91 -27.19 -16.65
C ASP A 14 0.58 -27.77 -15.28
N ASP A 15 0.46 -29.08 -15.20
CA ASP A 15 0.15 -29.78 -13.94
C ASP A 15 1.38 -29.87 -13.04
N PHE A 16 2.18 -28.81 -13.03
CA PHE A 16 3.37 -28.78 -12.22
C PHE A 16 3.06 -28.21 -10.85
N ASP A 17 3.11 -29.08 -9.85
CA ASP A 17 2.85 -28.68 -8.46
C ASP A 17 4.01 -27.84 -7.92
N ASP A 18 3.81 -27.24 -6.76
CA ASP A 18 4.83 -26.39 -6.14
C ASP A 18 6.03 -27.22 -5.68
N VAL A 19 7.19 -26.57 -5.62
CA VAL A 19 8.42 -27.25 -5.21
C VAL A 19 9.32 -26.28 -4.43
N GLU A 20 10.34 -26.85 -3.80
CA GLU A 20 11.29 -26.06 -3.02
C GLU A 20 12.11 -25.15 -3.93
N GLU A 21 12.85 -24.22 -3.32
CA GLU A 21 13.68 -23.28 -4.07
C GLU A 21 14.79 -24.01 -4.83
N ASP A 22 14.58 -24.20 -6.12
CA ASP A 22 15.56 -24.87 -6.98
C ASP A 22 16.20 -23.86 -7.93
N GLU A 23 17.14 -24.33 -8.75
CA GLU A 23 17.84 -23.48 -9.70
C GLU A 23 16.90 -23.08 -10.84
N GLY A 24 17.37 -22.16 -11.68
CA GLY A 24 16.56 -21.69 -12.79
C GLY A 24 16.14 -20.25 -12.60
N LEU A 25 16.87 -19.55 -11.74
CA LEU A 25 16.58 -18.15 -11.46
C LEU A 25 17.30 -17.25 -12.46
N ASP A 26 16.60 -16.89 -13.53
CA ASP A 26 17.18 -16.04 -14.57
C ASP A 26 17.20 -14.59 -14.13
N ASP A 27 18.02 -13.79 -14.80
CA ASP A 27 18.16 -12.37 -14.49
C ASP A 27 17.21 -11.55 -15.36
N LEU A 28 16.93 -12.06 -16.56
CA LEU A 28 16.07 -11.36 -17.50
C LEU A 28 14.63 -11.85 -17.40
N GLU A 29 14.37 -12.71 -16.41
CA GLU A 29 13.03 -13.25 -16.21
C GLU A 29 12.55 -12.92 -14.80
N ASN A 30 11.32 -12.45 -14.70
CA ASN A 30 10.73 -12.11 -13.43
C ASN A 30 9.22 -11.96 -13.55
N ALA A 31 8.52 -13.10 -13.63
CA ALA A 31 7.07 -13.12 -13.73
C ALA A 31 6.45 -12.78 -12.37
N GLU A 32 6.66 -11.55 -11.94
CA GLU A 32 6.15 -11.08 -10.66
C GLU A 32 5.00 -10.09 -10.85
N GLU A 33 4.76 -9.28 -9.83
CA GLU A 33 3.70 -8.28 -9.86
C GLU A 33 4.18 -7.01 -9.15
N GLU A 34 3.37 -5.97 -9.15
CA GLU A 34 3.76 -4.72 -8.52
C GLU A 34 3.55 -4.77 -7.01
N GLY A 35 4.65 -4.85 -6.27
CA GLY A 35 4.55 -4.87 -4.84
C GLY A 35 4.88 -6.22 -4.25
N GLN A 36 5.49 -7.10 -5.02
CA GLN A 36 5.84 -8.40 -4.49
C GLN A 36 7.10 -8.25 -3.64
N GLU A 37 6.88 -7.73 -2.45
CA GLU A 37 7.94 -7.49 -1.47
C GLU A 37 7.32 -7.49 -0.07
N ASN A 38 8.07 -7.05 0.91
CA ASN A 38 7.58 -6.97 2.27
C ASN A 38 7.74 -5.55 2.80
N VAL A 39 6.62 -4.88 3.03
CA VAL A 39 6.66 -3.52 3.54
C VAL A 39 5.92 -3.40 4.86
N GLU A 40 6.37 -2.44 5.66
CA GLU A 40 5.78 -2.16 6.95
C GLU A 40 4.89 -0.94 6.87
N ILE A 41 3.72 -1.05 7.47
CA ILE A 41 2.78 0.05 7.50
C ILE A 41 2.86 0.76 8.84
N LEU A 42 3.49 1.92 8.84
CA LEU A 42 3.67 2.69 10.06
C LEU A 42 2.81 3.94 9.98
N PRO A 43 2.44 4.53 11.11
CA PRO A 43 1.66 5.76 11.09
C PRO A 43 2.61 6.95 10.96
N SER A 44 2.43 7.77 9.93
CA SER A 44 3.31 8.90 9.71
C SER A 44 3.11 9.97 10.79
N GLY A 45 4.04 10.04 11.73
CA GLY A 45 3.93 11.04 12.78
C GLY A 45 5.27 11.54 13.27
N GLU A 46 6.34 10.98 12.73
CA GLU A 46 7.69 11.35 13.13
C GLU A 46 8.56 11.57 11.90
N ARG A 47 8.28 10.74 10.94
CA ARG A 47 8.96 10.72 9.65
C ARG A 47 10.42 10.32 9.83
N PRO A 48 10.70 9.00 9.86
CA PRO A 48 12.06 8.49 10.03
C PRO A 48 12.91 8.68 8.79
N GLN A 49 14.13 9.10 9.03
CA GLN A 49 15.08 9.35 7.97
C GLN A 49 16.43 8.78 8.35
N ALA A 50 17.08 8.12 7.42
CA ALA A 50 18.38 7.53 7.65
C ALA A 50 19.45 8.22 6.80
N ASN A 51 20.68 7.74 6.88
CA ASN A 51 21.78 8.31 6.12
C ASN A 51 21.80 7.75 4.70
N GLN A 52 20.62 7.58 4.13
CA GLN A 52 20.48 7.05 2.78
C GLN A 52 19.42 7.80 2.00
N LYS A 53 19.32 7.47 0.71
CA LYS A 53 18.33 8.07 -0.16
C LYS A 53 17.47 6.96 -0.74
N ARG A 54 16.16 7.14 -0.68
CA ARG A 54 15.21 6.15 -1.17
C ARG A 54 15.54 5.71 -2.59
N ILE A 55 15.60 4.40 -2.80
CA ILE A 55 15.95 3.83 -4.10
C ILE A 55 14.75 3.15 -4.78
N THR A 56 13.76 2.73 -3.99
CA THR A 56 12.60 2.07 -4.57
C THR A 56 11.68 3.09 -5.24
N THR A 57 10.55 2.64 -5.74
CA THR A 57 9.64 3.52 -6.44
C THR A 57 8.69 4.25 -5.49
N PRO A 58 8.63 5.58 -5.58
CA PRO A 58 7.73 6.39 -4.77
C PRO A 58 6.31 6.30 -5.32
N TYR A 59 5.69 5.16 -5.09
CA TYR A 59 4.37 4.86 -5.59
C TYR A 59 3.66 3.99 -4.58
N MET A 60 2.38 3.86 -4.73
CA MET A 60 1.62 3.02 -3.86
C MET A 60 0.90 1.98 -4.71
N THR A 61 1.54 0.83 -4.88
CA THR A 61 0.98 -0.25 -5.69
C THR A 61 -0.26 -0.80 -5.01
N LYS A 62 -0.89 -1.79 -5.62
CA LYS A 62 -2.06 -2.39 -5.00
C LYS A 62 -1.61 -3.06 -3.72
N TYR A 63 -0.33 -3.42 -3.67
CA TYR A 63 0.26 -4.08 -2.51
C TYR A 63 0.33 -3.09 -1.36
N GLU A 64 1.04 -2.00 -1.57
CA GLU A 64 1.16 -0.97 -0.55
C GLU A 64 -0.24 -0.51 -0.14
N ARG A 65 -1.06 -0.24 -1.16
CA ARG A 65 -2.43 0.21 -0.98
C ARG A 65 -3.23 -0.77 -0.12
N ALA A 66 -3.16 -2.06 -0.46
CA ALA A 66 -3.91 -3.06 0.30
C ALA A 66 -3.47 -3.10 1.75
N ARG A 67 -2.15 -3.05 1.95
CA ARG A 67 -1.58 -3.07 3.28
C ARG A 67 -1.99 -1.82 4.07
N VAL A 68 -1.92 -0.68 3.41
CA VAL A 68 -2.26 0.59 4.01
C VAL A 68 -3.76 0.71 4.27
N LEU A 69 -4.56 0.28 3.29
CA LEU A 69 -6.02 0.34 3.43
C LEU A 69 -6.45 -0.48 4.62
N GLY A 70 -5.94 -1.70 4.71
CA GLY A 70 -6.26 -2.55 5.84
C GLY A 70 -5.88 -1.89 7.14
N THR A 71 -4.76 -1.17 7.13
CA THR A 71 -4.29 -0.47 8.31
C THR A 71 -5.24 0.67 8.68
N ARG A 72 -5.72 1.41 7.68
CA ARG A 72 -6.64 2.50 7.94
C ARG A 72 -7.98 1.93 8.31
N ALA A 73 -8.32 0.81 7.70
CA ALA A 73 -9.55 0.12 8.00
C ALA A 73 -9.52 -0.31 9.45
N LEU A 74 -8.30 -0.45 9.98
CA LEU A 74 -8.11 -0.83 11.36
C LEU A 74 -8.34 0.39 12.24
N GLN A 75 -8.03 1.56 11.69
CA GLN A 75 -8.22 2.80 12.42
C GLN A 75 -9.71 2.98 12.72
N ILE A 76 -10.55 2.91 11.68
CA ILE A 76 -12.00 3.06 11.85
C ILE A 76 -12.51 1.99 12.81
N ALA A 77 -11.97 0.79 12.65
CA ALA A 77 -12.34 -0.34 13.52
C ALA A 77 -12.07 -0.01 14.98
N MET A 78 -11.10 0.87 15.23
CA MET A 78 -10.74 1.28 16.57
C MET A 78 -11.52 2.54 16.97
N CYS A 79 -12.67 2.75 16.33
CA CYS A 79 -13.55 3.88 16.59
C CYS A 79 -12.97 5.21 16.10
N ALA A 80 -12.28 5.18 14.96
CA ALA A 80 -11.70 6.39 14.40
C ALA A 80 -12.70 7.05 13.44
N PRO A 81 -12.97 8.35 13.64
CA PRO A 81 -13.90 9.09 12.80
C PRO A 81 -13.41 9.25 11.36
N VAL A 82 -14.32 9.05 10.42
CA VAL A 82 -14.00 9.17 9.01
C VAL A 82 -13.91 10.65 8.63
N MET A 83 -12.86 11.03 7.90
CA MET A 83 -12.67 12.42 7.51
C MET A 83 -13.16 12.70 6.10
N VAL A 84 -13.99 11.82 5.57
CA VAL A 84 -14.55 11.99 4.23
C VAL A 84 -16.03 11.66 4.23
N GLU A 85 -16.72 12.10 3.19
CA GLU A 85 -18.15 11.85 3.06
C GLU A 85 -18.39 10.40 2.63
N LEU A 86 -19.55 9.86 2.97
CA LEU A 86 -19.91 8.49 2.63
C LEU A 86 -21.01 8.45 1.58
N GLU A 87 -20.62 8.15 0.35
CA GLU A 87 -21.57 8.07 -0.76
C GLU A 87 -22.01 6.62 -0.95
N GLY A 88 -22.19 5.94 0.17
CA GLY A 88 -22.58 4.55 0.13
C GLY A 88 -21.61 3.67 0.89
N GLU A 89 -20.49 4.25 1.30
CA GLU A 89 -19.49 3.50 2.05
C GLU A 89 -19.94 3.35 3.49
N THR A 90 -19.64 2.21 4.07
CA THR A 90 -20.02 1.96 5.46
C THR A 90 -19.01 1.00 6.10
N ASP A 91 -18.12 0.46 5.28
CA ASP A 91 -17.12 -0.47 5.77
C ASP A 91 -15.77 0.24 5.88
N PRO A 92 -15.03 -0.03 6.98
CA PRO A 92 -13.72 0.55 7.22
C PRO A 92 -12.79 0.52 6.01
N LEU A 93 -12.79 -0.60 5.28
CA LEU A 93 -11.95 -0.71 4.09
C LEU A 93 -12.44 0.22 3.00
N LEU A 94 -13.72 0.10 2.70
CA LEU A 94 -14.37 0.94 1.69
C LEU A 94 -14.06 2.40 1.95
N ILE A 95 -14.24 2.80 3.20
CA ILE A 95 -14.00 4.16 3.62
C ILE A 95 -12.50 4.48 3.56
N ALA A 96 -11.66 3.49 3.84
CA ALA A 96 -10.22 3.66 3.75
C ALA A 96 -9.85 4.01 2.32
N MET A 97 -10.58 3.42 1.39
CA MET A 97 -10.38 3.67 -0.03
C MET A 97 -10.76 5.10 -0.36
N LYS A 98 -11.77 5.60 0.34
CA LYS A 98 -12.24 6.97 0.14
C LYS A 98 -11.15 7.95 0.55
N GLU A 99 -10.57 7.71 1.73
CA GLU A 99 -9.50 8.57 2.24
C GLU A 99 -8.27 8.45 1.37
N LEU A 100 -8.03 7.25 0.85
CA LEU A 100 -6.89 7.04 -0.03
C LEU A 100 -7.06 7.86 -1.29
N LYS A 101 -8.19 7.69 -1.95
CA LYS A 101 -8.49 8.44 -3.17
C LYS A 101 -8.47 9.93 -2.92
N ALA A 102 -8.67 10.29 -1.68
CA ALA A 102 -8.67 11.68 -1.25
C ALA A 102 -7.30 12.06 -0.70
N ARG A 103 -6.39 11.09 -0.72
CA ARG A 103 -5.01 11.24 -0.25
C ARG A 103 -4.97 11.78 1.18
N LYS A 104 -5.84 11.27 2.04
CA LYS A 104 -5.89 11.73 3.43
C LYS A 104 -5.46 10.65 4.41
N ILE A 105 -4.91 9.58 3.90
CA ILE A 105 -4.40 8.50 4.74
C ILE A 105 -2.97 8.83 5.19
N PRO A 106 -2.79 9.20 6.46
CA PRO A 106 -1.46 9.52 6.99
C PRO A 106 -0.77 8.24 7.44
N ILE A 107 0.14 7.74 6.62
CA ILE A 107 0.85 6.52 6.92
C ILE A 107 2.22 6.50 6.25
N ILE A 108 3.14 5.81 6.90
CA ILE A 108 4.49 5.66 6.40
C ILE A 108 4.71 4.21 5.99
N ILE A 109 5.09 4.03 4.74
CA ILE A 109 5.31 2.70 4.20
C ILE A 109 6.79 2.40 4.14
N ARG A 110 7.21 1.52 5.01
CA ARG A 110 8.57 1.12 5.03
C ARG A 110 8.74 -0.10 4.17
N ARG A 111 9.35 0.06 3.02
CA ARG A 111 9.53 -1.04 2.09
C ARG A 111 10.90 -1.67 2.31
N TYR A 112 10.96 -2.99 2.32
CA TYR A 112 12.23 -3.69 2.51
C TYR A 112 12.85 -4.08 1.18
N LEU A 113 14.16 -4.16 1.16
CA LEU A 113 14.88 -4.54 -0.04
C LEU A 113 15.33 -6.00 0.08
N PRO A 114 15.56 -6.67 -1.06
CA PRO A 114 16.02 -8.07 -1.08
C PRO A 114 17.39 -8.24 -0.43
N ASP A 115 18.07 -7.13 -0.17
CA ASP A 115 19.38 -7.15 0.45
C ASP A 115 19.25 -7.21 1.97
N GLY A 116 18.09 -6.79 2.47
CA GLY A 116 17.86 -6.80 3.90
C GLY A 116 17.61 -5.41 4.46
N SER A 117 17.74 -4.39 3.62
CA SER A 117 17.54 -3.02 4.05
C SER A 117 16.07 -2.61 3.89
N TYR A 118 15.77 -1.36 4.17
CA TYR A 118 14.41 -0.84 4.06
C TYR A 118 14.42 0.68 3.94
N GLU A 119 13.31 1.24 3.46
CA GLU A 119 13.16 2.68 3.33
C GLU A 119 11.82 3.12 3.90
N ASP A 120 11.83 4.16 4.71
CA ASP A 120 10.60 4.68 5.28
C ASP A 120 9.98 5.68 4.31
N TRP A 121 8.89 5.26 3.68
CA TRP A 121 8.19 6.09 2.71
C TRP A 121 6.96 6.72 3.31
N GLY A 122 6.58 7.86 2.78
CA GLY A 122 5.37 8.51 3.23
C GLY A 122 4.36 8.48 2.11
N VAL A 123 3.07 8.31 2.41
CA VAL A 123 2.06 8.28 1.35
C VAL A 123 2.15 9.55 0.50
N ASP A 124 2.47 10.67 1.15
CA ASP A 124 2.62 11.95 0.46
C ASP A 124 3.81 11.92 -0.49
N GLU A 125 4.81 11.13 -0.13
CA GLU A 125 6.01 10.96 -0.95
C GLU A 125 5.75 9.89 -2.00
N LEU A 126 4.57 9.30 -1.94
CA LEU A 126 4.19 8.23 -2.85
C LEU A 126 3.15 8.64 -3.86
N ILE A 127 3.40 8.25 -5.10
CA ILE A 127 2.47 8.49 -6.18
C ILE A 127 1.49 7.34 -6.15
N ILE A 128 0.31 7.60 -5.64
CA ILE A 128 -0.70 6.58 -5.48
C ILE A 128 -1.36 6.18 -6.79
N THR A 129 -1.71 4.91 -6.83
CA THR A 129 -2.42 4.34 -7.94
C THR A 129 -3.48 3.41 -7.41
N ASP A 130 -4.71 3.88 -7.49
CA ASP A 130 -5.84 3.14 -6.98
C ASP A 130 -7.10 3.46 -7.75
N MET A 4 19.02 13.03 -38.26
CA MET A 4 19.88 12.61 -37.12
C MET A 4 19.08 11.67 -36.24
N SER A 5 19.39 11.62 -34.96
CA SER A 5 18.63 10.77 -34.06
C SER A 5 17.37 11.52 -33.64
N ASP A 6 16.46 11.65 -34.60
CA ASP A 6 15.20 12.34 -34.40
C ASP A 6 14.04 11.35 -34.31
N ASN A 7 13.68 10.80 -35.47
CA ASN A 7 12.59 9.86 -35.55
C ASN A 7 12.94 8.65 -36.42
N GLU A 8 13.57 8.91 -37.55
CA GLU A 8 13.93 7.87 -38.51
C GLU A 8 14.76 6.75 -37.91
N ASP A 9 15.78 7.10 -37.15
CA ASP A 9 16.65 6.10 -36.53
C ASP A 9 16.16 5.71 -35.13
N ASN A 10 15.14 6.41 -34.67
CA ASN A 10 14.59 6.14 -33.34
C ASN A 10 13.16 5.63 -33.44
N PHE A 11 12.83 5.03 -34.58
CA PHE A 11 11.50 4.51 -34.80
C PHE A 11 11.37 3.12 -34.16
N ASP A 12 10.80 3.10 -32.96
CA ASP A 12 10.61 1.86 -32.22
C ASP A 12 9.31 1.93 -31.42
N GLY A 13 8.93 0.84 -30.80
CA GLY A 13 7.70 0.81 -30.02
C GLY A 13 6.63 -0.04 -30.67
N ASP A 14 7.06 -0.93 -31.55
CA ASP A 14 6.13 -1.82 -32.24
C ASP A 14 6.04 -3.16 -31.53
N ASP A 15 4.91 -3.85 -31.71
CA ASP A 15 4.69 -5.14 -31.08
C ASP A 15 4.03 -6.10 -32.06
N PHE A 16 4.44 -6.03 -33.32
CA PHE A 16 3.87 -6.90 -34.34
C PHE A 16 4.65 -8.20 -34.42
N ASP A 17 4.04 -9.28 -33.98
CA ASP A 17 4.66 -10.61 -34.01
C ASP A 17 3.75 -11.57 -34.76
N ASP A 18 4.26 -12.74 -35.08
CA ASP A 18 3.50 -13.74 -35.80
C ASP A 18 2.70 -14.61 -34.82
N VAL A 19 1.86 -15.49 -35.34
CA VAL A 19 1.06 -16.35 -34.49
C VAL A 19 1.81 -17.64 -34.13
N GLU A 20 2.59 -17.56 -33.06
CA GLU A 20 3.35 -18.70 -32.59
C GLU A 20 2.81 -19.17 -31.24
N GLU A 21 2.98 -20.44 -30.94
CA GLU A 21 2.51 -21.02 -29.69
C GLU A 21 3.66 -21.15 -28.70
N ASP A 22 3.33 -21.11 -27.41
CA ASP A 22 4.33 -21.22 -26.35
C ASP A 22 3.75 -21.95 -25.15
N GLU A 23 4.58 -22.23 -24.17
CA GLU A 23 4.14 -22.94 -22.98
C GLU A 23 3.93 -21.97 -21.81
N GLY A 24 3.25 -22.43 -20.78
CA GLY A 24 2.99 -21.59 -19.62
C GLY A 24 1.66 -20.87 -19.73
N LEU A 25 0.80 -21.38 -20.58
CA LEU A 25 -0.52 -20.79 -20.79
C LEU A 25 -1.58 -21.54 -19.98
N ASP A 26 -2.28 -20.80 -19.14
CA ASP A 26 -3.32 -21.40 -18.30
C ASP A 26 -4.71 -21.08 -18.87
N ASP A 27 -5.72 -21.79 -18.37
CA ASP A 27 -7.10 -21.59 -18.83
C ASP A 27 -7.62 -20.23 -18.36
N LEU A 28 -7.34 -19.90 -17.11
CA LEU A 28 -7.76 -18.64 -16.53
C LEU A 28 -6.63 -17.63 -16.65
N GLU A 29 -5.41 -18.16 -16.69
CA GLU A 29 -4.18 -17.37 -16.83
C GLU A 29 -3.87 -16.61 -15.53
N ASN A 30 -2.64 -16.11 -15.45
CA ASN A 30 -2.17 -15.37 -14.30
C ASN A 30 -2.75 -13.96 -14.26
N ALA A 31 -4.05 -13.87 -14.07
CA ALA A 31 -4.72 -12.58 -14.00
C ALA A 31 -4.66 -12.01 -12.60
N GLU A 32 -3.58 -11.28 -12.32
CA GLU A 32 -3.37 -10.67 -11.02
C GLU A 32 -2.67 -9.34 -11.15
N GLU A 33 -2.83 -8.47 -10.16
CA GLU A 33 -2.19 -7.18 -10.16
C GLU A 33 -0.80 -7.29 -9.56
N GLU A 34 0.22 -7.16 -10.42
CA GLU A 34 1.60 -7.25 -9.99
C GLU A 34 1.98 -6.07 -9.09
N GLY A 35 3.09 -6.19 -8.39
CA GLY A 35 3.54 -5.17 -7.49
C GLY A 35 3.58 -5.68 -6.09
N GLN A 36 3.68 -7.00 -5.95
CA GLN A 36 3.72 -7.62 -4.64
C GLN A 36 5.13 -7.62 -4.10
N GLU A 37 5.53 -6.47 -3.59
CA GLU A 37 6.85 -6.31 -2.99
C GLU A 37 6.77 -6.60 -1.50
N ASN A 38 7.82 -6.26 -0.76
CA ASN A 38 7.82 -6.50 0.68
C ASN A 38 7.87 -5.18 1.45
N VAL A 39 6.77 -4.86 2.12
CA VAL A 39 6.68 -3.62 2.88
C VAL A 39 5.92 -3.81 4.18
N GLU A 40 6.14 -2.91 5.12
CA GLU A 40 5.48 -2.92 6.40
C GLU A 40 4.77 -1.59 6.58
N ILE A 41 3.55 -1.66 7.07
CA ILE A 41 2.73 -0.46 7.25
C ILE A 41 2.91 0.11 8.66
N LEU A 42 3.26 1.39 8.72
CA LEU A 42 3.46 2.07 9.98
C LEU A 42 2.63 3.35 9.98
N PRO A 43 2.23 3.87 11.14
CA PRO A 43 1.47 5.10 11.21
C PRO A 43 2.42 6.30 11.18
N SER A 44 2.22 7.19 10.21
CA SER A 44 3.08 8.37 10.09
C SER A 44 2.91 9.29 11.30
N GLY A 45 3.87 9.27 12.19
CA GLY A 45 3.80 10.12 13.37
C GLY A 45 4.99 11.04 13.49
N GLU A 46 5.98 10.83 12.64
CA GLU A 46 7.18 11.63 12.64
C GLU A 46 7.61 11.95 11.22
N ARG A 47 7.39 10.98 10.38
CA ARG A 47 7.71 11.04 8.97
C ARG A 47 9.21 11.21 8.76
N PRO A 48 9.97 10.09 8.76
CA PRO A 48 11.42 10.13 8.58
C PRO A 48 11.83 10.69 7.23
N GLN A 49 12.64 11.73 7.27
CA GLN A 49 13.13 12.37 6.06
C GLN A 49 14.56 11.95 5.80
N ALA A 50 14.96 11.98 4.54
CA ALA A 50 16.32 11.59 4.18
C ALA A 50 17.08 12.79 3.66
N ASN A 51 18.40 12.68 3.61
CA ASN A 51 19.24 13.77 3.13
C ASN A 51 19.54 13.57 1.66
N GLN A 52 18.85 12.61 1.08
CA GLN A 52 18.99 12.28 -0.33
C GLN A 52 17.65 11.82 -0.87
N LYS A 53 17.56 11.68 -2.18
CA LYS A 53 16.33 11.25 -2.83
C LYS A 53 16.03 9.80 -2.47
N ARG A 54 14.79 9.54 -2.06
CA ARG A 54 14.36 8.18 -1.73
C ARG A 54 14.71 7.28 -2.92
N ILE A 55 15.31 6.11 -2.66
CA ILE A 55 15.79 5.25 -3.75
C ILE A 55 14.73 4.36 -4.40
N THR A 56 13.72 3.91 -3.68
CA THR A 56 12.73 3.04 -4.31
C THR A 56 11.65 3.82 -5.06
N THR A 57 10.55 3.14 -5.39
CA THR A 57 9.47 3.77 -6.14
C THR A 57 8.48 4.52 -5.27
N PRO A 58 8.26 5.81 -5.58
CA PRO A 58 7.29 6.64 -4.87
C PRO A 58 5.89 6.38 -5.44
N TYR A 59 5.38 5.20 -5.15
CA TYR A 59 4.11 4.76 -5.66
C TYR A 59 3.50 3.82 -4.66
N MET A 60 2.20 3.68 -4.71
CA MET A 60 1.53 2.78 -3.82
C MET A 60 0.95 1.64 -4.64
N THR A 61 1.70 0.56 -4.74
CA THR A 61 1.30 -0.60 -5.51
C THR A 61 0.00 -1.19 -4.96
N LYS A 62 -0.58 -2.14 -5.67
CA LYS A 62 -1.80 -2.78 -5.21
C LYS A 62 -1.51 -3.43 -3.86
N TYR A 63 -0.28 -3.89 -3.70
CA TYR A 63 0.17 -4.54 -2.50
C TYR A 63 0.17 -3.55 -1.33
N GLU A 64 0.87 -2.43 -1.52
CA GLU A 64 0.94 -1.39 -0.52
C GLU A 64 -0.47 -0.87 -0.22
N ARG A 65 -1.23 -0.66 -1.29
CA ARG A 65 -2.60 -0.18 -1.21
C ARG A 65 -3.43 -1.09 -0.31
N ALA A 66 -3.35 -2.38 -0.56
CA ALA A 66 -4.11 -3.36 0.21
C ALA A 66 -3.64 -3.37 1.67
N ARG A 67 -2.33 -3.34 1.86
CA ARG A 67 -1.75 -3.33 3.18
C ARG A 67 -2.17 -2.08 3.96
N VAL A 68 -2.16 -0.95 3.28
CA VAL A 68 -2.53 0.33 3.88
C VAL A 68 -4.03 0.41 4.16
N LEU A 69 -4.85 0.01 3.19
CA LEU A 69 -6.31 0.05 3.36
C LEU A 69 -6.71 -0.73 4.59
N GLY A 70 -6.25 -1.98 4.68
CA GLY A 70 -6.56 -2.80 5.84
C GLY A 70 -6.08 -2.14 7.12
N THR A 71 -4.93 -1.49 7.06
CA THR A 71 -4.37 -0.82 8.22
C THR A 71 -5.27 0.32 8.68
N ARG A 72 -5.76 1.12 7.74
CA ARG A 72 -6.63 2.23 8.09
C ARG A 72 -7.99 1.72 8.50
N ALA A 73 -8.43 0.67 7.83
CA ALA A 73 -9.70 0.05 8.15
C ALA A 73 -9.65 -0.46 9.58
N LEU A 74 -8.43 -0.69 10.05
CA LEU A 74 -8.22 -1.16 11.41
C LEU A 74 -8.31 0.03 12.35
N GLN A 75 -7.85 1.17 11.87
CA GLN A 75 -7.89 2.39 12.66
C GLN A 75 -9.34 2.77 12.96
N ILE A 76 -10.19 2.82 11.93
CA ILE A 76 -11.61 3.16 12.14
C ILE A 76 -12.24 2.15 13.07
N ALA A 77 -11.85 0.89 12.89
CA ALA A 77 -12.35 -0.19 13.74
C ALA A 77 -11.97 0.07 15.21
N MET A 78 -10.90 0.85 15.40
CA MET A 78 -10.44 1.21 16.73
C MET A 78 -11.02 2.56 17.15
N CYS A 79 -12.16 2.91 16.54
CA CYS A 79 -12.88 4.15 16.83
C CYS A 79 -12.19 5.40 16.26
N ALA A 80 -11.58 5.25 15.09
CA ALA A 80 -10.91 6.39 14.44
C ALA A 80 -11.88 7.11 13.52
N PRO A 81 -11.87 8.45 13.55
CA PRO A 81 -12.74 9.27 12.72
C PRO A 81 -12.33 9.23 11.24
N VAL A 82 -13.32 9.41 10.37
CA VAL A 82 -13.08 9.42 8.94
C VAL A 82 -12.70 10.83 8.48
N MET A 83 -11.74 10.91 7.57
CA MET A 83 -11.26 12.21 7.09
C MET A 83 -11.68 12.45 5.64
N VAL A 84 -12.48 11.54 5.09
CA VAL A 84 -12.94 11.70 3.72
C VAL A 84 -14.44 11.88 3.64
N GLU A 85 -14.90 12.10 2.44
CA GLU A 85 -16.29 12.31 2.14
C GLU A 85 -17.01 10.97 1.99
N LEU A 86 -18.22 10.91 2.49
CA LEU A 86 -19.02 9.68 2.43
C LEU A 86 -20.23 9.86 1.52
N GLU A 87 -20.24 9.09 0.44
CA GLU A 87 -21.32 9.11 -0.53
C GLU A 87 -22.06 7.79 -0.46
N GLY A 88 -22.18 7.26 0.75
CA GLY A 88 -22.85 5.99 0.96
C GLY A 88 -21.96 4.99 1.66
N GLU A 89 -20.67 5.30 1.79
CA GLU A 89 -19.74 4.43 2.46
C GLU A 89 -19.92 4.57 3.96
N THR A 90 -19.71 3.47 4.67
CA THR A 90 -19.85 3.48 6.13
C THR A 90 -18.94 2.43 6.75
N ASP A 91 -18.41 1.55 5.92
CA ASP A 91 -17.53 0.50 6.38
C ASP A 91 -16.10 1.00 6.41
N PRO A 92 -15.33 0.67 7.47
CA PRO A 92 -13.94 1.09 7.62
C PRO A 92 -13.07 0.83 6.39
N LEU A 93 -13.23 -0.32 5.75
CA LEU A 93 -12.45 -0.62 4.55
C LEU A 93 -12.93 0.21 3.39
N LEU A 94 -14.23 0.22 3.18
CA LEU A 94 -14.85 0.98 2.12
C LEU A 94 -14.38 2.43 2.19
N ILE A 95 -14.42 2.96 3.40
CA ILE A 95 -14.01 4.32 3.68
C ILE A 95 -12.49 4.44 3.53
N ALA A 96 -11.77 3.38 3.87
CA ALA A 96 -10.32 3.36 3.72
C ALA A 96 -9.98 3.57 2.25
N MET A 97 -10.81 3.00 1.39
CA MET A 97 -10.65 3.14 -0.06
C MET A 97 -10.90 4.59 -0.45
N LYS A 98 -11.85 5.21 0.24
CA LYS A 98 -12.19 6.61 0.00
C LYS A 98 -10.99 7.48 0.36
N GLU A 99 -10.41 7.21 1.53
CA GLU A 99 -9.25 7.97 2.00
C GLU A 99 -8.06 7.75 1.11
N LEU A 100 -8.00 6.61 0.44
CA LEU A 100 -6.91 6.34 -0.45
C LEU A 100 -7.03 7.20 -1.70
N LYS A 101 -8.17 7.09 -2.35
CA LYS A 101 -8.46 7.85 -3.56
C LYS A 101 -8.48 9.35 -3.29
N ALA A 102 -8.55 9.70 -2.03
CA ALA A 102 -8.57 11.08 -1.60
C ALA A 102 -7.25 11.45 -0.93
N ARG A 103 -6.39 10.45 -0.77
CA ARG A 103 -5.08 10.59 -0.14
C ARG A 103 -5.17 11.27 1.23
N LYS A 104 -6.10 10.79 2.05
CA LYS A 104 -6.30 11.34 3.39
C LYS A 104 -5.84 10.34 4.44
N ILE A 105 -5.15 9.31 3.99
CA ILE A 105 -4.64 8.28 4.89
C ILE A 105 -3.23 8.63 5.37
N PRO A 106 -3.08 8.98 6.65
CA PRO A 106 -1.78 9.28 7.23
C PRO A 106 -1.10 7.98 7.63
N ILE A 107 -0.18 7.52 6.81
CA ILE A 107 0.53 6.27 7.06
C ILE A 107 1.88 6.26 6.36
N ILE A 108 2.81 5.54 6.94
CA ILE A 108 4.14 5.40 6.41
C ILE A 108 4.37 3.97 5.95
N ILE A 109 4.78 3.83 4.70
CA ILE A 109 5.04 2.54 4.11
C ILE A 109 6.50 2.26 4.11
N ARG A 110 6.89 1.39 5.00
CA ARG A 110 8.26 1.01 5.11
C ARG A 110 8.50 -0.16 4.17
N ARG A 111 9.19 0.10 3.08
CA ARG A 111 9.46 -0.94 2.10
C ARG A 111 10.83 -1.52 2.41
N TYR A 112 10.93 -2.84 2.47
CA TYR A 112 12.20 -3.47 2.78
C TYR A 112 13.02 -3.67 1.51
N LEU A 113 14.32 -3.44 1.61
CA LEU A 113 15.21 -3.59 0.47
C LEU A 113 15.74 -5.01 0.40
N PRO A 114 16.12 -5.48 -0.80
CA PRO A 114 16.66 -6.83 -1.00
C PRO A 114 17.99 -7.05 -0.28
N ASP A 115 18.58 -5.96 0.20
CA ASP A 115 19.85 -6.04 0.90
C ASP A 115 19.63 -6.39 2.38
N GLY A 116 18.42 -6.15 2.85
CA GLY A 116 18.08 -6.43 4.23
C GLY A 116 17.63 -5.19 4.99
N SER A 117 17.74 -4.04 4.34
CA SER A 117 17.35 -2.78 4.96
C SER A 117 15.91 -2.43 4.60
N TYR A 118 15.55 -1.16 4.78
CA TYR A 118 14.22 -0.69 4.47
C TYR A 118 14.21 0.82 4.27
N GLU A 119 13.27 1.30 3.48
CA GLU A 119 13.12 2.71 3.22
C GLU A 119 11.75 3.15 3.72
N ASP A 120 11.72 4.23 4.48
CA ASP A 120 10.48 4.76 5.04
C ASP A 120 9.80 5.71 4.08
N TRP A 121 8.65 5.30 3.58
CA TRP A 121 7.88 6.10 2.64
C TRP A 121 6.60 6.60 3.26
N GLY A 122 6.15 7.73 2.82
CA GLY A 122 4.89 8.26 3.30
C GLY A 122 3.90 8.25 2.16
N VAL A 123 2.62 8.05 2.45
CA VAL A 123 1.62 8.05 1.38
C VAL A 123 1.72 9.37 0.59
N ASP A 124 2.09 10.42 1.32
CA ASP A 124 2.26 11.76 0.76
C ASP A 124 3.36 11.75 -0.32
N GLU A 125 4.35 10.90 -0.12
CA GLU A 125 5.47 10.76 -1.07
C GLU A 125 5.15 9.68 -2.09
N LEU A 126 3.97 9.08 -1.99
CA LEU A 126 3.60 8.00 -2.88
C LEU A 126 2.54 8.38 -3.89
N ILE A 127 2.82 8.04 -5.14
CA ILE A 127 1.90 8.25 -6.23
C ILE A 127 0.99 7.03 -6.23
N ILE A 128 -0.29 7.25 -6.02
CA ILE A 128 -1.21 6.13 -5.93
C ILE A 128 -1.77 5.72 -7.28
N THR A 129 -2.05 4.43 -7.37
CA THR A 129 -2.63 3.84 -8.54
C THR A 129 -3.70 2.86 -8.11
N ASP A 130 -4.93 3.30 -8.21
CA ASP A 130 -6.08 2.51 -7.80
C ASP A 130 -7.35 3.12 -8.39
N MET A 4 -17.37 -48.70 -25.29
CA MET A 4 -18.37 -49.70 -25.75
C MET A 4 -17.87 -50.38 -27.02
N SER A 5 -17.35 -49.57 -27.93
CA SER A 5 -16.80 -50.07 -29.16
C SER A 5 -15.36 -49.62 -29.29
N ASP A 6 -14.63 -50.14 -30.27
CA ASP A 6 -13.23 -49.77 -30.47
C ASP A 6 -13.12 -48.26 -30.76
N ASN A 7 -14.22 -47.68 -31.20
CA ASN A 7 -14.28 -46.25 -31.49
C ASN A 7 -13.97 -45.43 -30.24
N GLU A 8 -14.22 -46.01 -29.07
CA GLU A 8 -13.95 -45.32 -27.80
C GLU A 8 -12.91 -46.07 -26.97
N ASP A 9 -13.01 -47.40 -26.96
CA ASP A 9 -12.09 -48.23 -26.16
C ASP A 9 -10.82 -48.59 -26.93
N ASN A 10 -10.53 -47.84 -27.99
CA ASN A 10 -9.34 -48.08 -28.79
C ASN A 10 -8.87 -46.80 -29.47
N PHE A 11 -9.80 -46.14 -30.16
CA PHE A 11 -9.49 -44.91 -30.85
C PHE A 11 -9.35 -43.76 -29.86
N ASP A 12 -8.11 -43.31 -29.67
CA ASP A 12 -7.82 -42.21 -28.76
C ASP A 12 -7.74 -40.90 -29.55
N GLY A 13 -7.66 -39.78 -28.84
CA GLY A 13 -7.59 -38.50 -29.50
C GLY A 13 -8.83 -37.66 -29.26
N ASP A 14 -9.56 -37.98 -28.21
CA ASP A 14 -10.78 -37.25 -27.86
C ASP A 14 -10.43 -35.89 -27.25
N ASP A 15 -11.38 -34.96 -27.29
CA ASP A 15 -11.16 -33.61 -26.75
C ASP A 15 -11.67 -33.52 -25.31
N PHE A 16 -11.59 -34.62 -24.58
CA PHE A 16 -12.05 -34.63 -23.20
C PHE A 16 -10.92 -34.23 -22.27
N ASP A 17 -11.04 -33.04 -21.69
CA ASP A 17 -10.06 -32.53 -20.76
C ASP A 17 -10.76 -31.81 -19.61
N ASP A 18 -9.99 -31.32 -18.65
CA ASP A 18 -10.55 -30.61 -17.50
C ASP A 18 -10.89 -29.17 -17.87
N VAL A 19 -11.52 -28.46 -16.95
CA VAL A 19 -11.91 -27.07 -17.18
C VAL A 19 -11.30 -26.15 -16.13
N GLU A 20 -10.12 -25.65 -16.40
CA GLU A 20 -9.44 -24.74 -15.49
C GLU A 20 -10.00 -23.33 -15.63
N GLU A 21 -10.88 -22.96 -14.71
CA GLU A 21 -11.50 -21.64 -14.72
C GLU A 21 -10.58 -20.61 -14.06
N ASP A 22 -10.64 -19.37 -14.51
CA ASP A 22 -9.81 -18.31 -13.97
C ASP A 22 -10.54 -17.56 -12.86
N GLU A 23 -9.78 -17.06 -11.89
CA GLU A 23 -10.34 -16.32 -10.77
C GLU A 23 -9.24 -15.54 -10.07
N GLY A 24 -9.60 -14.41 -9.47
CA GLY A 24 -8.64 -13.58 -8.78
C GLY A 24 -8.08 -12.47 -9.63
N LEU A 25 -8.30 -12.56 -10.94
CA LEU A 25 -7.80 -11.55 -11.87
C LEU A 25 -8.59 -10.26 -11.74
N ASP A 26 -7.89 -9.16 -11.50
CA ASP A 26 -8.53 -7.86 -11.35
C ASP A 26 -7.88 -6.82 -12.26
N ASP A 27 -8.68 -5.85 -12.69
CA ASP A 27 -8.21 -4.80 -13.60
C ASP A 27 -7.40 -3.75 -12.83
N LEU A 28 -7.70 -3.58 -11.56
CA LEU A 28 -7.02 -2.60 -10.72
C LEU A 28 -5.66 -3.15 -10.23
N GLU A 29 -5.20 -4.19 -10.91
CA GLU A 29 -3.93 -4.87 -10.63
C GLU A 29 -4.08 -5.88 -9.51
N ASN A 30 -4.10 -7.13 -9.91
CA ASN A 30 -4.24 -8.26 -9.01
C ASN A 30 -4.16 -9.55 -9.80
N ALA A 31 -3.38 -10.51 -9.27
CA ALA A 31 -3.16 -11.82 -9.88
C ALA A 31 -2.09 -11.72 -10.95
N GLU A 32 -0.98 -12.43 -10.71
CA GLU A 32 0.16 -12.44 -11.63
C GLU A 32 0.81 -11.06 -11.68
N GLU A 33 0.72 -10.35 -10.56
CA GLU A 33 1.27 -9.02 -10.45
C GLU A 33 2.72 -9.07 -9.96
N GLU A 34 3.54 -8.14 -10.46
CA GLU A 34 4.93 -8.08 -10.07
C GLU A 34 5.13 -6.93 -9.10
N GLY A 35 6.17 -7.01 -8.29
CA GLY A 35 6.45 -5.99 -7.32
C GLY A 35 6.11 -6.50 -5.95
N GLN A 36 6.11 -7.83 -5.82
CA GLN A 36 5.79 -8.46 -4.56
C GLN A 36 6.99 -8.39 -3.62
N GLU A 37 7.16 -7.22 -3.05
CA GLU A 37 8.22 -6.97 -2.09
C GLU A 37 7.67 -7.12 -0.67
N ASN A 38 8.43 -6.69 0.31
CA ASN A 38 7.99 -6.78 1.69
C ASN A 38 8.08 -5.41 2.34
N VAL A 39 6.92 -4.88 2.74
CA VAL A 39 6.87 -3.58 3.37
C VAL A 39 6.24 -3.66 4.75
N GLU A 40 6.41 -2.58 5.49
CA GLU A 40 5.91 -2.45 6.84
C GLU A 40 5.01 -1.22 6.92
N ILE A 41 3.78 -1.41 7.33
CA ILE A 41 2.83 -0.32 7.44
C ILE A 41 2.97 0.34 8.81
N LEU A 42 3.35 1.59 8.83
CA LEU A 42 3.52 2.31 10.08
C LEU A 42 2.68 3.57 10.07
N PRO A 43 2.20 3.99 11.23
CA PRO A 43 1.44 5.22 11.33
C PRO A 43 2.41 6.40 11.37
N SER A 44 2.27 7.33 10.45
CA SER A 44 3.16 8.47 10.39
C SER A 44 3.12 9.26 11.71
N GLY A 45 4.16 9.09 12.52
CA GLY A 45 4.22 9.78 13.80
C GLY A 45 4.81 11.16 13.65
N GLU A 46 5.46 11.39 12.53
CA GLU A 46 6.06 12.65 12.21
C GLU A 46 6.29 12.62 10.73
N ARG A 47 7.46 12.17 10.37
CA ARG A 47 7.83 12.04 8.99
C ARG A 47 8.78 10.87 8.78
N PRO A 48 8.84 10.35 7.53
CA PRO A 48 9.74 9.27 7.14
C PRO A 48 11.19 9.71 7.17
N GLN A 49 12.09 8.76 6.98
CA GLN A 49 13.51 9.05 7.01
C GLN A 49 13.88 10.05 5.91
N ALA A 50 15.05 10.68 6.08
CA ALA A 50 15.52 11.74 5.19
C ALA A 50 15.21 11.50 3.71
N ASN A 51 14.78 12.57 3.05
CA ASN A 51 14.40 12.57 1.63
C ASN A 51 15.62 12.44 0.71
N GLN A 52 16.57 11.59 1.10
CA GLN A 52 17.76 11.34 0.30
C GLN A 52 17.35 10.63 -0.99
N LYS A 53 18.32 10.33 -1.84
CA LYS A 53 18.03 9.64 -3.10
C LYS A 53 17.41 8.28 -2.83
N ARG A 54 16.07 8.26 -2.74
CA ARG A 54 15.31 7.05 -2.47
C ARG A 54 15.68 5.94 -3.44
N ILE A 55 15.74 4.72 -2.94
CA ILE A 55 16.11 3.58 -3.76
C ILE A 55 14.90 2.83 -4.30
N THR A 56 13.71 3.11 -3.77
CA THR A 56 12.52 2.43 -4.25
C THR A 56 11.59 3.40 -4.98
N THR A 57 10.48 2.88 -5.48
CA THR A 57 9.52 3.67 -6.23
C THR A 57 8.50 4.37 -5.33
N PRO A 58 8.34 5.69 -5.52
CA PRO A 58 7.38 6.48 -4.78
C PRO A 58 5.98 6.27 -5.34
N TYR A 59 5.42 5.11 -5.08
CA TYR A 59 4.13 4.72 -5.58
C TYR A 59 3.44 3.86 -4.56
N MET A 60 2.18 3.60 -4.80
CA MET A 60 1.42 2.76 -3.93
C MET A 60 0.72 1.68 -4.75
N THR A 61 1.41 0.55 -4.93
CA THR A 61 0.87 -0.56 -5.71
C THR A 61 -0.30 -1.18 -4.97
N LYS A 62 -0.91 -2.21 -5.55
CA LYS A 62 -1.99 -2.90 -4.88
C LYS A 62 -1.44 -3.49 -3.59
N TYR A 63 -0.15 -3.82 -3.62
CA TYR A 63 0.51 -4.38 -2.45
C TYR A 63 0.47 -3.37 -1.30
N GLU A 64 1.09 -2.21 -1.50
CA GLU A 64 1.12 -1.17 -0.49
C GLU A 64 -0.30 -0.72 -0.15
N ARG A 65 -1.07 -0.43 -1.20
CA ARG A 65 -2.45 0.04 -1.10
C ARG A 65 -3.30 -0.88 -0.24
N ALA A 66 -3.26 -2.18 -0.52
CA ALA A 66 -4.06 -3.14 0.24
C ALA A 66 -3.62 -3.18 1.68
N ARG A 67 -2.31 -3.19 1.87
CA ARG A 67 -1.71 -3.21 3.19
C ARG A 67 -2.14 -1.98 4.00
N VAL A 68 -2.10 -0.82 3.34
CA VAL A 68 -2.47 0.44 3.96
C VAL A 68 -3.97 0.54 4.20
N LEU A 69 -4.77 0.17 3.21
CA LEU A 69 -6.22 0.25 3.33
C LEU A 69 -6.68 -0.60 4.50
N GLY A 70 -6.21 -1.83 4.56
CA GLY A 70 -6.55 -2.70 5.67
C GLY A 70 -6.14 -2.10 6.98
N THR A 71 -4.98 -1.43 7.00
CA THR A 71 -4.46 -0.79 8.19
C THR A 71 -5.38 0.34 8.64
N ARG A 72 -5.87 1.14 7.68
CA ARG A 72 -6.76 2.23 8.01
C ARG A 72 -8.11 1.69 8.40
N ALA A 73 -8.53 0.65 7.70
CA ALA A 73 -9.80 0.00 8.00
C ALA A 73 -9.77 -0.50 9.44
N LEU A 74 -8.55 -0.73 9.92
CA LEU A 74 -8.34 -1.19 11.28
C LEU A 74 -8.45 -0.01 12.23
N GLN A 75 -8.00 1.16 11.77
CA GLN A 75 -8.06 2.36 12.57
C GLN A 75 -9.51 2.72 12.86
N ILE A 76 -10.36 2.77 11.83
CA ILE A 76 -11.77 3.09 12.03
C ILE A 76 -12.40 2.07 12.97
N ALA A 77 -12.03 0.81 12.75
CA ALA A 77 -12.52 -0.28 13.59
C ALA A 77 -12.08 -0.07 15.06
N MET A 78 -11.01 0.70 15.23
CA MET A 78 -10.48 1.00 16.55
C MET A 78 -11.04 2.32 17.08
N CYS A 79 -12.22 2.70 16.56
CA CYS A 79 -12.93 3.91 16.95
C CYS A 79 -12.29 5.18 16.39
N ALA A 80 -11.76 5.11 15.17
CA ALA A 80 -11.14 6.26 14.53
C ALA A 80 -12.13 6.90 13.55
N PRO A 81 -12.33 8.22 13.66
CA PRO A 81 -13.23 8.95 12.77
C PRO A 81 -12.73 8.99 11.33
N VAL A 82 -13.67 9.07 10.39
CA VAL A 82 -13.35 9.13 8.98
C VAL A 82 -12.96 10.56 8.60
N MET A 83 -11.98 10.70 7.71
CA MET A 83 -11.50 12.01 7.29
C MET A 83 -11.89 12.29 5.84
N VAL A 84 -12.68 11.41 5.25
CA VAL A 84 -13.11 11.59 3.87
C VAL A 84 -14.61 11.72 3.76
N GLU A 85 -15.03 11.98 2.55
CA GLU A 85 -16.41 12.15 2.21
C GLU A 85 -17.06 10.78 1.98
N LEU A 86 -18.33 10.68 2.36
CA LEU A 86 -19.06 9.43 2.22
C LEU A 86 -20.23 9.59 1.23
N GLU A 87 -20.13 8.88 0.12
CA GLU A 87 -21.16 8.92 -0.91
C GLU A 87 -21.85 7.56 -0.94
N GLY A 88 -22.04 6.99 0.23
CA GLY A 88 -22.66 5.70 0.35
C GLY A 88 -21.78 4.71 1.09
N GLU A 89 -20.54 5.08 1.32
CA GLU A 89 -19.62 4.22 2.05
C GLU A 89 -19.91 4.31 3.54
N THR A 90 -19.71 3.22 4.24
CA THR A 90 -19.96 3.17 5.67
C THR A 90 -19.04 2.14 6.33
N ASP A 91 -18.46 1.27 5.51
CA ASP A 91 -17.57 0.24 6.02
C ASP A 91 -16.15 0.78 6.13
N PRO A 92 -15.45 0.46 7.23
CA PRO A 92 -14.08 0.91 7.47
C PRO A 92 -13.15 0.72 6.27
N LEU A 93 -13.24 -0.44 5.61
CA LEU A 93 -12.40 -0.70 4.44
C LEU A 93 -12.84 0.17 3.28
N LEU A 94 -14.13 0.10 2.97
CA LEU A 94 -14.71 0.86 1.89
C LEU A 94 -14.30 2.33 2.02
N ILE A 95 -14.43 2.84 3.23
CA ILE A 95 -14.06 4.21 3.53
C ILE A 95 -12.55 4.40 3.44
N ALA A 96 -11.79 3.40 3.89
CA ALA A 96 -10.33 3.44 3.81
C ALA A 96 -9.93 3.62 2.35
N MET A 97 -10.66 2.94 1.47
CA MET A 97 -10.43 3.02 0.04
C MET A 97 -10.69 4.44 -0.43
N LYS A 98 -11.70 5.07 0.17
CA LYS A 98 -12.06 6.44 -0.17
C LYS A 98 -10.97 7.38 0.30
N GLU A 99 -10.44 7.12 1.48
CA GLU A 99 -9.37 7.95 2.05
C GLU A 99 -8.13 7.90 1.20
N LEU A 100 -7.92 6.77 0.53
CA LEU A 100 -6.76 6.63 -0.32
C LEU A 100 -6.92 7.53 -1.55
N LYS A 101 -8.02 7.34 -2.25
CA LYS A 101 -8.34 8.13 -3.43
C LYS A 101 -8.50 9.60 -3.11
N ALA A 102 -8.60 9.89 -1.83
CA ALA A 102 -8.75 11.25 -1.35
C ALA A 102 -7.46 11.71 -0.68
N ARG A 103 -6.52 10.79 -0.55
CA ARG A 103 -5.22 11.05 0.08
C ARG A 103 -5.36 11.59 1.50
N LYS A 104 -6.27 11.01 2.26
CA LYS A 104 -6.51 11.44 3.65
C LYS A 104 -5.98 10.41 4.64
N ILE A 105 -5.25 9.44 4.12
CA ILE A 105 -4.67 8.39 4.96
C ILE A 105 -3.24 8.77 5.37
N PRO A 106 -3.03 9.10 6.65
CA PRO A 106 -1.72 9.42 7.16
C PRO A 106 -1.01 8.14 7.61
N ILE A 107 -0.12 7.64 6.76
CA ILE A 107 0.60 6.41 7.06
C ILE A 107 1.95 6.41 6.36
N ILE A 108 2.90 5.74 6.98
CA ILE A 108 4.24 5.63 6.46
C ILE A 108 4.49 4.19 6.04
N ILE A 109 4.87 4.02 4.78
CA ILE A 109 5.12 2.71 4.23
C ILE A 109 6.60 2.44 4.20
N ARG A 110 7.03 1.62 5.10
CA ARG A 110 8.40 1.23 5.18
C ARG A 110 8.60 0.05 4.25
N ARG A 111 9.26 0.25 3.13
CA ARG A 111 9.47 -0.83 2.20
C ARG A 111 10.86 -1.41 2.40
N TYR A 112 10.95 -2.71 2.60
CA TYR A 112 12.24 -3.35 2.82
C TYR A 112 12.90 -3.71 1.51
N LEU A 113 14.21 -3.55 1.44
CA LEU A 113 14.96 -3.86 0.24
C LEU A 113 15.36 -5.34 0.25
N PRO A 114 15.58 -5.94 -0.93
CA PRO A 114 15.98 -7.34 -1.05
C PRO A 114 17.35 -7.62 -0.45
N ASP A 115 18.10 -6.56 -0.14
CA ASP A 115 19.42 -6.69 0.44
C ASP A 115 19.34 -6.86 1.95
N GLY A 116 18.23 -6.39 2.52
CA GLY A 116 18.04 -6.49 3.95
C GLY A 116 17.76 -5.14 4.59
N SER A 117 17.88 -4.07 3.80
CA SER A 117 17.63 -2.73 4.30
C SER A 117 16.15 -2.37 4.16
N TYR A 118 15.84 -1.09 4.33
CA TYR A 118 14.46 -0.61 4.24
C TYR A 118 14.44 0.89 3.97
N GLU A 119 13.31 1.35 3.44
CA GLU A 119 13.13 2.76 3.17
C GLU A 119 11.76 3.20 3.68
N ASP A 120 11.73 4.28 4.44
CA ASP A 120 10.50 4.82 5.00
C ASP A 120 9.84 5.75 4.00
N TRP A 121 8.60 5.45 3.65
CA TRP A 121 7.86 6.25 2.67
C TRP A 121 6.59 6.81 3.26
N GLY A 122 6.18 7.96 2.78
CA GLY A 122 4.94 8.54 3.21
C GLY A 122 3.94 8.48 2.08
N VAL A 123 2.68 8.18 2.38
CA VAL A 123 1.66 8.10 1.32
C VAL A 123 1.65 9.39 0.49
N ASP A 124 1.91 10.51 1.15
CA ASP A 124 1.93 11.82 0.50
C ASP A 124 3.10 11.91 -0.48
N GLU A 125 4.16 11.15 -0.21
CA GLU A 125 5.32 11.13 -1.10
C GLU A 125 5.14 10.01 -2.13
N LEU A 126 3.98 9.35 -2.07
CA LEU A 126 3.70 8.24 -2.96
C LEU A 126 2.68 8.57 -4.03
N ILE A 127 3.01 8.16 -5.23
CA ILE A 127 2.11 8.33 -6.36
C ILE A 127 1.15 7.16 -6.33
N ILE A 128 -0.07 7.44 -5.95
CA ILE A 128 -1.07 6.40 -5.80
C ILE A 128 -1.71 5.99 -7.11
N THR A 129 -2.13 4.73 -7.13
CA THR A 129 -2.81 4.16 -8.26
C THR A 129 -3.92 3.26 -7.77
N ASP A 130 -5.13 3.74 -7.89
CA ASP A 130 -6.32 3.03 -7.45
C ASP A 130 -7.55 3.62 -8.09
N MET A 4 20.93 -0.29 -31.86
CA MET A 4 22.34 0.09 -31.95
C MET A 4 22.45 1.55 -32.37
N SER A 5 21.70 1.91 -33.40
CA SER A 5 21.70 3.27 -33.91
C SER A 5 20.36 3.94 -33.63
N ASP A 6 20.20 5.17 -34.11
CA ASP A 6 18.99 5.94 -33.90
C ASP A 6 17.86 5.50 -34.85
N ASN A 7 17.91 4.27 -35.31
CA ASN A 7 16.88 3.76 -36.21
C ASN A 7 16.13 2.58 -35.59
N GLU A 8 16.73 1.96 -34.58
CA GLU A 8 16.10 0.81 -33.94
C GLU A 8 15.68 1.12 -32.51
N ASP A 9 16.65 1.21 -31.60
CA ASP A 9 16.37 1.47 -30.20
C ASP A 9 16.37 2.96 -29.91
N ASN A 10 17.26 3.70 -30.54
CA ASN A 10 17.34 5.15 -30.34
C ASN A 10 16.46 5.87 -31.35
N PHE A 11 15.35 5.24 -31.72
CA PHE A 11 14.43 5.82 -32.68
C PHE A 11 13.20 6.39 -31.98
N ASP A 12 13.01 7.69 -32.10
CA ASP A 12 11.86 8.36 -31.50
C ASP A 12 11.08 9.09 -32.58
N GLY A 13 9.88 9.53 -32.26
CA GLY A 13 9.05 10.23 -33.22
C GLY A 13 8.29 9.27 -34.12
N ASP A 14 8.14 8.04 -33.66
CA ASP A 14 7.44 7.01 -34.41
C ASP A 14 5.92 7.12 -34.21
N ASP A 15 5.16 6.57 -35.14
CA ASP A 15 3.70 6.60 -35.08
C ASP A 15 3.18 5.37 -34.33
N PHE A 16 3.90 4.98 -33.29
CA PHE A 16 3.53 3.82 -32.50
C PHE A 16 2.41 4.16 -31.53
N ASP A 17 1.23 3.61 -31.79
CA ASP A 17 0.06 3.82 -30.94
C ASP A 17 -0.14 2.61 -30.03
N ASP A 18 -0.86 2.81 -28.93
CA ASP A 18 -1.12 1.72 -27.99
C ASP A 18 -2.56 1.77 -27.50
N VAL A 19 -3.09 0.62 -27.14
CA VAL A 19 -4.47 0.53 -26.69
C VAL A 19 -4.54 0.04 -25.25
N GLU A 20 -4.79 0.95 -24.33
CA GLU A 20 -4.90 0.62 -22.92
C GLU A 20 -6.18 -0.16 -22.64
N GLU A 21 -6.05 -1.48 -22.58
CA GLU A 21 -7.21 -2.34 -22.32
C GLU A 21 -7.06 -2.99 -20.95
N ASP A 22 -8.10 -2.88 -20.13
CA ASP A 22 -8.11 -3.45 -18.80
C ASP A 22 -9.53 -3.78 -18.37
N GLU A 23 -9.70 -4.87 -17.64
CA GLU A 23 -11.00 -5.30 -17.17
C GLU A 23 -10.87 -6.32 -16.05
N GLY A 24 -11.41 -5.99 -14.89
CA GLY A 24 -11.36 -6.89 -13.76
C GLY A 24 -9.98 -7.02 -13.15
N LEU A 25 -9.10 -6.06 -13.40
CA LEU A 25 -7.75 -6.11 -12.86
C LEU A 25 -7.46 -4.85 -12.03
N ASP A 26 -6.23 -4.73 -11.57
CA ASP A 26 -5.81 -3.60 -10.76
C ASP A 26 -4.60 -2.92 -11.43
N ASP A 27 -3.89 -2.05 -10.70
CA ASP A 27 -2.75 -1.35 -11.27
C ASP A 27 -1.58 -2.33 -11.49
N LEU A 28 -1.14 -2.98 -10.43
CA LEU A 28 -0.09 -3.97 -10.53
C LEU A 28 -0.70 -5.36 -10.49
N GLU A 29 -1.45 -5.61 -9.42
CA GLU A 29 -2.12 -6.89 -9.18
C GLU A 29 -1.10 -8.02 -9.07
N ASN A 30 -1.61 -9.26 -8.99
CA ASN A 30 -0.80 -10.47 -8.88
C ASN A 30 -0.07 -10.53 -7.54
N ALA A 31 0.45 -11.72 -7.21
CA ALA A 31 1.18 -11.94 -5.98
C ALA A 31 1.76 -13.35 -5.94
N GLU A 32 2.09 -13.89 -7.10
CA GLU A 32 2.63 -15.25 -7.19
C GLU A 32 3.98 -15.26 -7.86
N GLU A 33 4.57 -14.10 -8.01
CA GLU A 33 5.87 -13.95 -8.63
C GLU A 33 6.77 -13.06 -7.78
N GLU A 34 8.01 -12.89 -8.22
CA GLU A 34 8.97 -12.06 -7.50
C GLU A 34 8.51 -10.61 -7.50
N GLY A 35 8.95 -9.86 -6.49
CA GLY A 35 8.57 -8.48 -6.37
C GLY A 35 7.71 -8.25 -5.15
N GLN A 36 7.36 -9.34 -4.48
CA GLN A 36 6.54 -9.26 -3.28
C GLN A 36 7.44 -9.02 -2.07
N GLU A 37 7.83 -7.77 -1.88
CA GLU A 37 8.68 -7.38 -0.76
C GLU A 37 7.89 -7.38 0.54
N ASN A 38 8.51 -6.88 1.60
CA ASN A 38 7.84 -6.80 2.89
C ASN A 38 7.91 -5.38 3.41
N VAL A 39 6.76 -4.74 3.54
CA VAL A 39 6.71 -3.38 4.02
C VAL A 39 5.92 -3.28 5.33
N GLU A 40 6.21 -2.24 6.09
CA GLU A 40 5.54 -2.00 7.34
C GLU A 40 4.61 -0.80 7.21
N ILE A 41 3.36 -0.99 7.55
CA ILE A 41 2.39 0.09 7.50
C ILE A 41 2.39 0.81 8.84
N LEU A 42 3.03 1.96 8.88
CA LEU A 42 3.16 2.73 10.10
C LEU A 42 2.33 3.99 10.00
N PRO A 43 1.90 4.55 11.13
CA PRO A 43 1.17 5.80 11.13
C PRO A 43 2.17 6.95 11.09
N SER A 44 2.06 7.81 10.09
CA SER A 44 2.99 8.93 9.95
C SER A 44 2.99 9.82 11.19
N GLY A 45 4.02 9.68 12.01
CA GLY A 45 4.12 10.49 13.22
C GLY A 45 5.53 10.98 13.45
N GLU A 46 6.50 10.24 12.94
CA GLU A 46 7.90 10.58 13.07
C GLU A 46 8.43 11.00 11.71
N ARG A 47 7.69 10.53 10.74
CA ARG A 47 7.93 10.75 9.33
C ARG A 47 9.11 9.92 8.83
N PRO A 48 9.15 9.66 7.52
CA PRO A 48 10.21 8.86 6.90
C PRO A 48 11.59 9.49 6.98
N GLN A 49 12.58 8.68 6.65
CA GLN A 49 13.97 9.11 6.64
C GLN A 49 14.17 10.22 5.64
N ALA A 50 15.28 10.94 5.80
CA ALA A 50 15.63 12.08 4.95
C ALA A 50 15.28 11.80 3.50
N ASN A 51 14.55 12.73 2.93
CA ASN A 51 14.05 12.65 1.56
C ASN A 51 15.15 12.71 0.49
N GLN A 52 16.25 12.04 0.75
CA GLN A 52 17.36 11.97 -0.19
C GLN A 52 16.98 11.01 -1.31
N LYS A 53 17.87 10.82 -2.27
CA LYS A 53 17.62 9.91 -3.38
C LYS A 53 17.16 8.55 -2.87
N ARG A 54 15.87 8.26 -3.04
CA ARG A 54 15.30 7.00 -2.60
C ARG A 54 15.75 5.87 -3.51
N ILE A 55 15.69 4.64 -3.02
CA ILE A 55 16.10 3.50 -3.80
C ILE A 55 14.90 2.70 -4.33
N THR A 56 13.71 2.99 -3.81
CA THR A 56 12.52 2.30 -4.27
C THR A 56 11.58 3.26 -5.01
N THR A 57 10.44 2.74 -5.46
CA THR A 57 9.48 3.54 -6.21
C THR A 57 8.51 4.33 -5.33
N PRO A 58 8.39 5.64 -5.60
CA PRO A 58 7.46 6.51 -4.88
C PRO A 58 6.06 6.32 -5.46
N TYR A 59 5.49 5.15 -5.23
CA TYR A 59 4.20 4.77 -5.76
C TYR A 59 3.54 3.86 -4.76
N MET A 60 2.24 3.82 -4.79
CA MET A 60 1.53 2.94 -3.91
C MET A 60 0.78 1.91 -4.73
N THR A 61 1.52 0.94 -5.24
CA THR A 61 0.92 -0.11 -6.05
C THR A 61 -0.02 -0.95 -5.22
N LYS A 62 -0.79 -1.81 -5.87
CA LYS A 62 -1.74 -2.68 -5.19
C LYS A 62 -1.09 -3.36 -3.97
N TYR A 63 0.22 -3.58 -4.02
CA TYR A 63 0.90 -4.23 -2.93
C TYR A 63 0.80 -3.36 -1.65
N GLU A 64 1.39 -2.17 -1.71
CA GLU A 64 1.37 -1.25 -0.58
C GLU A 64 -0.06 -0.79 -0.31
N ARG A 65 -0.75 -0.48 -1.39
CA ARG A 65 -2.13 0.00 -1.37
C ARG A 65 -3.04 -0.91 -0.55
N ALA A 66 -2.97 -2.21 -0.84
CA ALA A 66 -3.80 -3.18 -0.14
C ALA A 66 -3.41 -3.27 1.32
N ARG A 67 -2.11 -3.27 1.60
CA ARG A 67 -1.61 -3.34 2.96
C ARG A 67 -2.10 -2.13 3.77
N VAL A 68 -2.02 -0.97 3.14
CA VAL A 68 -2.44 0.28 3.75
C VAL A 68 -3.96 0.33 3.96
N LEU A 69 -4.71 -0.09 2.95
CA LEU A 69 -6.17 -0.09 3.05
C LEU A 69 -6.62 -0.91 4.26
N GLY A 70 -6.15 -2.15 4.32
CA GLY A 70 -6.48 -3.00 5.45
C GLY A 70 -6.07 -2.37 6.77
N THR A 71 -4.93 -1.68 6.77
CA THR A 71 -4.43 -1.03 7.96
C THR A 71 -5.36 0.12 8.39
N ARG A 72 -5.82 0.90 7.43
CA ARG A 72 -6.73 1.99 7.74
C ARG A 72 -8.07 1.42 8.16
N ALA A 73 -8.48 0.37 7.46
CA ALA A 73 -9.72 -0.30 7.79
C ALA A 73 -9.66 -0.79 9.22
N LEU A 74 -8.43 -0.99 9.70
CA LEU A 74 -8.21 -1.43 11.05
C LEU A 74 -8.35 -0.25 11.99
N GLN A 75 -7.99 0.93 11.51
CA GLN A 75 -8.09 2.15 12.29
C GLN A 75 -9.55 2.45 12.60
N ILE A 76 -10.41 2.49 11.57
CA ILE A 76 -11.83 2.76 11.78
C ILE A 76 -12.41 1.70 12.69
N ALA A 77 -11.96 0.46 12.49
CA ALA A 77 -12.40 -0.66 13.32
C ALA A 77 -12.04 -0.43 14.78
N MET A 78 -10.99 0.35 15.01
CA MET A 78 -10.54 0.67 16.36
C MET A 78 -11.18 1.98 16.85
N CYS A 79 -12.31 2.33 16.23
CA CYS A 79 -13.08 3.53 16.57
C CYS A 79 -12.37 4.82 16.16
N ALA A 80 -11.76 4.81 14.98
CA ALA A 80 -11.07 5.99 14.48
C ALA A 80 -12.00 6.81 13.59
N PRO A 81 -11.97 8.14 13.74
CA PRO A 81 -12.81 9.04 12.95
C PRO A 81 -12.32 9.14 11.50
N VAL A 82 -13.22 8.92 10.57
CA VAL A 82 -12.91 8.98 9.15
C VAL A 82 -12.53 10.41 8.76
N MET A 83 -11.54 10.55 7.88
CA MET A 83 -11.09 11.87 7.46
C MET A 83 -11.54 12.23 6.05
N VAL A 84 -12.53 11.51 5.52
CA VAL A 84 -13.03 11.81 4.19
C VAL A 84 -14.54 11.92 4.16
N GLU A 85 -15.05 12.18 2.97
CA GLU A 85 -16.46 12.31 2.73
C GLU A 85 -17.10 10.93 2.56
N LEU A 86 -18.35 10.81 2.97
CA LEU A 86 -19.09 9.56 2.85
C LEU A 86 -20.34 9.74 2.01
N GLU A 87 -20.41 9.02 0.89
CA GLU A 87 -21.55 9.08 -0.01
C GLU A 87 -22.49 7.93 0.32
N GLY A 88 -22.36 7.44 1.55
CA GLY A 88 -23.16 6.33 1.99
C GLY A 88 -22.31 5.19 2.49
N GLU A 89 -20.99 5.36 2.43
CA GLU A 89 -20.08 4.33 2.90
C GLU A 89 -20.03 4.38 4.41
N THR A 90 -19.80 3.23 5.02
CA THR A 90 -19.74 3.16 6.47
C THR A 90 -18.82 2.01 6.90
N ASP A 91 -18.34 1.24 5.93
CA ASP A 91 -17.46 0.12 6.20
C ASP A 91 -16.02 0.60 6.27
N PRO A 92 -15.27 0.16 7.29
CA PRO A 92 -13.86 0.55 7.48
C PRO A 92 -13.02 0.42 6.23
N LEU A 93 -13.16 -0.68 5.49
CA LEU A 93 -12.37 -0.88 4.28
C LEU A 93 -12.87 0.04 3.18
N LEU A 94 -14.19 0.04 2.98
CA LEU A 94 -14.80 0.88 1.97
C LEU A 94 -14.35 2.32 2.16
N ILE A 95 -14.34 2.75 3.41
CA ILE A 95 -13.93 4.09 3.78
C ILE A 95 -12.42 4.25 3.59
N ALA A 96 -11.67 3.18 3.85
CA ALA A 96 -10.22 3.21 3.66
C ALA A 96 -9.94 3.51 2.19
N MET A 97 -10.80 2.96 1.33
CA MET A 97 -10.68 3.17 -0.10
C MET A 97 -11.06 4.62 -0.42
N LYS A 98 -11.98 5.15 0.36
CA LYS A 98 -12.43 6.53 0.20
C LYS A 98 -11.29 7.48 0.53
N GLU A 99 -10.63 7.23 1.65
CA GLU A 99 -9.52 8.05 2.09
C GLU A 99 -8.32 7.87 1.19
N LEU A 100 -8.29 6.76 0.47
CA LEU A 100 -7.21 6.51 -0.46
C LEU A 100 -7.42 7.35 -1.72
N LYS A 101 -8.61 7.21 -2.29
CA LYS A 101 -8.99 7.95 -3.48
C LYS A 101 -9.01 9.45 -3.22
N ALA A 102 -9.08 9.79 -1.96
CA ALA A 102 -9.10 11.18 -1.54
C ALA A 102 -7.73 11.56 -0.98
N ARG A 103 -6.85 10.56 -0.90
CA ARG A 103 -5.48 10.73 -0.39
C ARG A 103 -5.46 11.44 0.97
N LYS A 104 -6.30 10.98 1.88
CA LYS A 104 -6.38 11.57 3.22
C LYS A 104 -5.88 10.58 4.26
N ILE A 105 -5.26 9.51 3.78
CA ILE A 105 -4.70 8.48 4.65
C ILE A 105 -3.28 8.87 5.09
N PRO A 106 -3.10 9.25 6.36
CA PRO A 106 -1.79 9.59 6.88
C PRO A 106 -1.10 8.33 7.37
N ILE A 107 -0.19 7.80 6.57
CA ILE A 107 0.51 6.58 6.89
C ILE A 107 1.88 6.53 6.22
N ILE A 108 2.79 5.83 6.86
CA ILE A 108 4.14 5.67 6.36
C ILE A 108 4.39 4.21 6.02
N ILE A 109 4.80 3.98 4.79
CA ILE A 109 5.06 2.65 4.29
C ILE A 109 6.55 2.37 4.30
N ARG A 110 6.97 1.65 5.30
CA ARG A 110 8.34 1.28 5.41
C ARG A 110 8.57 0.06 4.54
N ARG A 111 9.24 0.23 3.42
CA ARG A 111 9.47 -0.87 2.51
C ARG A 111 10.85 -1.47 2.77
N TYR A 112 10.92 -2.76 3.02
CA TYR A 112 12.20 -3.40 3.27
C TYR A 112 12.86 -3.79 1.95
N LEU A 113 14.16 -3.62 1.88
CA LEU A 113 14.90 -3.95 0.69
C LEU A 113 15.30 -5.43 0.73
N PRO A 114 15.43 -6.07 -0.45
CA PRO A 114 15.82 -7.48 -0.55
C PRO A 114 17.19 -7.78 0.04
N ASP A 115 17.94 -6.72 0.34
CA ASP A 115 19.27 -6.86 0.92
C ASP A 115 19.18 -6.94 2.45
N GLY A 116 18.06 -6.48 3.00
CA GLY A 116 17.87 -6.52 4.43
C GLY A 116 17.60 -5.15 5.02
N SER A 117 17.79 -4.10 4.24
CA SER A 117 17.55 -2.74 4.72
C SER A 117 16.08 -2.35 4.55
N TYR A 118 15.78 -1.07 4.67
CA TYR A 118 14.42 -0.60 4.52
C TYR A 118 14.39 0.89 4.20
N GLU A 119 13.32 1.32 3.55
CA GLU A 119 13.13 2.71 3.21
C GLU A 119 11.75 3.16 3.67
N ASP A 120 11.73 4.24 4.44
CA ASP A 120 10.49 4.80 4.97
C ASP A 120 9.83 5.66 3.91
N TRP A 121 8.59 5.34 3.59
CA TRP A 121 7.85 6.09 2.58
C TRP A 121 6.57 6.67 3.15
N GLY A 122 6.17 7.81 2.63
CA GLY A 122 4.93 8.41 3.08
C GLY A 122 3.92 8.37 1.95
N VAL A 123 2.64 8.18 2.26
CA VAL A 123 1.62 8.15 1.20
C VAL A 123 1.69 9.44 0.38
N ASP A 124 2.01 10.53 1.07
CA ASP A 124 2.15 11.83 0.44
C ASP A 124 3.28 11.78 -0.58
N GLU A 125 4.37 11.11 -0.20
CA GLU A 125 5.54 10.95 -1.06
C GLU A 125 5.29 9.84 -2.09
N LEU A 126 4.11 9.23 -2.04
CA LEU A 126 3.77 8.15 -2.94
C LEU A 126 2.75 8.54 -3.99
N ILE A 127 3.05 8.17 -5.22
CA ILE A 127 2.18 8.41 -6.33
C ILE A 127 1.21 7.24 -6.40
N ILE A 128 -0.07 7.52 -6.35
CA ILE A 128 -1.05 6.45 -6.35
C ILE A 128 -1.52 6.12 -7.75
N THR A 129 -1.90 4.87 -7.93
CA THR A 129 -2.39 4.39 -9.19
C THR A 129 -3.59 3.47 -9.00
N ASP A 130 -4.76 4.02 -9.27
CA ASP A 130 -6.03 3.31 -9.15
C ASP A 130 -7.17 4.29 -9.43
N MET A 4 17.11 -18.56 -30.46
CA MET A 4 17.92 -17.31 -30.53
C MET A 4 17.56 -16.52 -31.78
N SER A 5 17.45 -17.23 -32.90
CA SER A 5 17.11 -16.62 -34.16
C SER A 5 15.77 -17.15 -34.65
N ASP A 6 15.12 -16.38 -35.50
CA ASP A 6 13.81 -16.74 -36.05
C ASP A 6 13.85 -18.10 -36.75
N ASN A 7 15.01 -18.44 -37.29
CA ASN A 7 15.21 -19.70 -38.01
C ASN A 7 14.88 -20.92 -37.17
N GLU A 8 15.44 -21.00 -35.97
CA GLU A 8 15.21 -22.15 -35.11
C GLU A 8 14.13 -21.89 -34.05
N ASP A 9 13.90 -20.62 -33.73
CA ASP A 9 12.89 -20.27 -32.71
C ASP A 9 11.48 -20.46 -33.23
N ASN A 10 11.30 -20.31 -34.54
CA ASN A 10 9.99 -20.46 -35.15
C ASN A 10 9.70 -21.92 -35.50
N PHE A 11 10.02 -22.81 -34.57
CA PHE A 11 9.81 -24.24 -34.76
C PHE A 11 8.48 -24.66 -34.16
N ASP A 12 7.84 -25.66 -34.77
CA ASP A 12 6.56 -26.15 -34.30
C ASP A 12 6.43 -27.63 -34.66
N GLY A 13 5.47 -28.30 -34.04
CA GLY A 13 5.25 -29.71 -34.30
C GLY A 13 6.12 -30.59 -33.42
N ASP A 14 6.60 -30.03 -32.32
CA ASP A 14 7.45 -30.75 -31.39
C ASP A 14 6.64 -31.24 -30.20
N ASP A 15 7.20 -32.18 -29.46
CA ASP A 15 6.53 -32.75 -28.29
C ASP A 15 7.53 -32.99 -27.17
N PHE A 16 8.59 -32.19 -27.17
CA PHE A 16 9.62 -32.31 -26.15
C PHE A 16 9.14 -31.79 -24.80
N ASP A 17 8.97 -32.71 -23.86
CA ASP A 17 8.53 -32.36 -22.52
C ASP A 17 9.72 -32.37 -21.57
N ASP A 18 9.76 -31.40 -20.66
CA ASP A 18 10.85 -31.29 -19.69
C ASP A 18 10.48 -30.24 -18.64
N VAL A 19 11.20 -30.24 -17.53
CA VAL A 19 10.93 -29.31 -16.44
C VAL A 19 12.23 -28.83 -15.80
N GLU A 20 12.51 -27.55 -15.92
CA GLU A 20 13.71 -26.96 -15.36
C GLU A 20 13.58 -26.82 -13.83
N GLU A 21 14.68 -26.51 -13.17
CA GLU A 21 14.67 -26.35 -11.72
C GLU A 21 14.05 -25.01 -11.34
N ASP A 22 12.80 -25.05 -10.93
CA ASP A 22 12.08 -23.83 -10.52
C ASP A 22 11.61 -23.97 -9.08
N GLU A 23 11.36 -22.84 -8.43
CA GLU A 23 10.90 -22.83 -7.05
C GLU A 23 10.29 -21.47 -6.72
N GLY A 24 9.27 -21.48 -5.87
CA GLY A 24 8.60 -20.25 -5.49
C GLY A 24 7.41 -19.93 -6.37
N LEU A 25 7.37 -20.54 -7.55
CA LEU A 25 6.27 -20.31 -8.48
C LEU A 25 5.28 -21.47 -8.43
N ASP A 26 4.11 -21.26 -9.02
CA ASP A 26 3.06 -22.28 -9.05
C ASP A 26 2.31 -22.22 -10.37
N ASP A 27 1.57 -23.28 -10.66
CA ASP A 27 0.80 -23.37 -11.90
C ASP A 27 -0.49 -22.56 -11.80
N LEU A 28 -1.13 -22.58 -10.64
CA LEU A 28 -2.36 -21.85 -10.43
C LEU A 28 -2.08 -20.45 -9.89
N GLU A 29 -1.05 -20.35 -9.05
CA GLU A 29 -0.62 -19.09 -8.42
C GLU A 29 -1.79 -18.23 -7.96
N ASN A 30 -1.90 -17.06 -8.55
CA ASN A 30 -2.95 -16.09 -8.24
C ASN A 30 -2.80 -15.54 -6.83
N ALA A 31 -1.56 -15.53 -6.35
CA ALA A 31 -1.26 -15.01 -5.02
C ALA A 31 -0.96 -13.53 -5.11
N GLU A 32 -1.94 -12.78 -5.61
CA GLU A 32 -1.85 -11.33 -5.81
C GLU A 32 -0.95 -11.01 -6.99
N GLU A 33 -1.01 -9.77 -7.45
CA GLU A 33 -0.22 -9.31 -8.57
C GLU A 33 1.25 -9.11 -8.17
N GLU A 34 2.08 -8.77 -9.14
CA GLU A 34 3.50 -8.55 -8.90
C GLU A 34 3.73 -7.30 -8.05
N GLY A 35 4.85 -7.25 -7.37
CA GLY A 35 5.17 -6.13 -6.52
C GLY A 35 5.00 -6.54 -5.09
N GLN A 36 4.99 -7.85 -4.86
CA GLN A 36 4.82 -8.39 -3.53
C GLN A 36 6.14 -8.36 -2.76
N GLU A 37 6.48 -7.18 -2.28
CA GLU A 37 7.68 -6.98 -1.48
C GLU A 37 7.33 -7.20 -0.01
N ASN A 38 8.23 -6.83 0.87
CA ASN A 38 8.00 -6.94 2.30
C ASN A 38 8.06 -5.55 2.91
N VAL A 39 6.90 -5.03 3.25
CA VAL A 39 6.81 -3.69 3.82
C VAL A 39 6.03 -3.69 5.13
N GLU A 40 6.31 -2.68 5.94
CA GLU A 40 5.66 -2.48 7.20
C GLU A 40 4.82 -1.21 7.13
N ILE A 41 3.58 -1.30 7.55
CA ILE A 41 2.70 -0.15 7.55
C ILE A 41 2.78 0.56 8.89
N LEU A 42 3.45 1.69 8.90
CA LEU A 42 3.62 2.46 10.11
C LEU A 42 2.83 3.76 10.00
N PRO A 43 2.39 4.34 11.13
CA PRO A 43 1.69 5.60 11.09
C PRO A 43 2.71 6.74 10.97
N SER A 44 2.58 7.55 9.94
CA SER A 44 3.52 8.64 9.72
C SER A 44 3.38 9.71 10.82
N GLY A 45 4.31 9.73 11.77
CA GLY A 45 4.24 10.72 12.83
C GLY A 45 5.55 11.44 13.02
N GLU A 46 6.59 10.89 12.43
CA GLU A 46 7.93 11.45 12.53
C GLU A 46 8.42 11.83 11.15
N ARG A 47 7.66 11.33 10.19
CA ARG A 47 7.90 11.53 8.77
C ARG A 47 9.10 10.70 8.29
N PRO A 48 9.00 10.10 7.09
CA PRO A 48 10.07 9.29 6.49
C PRO A 48 11.37 10.08 6.33
N GLN A 49 12.45 9.38 5.99
CA GLN A 49 13.74 10.02 5.82
C GLN A 49 13.68 11.03 4.68
N ALA A 50 14.65 11.95 4.69
CA ALA A 50 14.74 13.04 3.70
C ALA A 50 14.44 12.56 2.27
N ASN A 51 14.01 13.52 1.46
CA ASN A 51 13.65 13.26 0.05
C ASN A 51 14.90 12.97 -0.80
N GLN A 52 15.82 12.23 -0.22
CA GLN A 52 17.04 11.85 -0.91
C GLN A 52 16.72 10.74 -1.93
N LYS A 53 17.71 10.36 -2.72
CA LYS A 53 17.52 9.32 -3.73
C LYS A 53 17.15 7.99 -3.07
N ARG A 54 15.86 7.78 -2.91
CA ARG A 54 15.32 6.56 -2.33
C ARG A 54 15.74 5.35 -3.17
N ILE A 55 15.64 4.15 -2.62
CA ILE A 55 16.07 2.96 -3.35
C ILE A 55 14.92 2.20 -4.02
N THR A 56 13.68 2.65 -3.82
CA THR A 56 12.54 1.99 -4.43
C THR A 56 11.61 2.98 -5.15
N THR A 57 10.43 2.51 -5.53
CA THR A 57 9.47 3.33 -6.26
C THR A 57 8.55 4.16 -5.36
N PRO A 58 8.45 5.47 -5.64
CA PRO A 58 7.58 6.37 -4.92
C PRO A 58 6.16 6.29 -5.46
N TYR A 59 5.52 5.15 -5.21
CA TYR A 59 4.18 4.90 -5.70
C TYR A 59 3.41 4.13 -4.67
N MET A 60 2.15 3.94 -4.92
CA MET A 60 1.29 3.21 -4.03
C MET A 60 0.47 2.22 -4.84
N THR A 61 1.10 1.14 -5.29
CA THR A 61 0.40 0.14 -6.05
C THR A 61 -0.57 -0.63 -5.17
N LYS A 62 -1.29 -1.57 -5.78
CA LYS A 62 -2.27 -2.38 -5.06
C LYS A 62 -1.63 -3.02 -3.83
N TYR A 63 -0.36 -3.40 -3.94
CA TYR A 63 0.32 -4.06 -2.84
C TYR A 63 0.34 -3.19 -1.59
N GLU A 64 1.01 -2.04 -1.67
CA GLU A 64 1.13 -1.13 -0.55
C GLU A 64 -0.25 -0.64 -0.13
N ARG A 65 -1.04 -0.25 -1.14
CA ARG A 65 -2.39 0.26 -0.93
C ARG A 65 -3.24 -0.71 -0.10
N ALA A 66 -3.20 -1.98 -0.45
CA ALA A 66 -3.98 -2.99 0.26
C ALA A 66 -3.53 -3.09 1.71
N ARG A 67 -2.23 -3.07 1.92
CA ARG A 67 -1.66 -3.16 3.26
C ARG A 67 -2.02 -1.90 4.07
N VAL A 68 -1.92 -0.76 3.43
CA VAL A 68 -2.22 0.52 4.05
C VAL A 68 -3.72 0.68 4.30
N LEU A 69 -4.53 0.29 3.33
CA LEU A 69 -5.98 0.38 3.47
C LEU A 69 -6.45 -0.45 4.65
N GLY A 70 -5.95 -1.67 4.73
CA GLY A 70 -6.30 -2.53 5.85
C GLY A 70 -5.91 -1.90 7.16
N THR A 71 -4.80 -1.17 7.13
CA THR A 71 -4.31 -0.48 8.33
C THR A 71 -5.23 0.68 8.71
N ARG A 72 -5.70 1.44 7.72
CA ARG A 72 -6.60 2.54 8.02
C ARG A 72 -7.96 2.01 8.35
N ALA A 73 -8.33 0.91 7.71
CA ALA A 73 -9.60 0.26 7.97
C ALA A 73 -9.59 -0.19 9.41
N LEU A 74 -8.39 -0.43 9.91
CA LEU A 74 -8.19 -0.85 11.29
C LEU A 74 -8.39 0.35 12.19
N GLN A 75 -8.03 1.53 11.68
CA GLN A 75 -8.20 2.77 12.43
C GLN A 75 -9.68 2.99 12.73
N ILE A 76 -10.53 2.88 11.72
CA ILE A 76 -11.98 3.06 11.92
C ILE A 76 -12.48 2.05 12.94
N ALA A 77 -11.96 0.83 12.81
CA ALA A 77 -12.31 -0.25 13.74
C ALA A 77 -11.90 0.12 15.17
N MET A 78 -10.92 1.02 15.28
CA MET A 78 -10.43 1.49 16.57
C MET A 78 -11.13 2.79 16.96
N CYS A 79 -12.29 3.04 16.35
CA CYS A 79 -13.11 4.22 16.62
C CYS A 79 -12.53 5.50 16.02
N ALA A 80 -11.85 5.40 14.89
CA ALA A 80 -11.29 6.57 14.23
C ALA A 80 -12.31 7.18 13.27
N PRO A 81 -12.53 8.49 13.39
CA PRO A 81 -13.51 9.20 12.54
C PRO A 81 -13.05 9.32 11.09
N VAL A 82 -14.01 9.23 10.19
CA VAL A 82 -13.75 9.34 8.76
C VAL A 82 -13.68 10.82 8.37
N MET A 83 -12.79 11.18 7.46
CA MET A 83 -12.63 12.58 7.06
C MET A 83 -13.22 12.84 5.67
N VAL A 84 -13.99 11.87 5.17
CA VAL A 84 -14.63 12.02 3.86
C VAL A 84 -16.10 11.65 3.96
N GLU A 85 -16.89 12.07 2.98
CA GLU A 85 -18.32 11.79 2.97
C GLU A 85 -18.56 10.33 2.59
N LEU A 86 -19.64 9.77 3.09
CA LEU A 86 -19.98 8.38 2.82
C LEU A 86 -21.16 8.29 1.85
N GLU A 87 -20.88 7.78 0.65
CA GLU A 87 -21.90 7.64 -0.37
C GLU A 87 -22.46 6.22 -0.38
N GLY A 88 -22.48 5.61 0.79
CA GLY A 88 -22.99 4.26 0.92
C GLY A 88 -21.96 3.32 1.52
N GLU A 89 -20.72 3.80 1.64
CA GLU A 89 -19.66 2.99 2.21
C GLU A 89 -19.87 2.82 3.70
N THR A 90 -20.23 1.62 4.09
CA THR A 90 -20.49 1.31 5.48
C THR A 90 -19.43 0.36 6.02
N ASP A 91 -18.30 0.29 5.33
CA ASP A 91 -17.21 -0.57 5.74
C ASP A 91 -15.92 0.21 5.84
N PRO A 92 -15.16 0.02 6.94
CA PRO A 92 -13.89 0.71 7.18
C PRO A 92 -12.94 0.62 6.00
N LEU A 93 -12.88 -0.53 5.33
CA LEU A 93 -12.00 -0.68 4.17
C LEU A 93 -12.48 0.21 3.04
N LEU A 94 -13.75 0.06 2.70
CA LEU A 94 -14.38 0.85 1.66
C LEU A 94 -14.07 2.33 1.86
N ILE A 95 -14.32 2.77 3.08
CA ILE A 95 -14.09 4.16 3.46
C ILE A 95 -12.60 4.50 3.36
N ALA A 96 -11.75 3.56 3.79
CA ALA A 96 -10.31 3.75 3.72
C ALA A 96 -9.89 3.97 2.28
N MET A 97 -10.59 3.29 1.36
CA MET A 97 -10.31 3.42 -0.05
C MET A 97 -10.62 4.83 -0.54
N LYS A 98 -11.67 5.43 0.02
CA LYS A 98 -12.04 6.78 -0.37
C LYS A 98 -11.04 7.78 0.19
N GLU A 99 -10.67 7.59 1.46
CA GLU A 99 -9.71 8.47 2.12
C GLU A 99 -8.35 8.41 1.42
N LEU A 100 -7.98 7.24 0.93
CA LEU A 100 -6.72 7.09 0.20
C LEU A 100 -6.82 7.83 -1.12
N LYS A 101 -7.89 7.58 -1.83
CA LYS A 101 -8.15 8.23 -3.11
C LYS A 101 -8.29 9.73 -2.94
N ALA A 102 -8.42 10.13 -1.69
CA ALA A 102 -8.55 11.53 -1.32
C ALA A 102 -7.22 12.04 -0.77
N ARG A 103 -6.24 11.13 -0.71
CA ARG A 103 -4.89 11.43 -0.22
C ARG A 103 -4.90 11.94 1.23
N LYS A 104 -5.77 11.38 2.05
CA LYS A 104 -5.85 11.80 3.45
C LYS A 104 -5.45 10.67 4.39
N ILE A 105 -4.59 9.77 3.93
CA ILE A 105 -4.12 8.67 4.76
C ILE A 105 -2.69 8.92 5.18
N PRO A 106 -2.47 9.31 6.45
CA PRO A 106 -1.14 9.53 6.97
C PRO A 106 -0.51 8.23 7.44
N ILE A 107 0.36 7.68 6.61
CA ILE A 107 1.01 6.41 6.91
C ILE A 107 2.37 6.34 6.23
N ILE A 108 3.27 5.60 6.85
CA ILE A 108 4.61 5.41 6.34
C ILE A 108 4.77 3.95 5.93
N ILE A 109 5.19 3.75 4.70
CA ILE A 109 5.40 2.42 4.18
C ILE A 109 6.87 2.10 4.23
N ARG A 110 7.21 1.26 5.16
CA ARG A 110 8.57 0.87 5.34
C ARG A 110 8.79 -0.41 4.56
N ARG A 111 9.50 -0.31 3.46
CA ARG A 111 9.74 -1.47 2.64
C ARG A 111 11.12 -2.01 2.99
N TYR A 112 11.38 -3.26 2.71
CA TYR A 112 12.69 -3.82 3.01
C TYR A 112 13.39 -4.24 1.73
N LEU A 113 14.71 -4.16 1.72
CA LEU A 113 15.48 -4.54 0.55
C LEU A 113 15.97 -5.98 0.70
N PRO A 114 16.18 -6.69 -0.42
CA PRO A 114 16.66 -8.08 -0.41
C PRO A 114 18.05 -8.23 0.19
N ASP A 115 18.73 -7.11 0.39
CA ASP A 115 20.07 -7.12 0.97
C ASP A 115 20.01 -7.18 2.49
N GLY A 116 18.86 -6.78 3.04
CA GLY A 116 18.68 -6.79 4.47
C GLY A 116 18.35 -5.42 5.02
N SER A 117 18.39 -4.41 4.18
CA SER A 117 18.10 -3.05 4.59
C SER A 117 16.61 -2.74 4.43
N TYR A 118 16.26 -1.47 4.56
CA TYR A 118 14.87 -1.06 4.44
C TYR A 118 14.80 0.39 3.97
N GLU A 119 13.61 0.82 3.60
CA GLU A 119 13.39 2.17 3.14
C GLU A 119 12.07 2.70 3.70
N ASP A 120 12.10 3.91 4.23
CA ASP A 120 10.92 4.53 4.82
C ASP A 120 10.24 5.44 3.81
N TRP A 121 9.01 5.10 3.49
CA TRP A 121 8.22 5.86 2.53
C TRP A 121 7.01 6.51 3.16
N GLY A 122 6.66 7.69 2.70
CA GLY A 122 5.49 8.36 3.20
C GLY A 122 4.45 8.42 2.09
N VAL A 123 3.18 8.18 2.39
CA VAL A 123 2.14 8.23 1.36
C VAL A 123 2.19 9.56 0.62
N ASP A 124 2.50 10.62 1.35
CA ASP A 124 2.61 11.96 0.78
C ASP A 124 3.73 12.01 -0.26
N GLU A 125 4.75 11.20 -0.06
CA GLU A 125 5.88 11.11 -0.99
C GLU A 125 5.62 10.06 -2.05
N LEU A 126 4.42 9.47 -2.01
CA LEU A 126 4.07 8.41 -2.94
C LEU A 126 3.06 8.85 -3.98
N ILE A 127 3.33 8.42 -5.20
CA ILE A 127 2.44 8.68 -6.31
C ILE A 127 1.39 7.58 -6.30
N ILE A 128 0.22 7.93 -5.83
CA ILE A 128 -0.86 6.96 -5.68
C ILE A 128 -1.51 6.61 -7.00
N THR A 129 -2.06 5.42 -7.05
CA THR A 129 -2.78 4.95 -8.20
C THR A 129 -4.09 4.33 -7.77
N ASP A 130 -5.13 5.13 -7.94
CA ASP A 130 -6.50 4.76 -7.56
C ASP A 130 -6.63 4.64 -6.05
N MET A 4 -3.89 2.04 -45.37
CA MET A 4 -3.07 1.69 -46.54
C MET A 4 -1.62 2.08 -46.29
N SER A 5 -0.86 1.17 -45.71
CA SER A 5 0.54 1.41 -45.41
C SER A 5 1.39 0.24 -45.91
N ASP A 6 2.69 0.35 -45.72
CA ASP A 6 3.64 -0.68 -46.15
C ASP A 6 3.54 -1.93 -45.28
N ASN A 7 3.76 -1.76 -43.99
CA ASN A 7 3.71 -2.85 -43.02
C ASN A 7 2.27 -3.18 -42.61
N GLU A 8 1.32 -2.69 -43.39
CA GLU A 8 -0.09 -2.92 -43.12
C GLU A 8 -0.52 -4.29 -43.65
N ASP A 9 0.42 -4.99 -44.27
CA ASP A 9 0.15 -6.32 -44.82
C ASP A 9 -0.12 -7.32 -43.70
N ASN A 10 0.71 -7.28 -42.66
CA ASN A 10 0.54 -8.16 -41.52
C ASN A 10 0.48 -7.34 -40.24
N PHE A 11 -0.27 -6.25 -40.30
CA PHE A 11 -0.45 -5.36 -39.17
C PHE A 11 -1.37 -6.00 -38.13
N ASP A 12 -1.54 -5.32 -37.00
CA ASP A 12 -2.40 -5.84 -35.93
C ASP A 12 -3.83 -5.98 -36.43
N GLY A 13 -4.56 -6.93 -35.87
CA GLY A 13 -5.92 -7.17 -36.28
C GLY A 13 -5.98 -8.22 -37.38
N ASP A 14 -4.89 -8.96 -37.51
CA ASP A 14 -4.78 -10.01 -38.52
C ASP A 14 -5.64 -11.22 -38.12
N ASP A 15 -6.02 -12.02 -39.10
CA ASP A 15 -6.85 -13.20 -38.86
C ASP A 15 -6.00 -14.46 -38.74
N PHE A 16 -4.84 -14.32 -38.11
CA PHE A 16 -3.94 -15.44 -37.93
C PHE A 16 -4.54 -16.46 -36.97
N ASP A 17 -4.74 -17.66 -37.47
CA ASP A 17 -5.33 -18.74 -36.67
C ASP A 17 -4.29 -19.31 -35.69
N ASP A 18 -4.02 -18.55 -34.64
CA ASP A 18 -3.08 -18.96 -33.61
C ASP A 18 -3.52 -18.41 -32.27
N VAL A 19 -3.28 -19.17 -31.22
CA VAL A 19 -3.65 -18.78 -29.87
C VAL A 19 -3.19 -19.81 -28.84
N GLU A 20 -2.43 -19.36 -27.86
CA GLU A 20 -1.92 -20.23 -26.81
C GLU A 20 -2.78 -20.08 -25.56
N GLU A 21 -2.72 -21.08 -24.69
CA GLU A 21 -3.50 -21.05 -23.46
C GLU A 21 -2.59 -20.99 -22.24
N ASP A 22 -2.54 -19.82 -21.61
CA ASP A 22 -1.71 -19.62 -20.43
C ASP A 22 -2.41 -18.69 -19.44
N GLU A 23 -2.69 -19.22 -18.26
CA GLU A 23 -3.34 -18.47 -17.20
C GLU A 23 -3.12 -19.18 -15.88
N GLY A 24 -3.15 -18.43 -14.79
CA GLY A 24 -2.94 -19.03 -13.48
C GLY A 24 -1.49 -19.41 -13.26
N LEU A 25 -0.60 -18.80 -14.04
CA LEU A 25 0.83 -19.07 -13.95
C LEU A 25 1.42 -18.49 -12.66
N ASP A 26 1.17 -19.18 -11.56
CA ASP A 26 1.69 -18.78 -10.25
C ASP A 26 2.03 -20.05 -9.47
N ASP A 27 2.90 -20.87 -10.05
CA ASP A 27 3.32 -22.13 -9.43
C ASP A 27 4.60 -21.90 -8.62
N LEU A 28 5.63 -21.45 -9.33
CA LEU A 28 6.90 -21.15 -8.70
C LEU A 28 6.95 -19.65 -8.47
N GLU A 29 5.97 -18.99 -9.06
CA GLU A 29 5.82 -17.55 -8.96
C GLU A 29 4.89 -17.21 -7.82
N ASN A 30 4.57 -15.93 -7.72
CA ASN A 30 3.66 -15.44 -6.70
C ASN A 30 3.54 -13.93 -6.79
N ALA A 31 3.11 -13.46 -7.96
CA ALA A 31 2.95 -12.03 -8.20
C ALA A 31 2.30 -11.74 -9.55
N GLU A 32 1.11 -11.17 -9.51
CA GLU A 32 0.38 -10.83 -10.72
C GLU A 32 0.62 -9.36 -11.06
N GLU A 33 1.58 -8.78 -10.37
CA GLU A 33 1.95 -7.39 -10.54
C GLU A 33 3.38 -7.18 -10.04
N GLU A 34 4.18 -6.50 -10.84
CA GLU A 34 5.57 -6.23 -10.48
C GLU A 34 5.62 -5.02 -9.54
N GLY A 35 6.55 -5.05 -8.59
CA GLY A 35 6.66 -3.96 -7.66
C GLY A 35 6.16 -4.35 -6.29
N GLN A 36 5.80 -5.62 -6.15
CA GLN A 36 5.31 -6.13 -4.88
C GLN A 36 6.47 -6.51 -3.98
N GLU A 37 7.06 -5.50 -3.37
CA GLU A 37 8.16 -5.68 -2.45
C GLU A 37 7.63 -5.88 -1.05
N ASN A 38 8.44 -6.44 -0.16
CA ASN A 38 8.00 -6.66 1.21
C ASN A 38 8.02 -5.35 1.97
N VAL A 39 6.84 -4.89 2.38
CA VAL A 39 6.73 -3.64 3.11
C VAL A 39 5.88 -3.80 4.35
N GLU A 40 6.09 -2.90 5.30
CA GLU A 40 5.33 -2.88 6.53
C GLU A 40 4.62 -1.55 6.63
N ILE A 41 3.36 -1.58 7.02
CA ILE A 41 2.57 -0.37 7.13
C ILE A 41 2.64 0.21 8.53
N LEU A 42 3.07 1.45 8.63
CA LEU A 42 3.20 2.13 9.90
C LEU A 42 2.34 3.40 9.87
N PRO A 43 1.86 3.86 11.01
CA PRO A 43 1.09 5.09 11.07
C PRO A 43 2.03 6.29 11.19
N SER A 44 1.97 7.22 10.26
CA SER A 44 2.85 8.37 10.29
C SER A 44 2.49 9.31 11.45
N GLY A 45 3.28 9.26 12.51
CA GLY A 45 3.01 10.10 13.67
C GLY A 45 4.29 10.60 14.29
N GLU A 46 5.40 10.25 13.67
CA GLU A 46 6.72 10.62 14.13
C GLU A 46 7.42 11.40 13.04
N ARG A 47 7.07 11.01 11.84
CA ARG A 47 7.57 11.57 10.60
C ARG A 47 8.94 11.02 10.26
N PRO A 48 9.09 10.52 9.02
CA PRO A 48 10.34 9.93 8.54
C PRO A 48 11.38 10.98 8.17
N GLN A 49 12.59 10.51 7.93
CA GLN A 49 13.70 11.39 7.54
C GLN A 49 13.37 12.07 6.22
N ALA A 50 14.09 13.18 5.96
CA ALA A 50 13.90 13.99 4.75
C ALA A 50 13.65 13.17 3.48
N ASN A 51 13.06 13.83 2.49
CA ASN A 51 12.70 13.22 1.21
C ASN A 51 13.93 13.05 0.34
N GLN A 52 15.01 12.64 0.97
CA GLN A 52 16.27 12.42 0.32
C GLN A 52 16.12 11.32 -0.74
N LYS A 53 17.00 11.34 -1.73
CA LYS A 53 16.97 10.38 -2.84
C LYS A 53 16.91 8.93 -2.35
N ARG A 54 15.70 8.40 -2.30
CA ARG A 54 15.46 7.02 -1.90
C ARG A 54 15.82 6.08 -3.05
N ILE A 55 15.86 4.78 -2.82
CA ILE A 55 16.22 3.85 -3.89
C ILE A 55 14.99 3.22 -4.56
N THR A 56 13.88 3.10 -3.84
CA THR A 56 12.69 2.51 -4.43
C THR A 56 11.81 3.57 -5.07
N THR A 57 10.64 3.18 -5.53
CA THR A 57 9.74 4.10 -6.21
C THR A 57 8.73 4.72 -5.26
N PRO A 58 8.61 6.06 -5.27
CA PRO A 58 7.63 6.77 -4.46
C PRO A 58 6.24 6.64 -5.09
N TYR A 59 5.65 5.47 -4.92
CA TYR A 59 4.36 5.14 -5.49
C TYR A 59 3.63 4.26 -4.53
N MET A 60 2.39 4.01 -4.81
CA MET A 60 1.60 3.13 -3.99
C MET A 60 1.02 2.03 -4.87
N THR A 61 1.79 0.96 -5.04
CA THR A 61 1.37 -0.18 -5.86
C THR A 61 0.20 -0.89 -5.23
N LYS A 62 -0.23 -1.98 -5.85
CA LYS A 62 -1.31 -2.78 -5.31
C LYS A 62 -0.86 -3.26 -3.95
N TYR A 63 0.43 -3.54 -3.85
CA TYR A 63 1.03 -4.02 -2.62
C TYR A 63 0.80 -3.01 -1.49
N GLU A 64 1.36 -1.81 -1.66
CA GLU A 64 1.21 -0.77 -0.65
C GLU A 64 -0.25 -0.46 -0.40
N ARG A 65 -0.96 -0.19 -1.50
CA ARG A 65 -2.38 0.16 -1.47
C ARG A 65 -3.23 -0.83 -0.68
N ALA A 66 -3.05 -2.11 -0.95
CA ALA A 66 -3.82 -3.14 -0.25
C ALA A 66 -3.42 -3.24 1.21
N ARG A 67 -2.11 -3.21 1.46
CA ARG A 67 -1.58 -3.28 2.82
C ARG A 67 -2.04 -2.08 3.63
N VAL A 68 -2.04 -0.92 3.02
CA VAL A 68 -2.44 0.32 3.68
C VAL A 68 -3.93 0.34 3.94
N LEU A 69 -4.73 -0.08 2.98
CA LEU A 69 -6.18 -0.10 3.13
C LEU A 69 -6.57 -0.88 4.36
N GLY A 70 -6.13 -2.13 4.43
CA GLY A 70 -6.42 -2.96 5.58
C GLY A 70 -5.93 -2.32 6.87
N THR A 71 -4.78 -1.66 6.80
CA THR A 71 -4.21 -1.00 7.97
C THR A 71 -5.09 0.16 8.44
N ARG A 72 -5.59 0.96 7.50
CA ARG A 72 -6.44 2.07 7.86
C ARG A 72 -7.80 1.56 8.26
N ALA A 73 -8.27 0.52 7.57
CA ALA A 73 -9.53 -0.09 7.89
C ALA A 73 -9.48 -0.61 9.32
N LEU A 74 -8.26 -0.86 9.79
CA LEU A 74 -8.05 -1.34 11.14
C LEU A 74 -8.14 -0.16 12.09
N GLN A 75 -7.70 0.99 11.61
CA GLN A 75 -7.74 2.21 12.41
C GLN A 75 -9.19 2.60 12.70
N ILE A 76 -10.03 2.67 11.67
CA ILE A 76 -11.44 3.02 11.87
C ILE A 76 -12.08 2.02 12.81
N ALA A 77 -11.72 0.75 12.61
CA ALA A 77 -12.23 -0.33 13.46
C ALA A 77 -11.85 -0.08 14.92
N MET A 78 -10.75 0.63 15.13
CA MET A 78 -10.28 0.96 16.47
C MET A 78 -10.82 2.32 16.92
N CYS A 79 -11.95 2.71 16.33
CA CYS A 79 -12.62 3.97 16.66
C CYS A 79 -11.87 5.20 16.15
N ALA A 80 -11.32 5.12 14.94
CA ALA A 80 -10.61 6.25 14.35
C ALA A 80 -11.54 7.06 13.47
N PRO A 81 -11.51 8.40 13.60
CA PRO A 81 -12.36 9.29 12.80
C PRO A 81 -11.96 9.29 11.32
N VAL A 82 -12.96 9.17 10.46
CA VAL A 82 -12.75 9.15 9.02
C VAL A 82 -12.38 10.56 8.54
N MET A 83 -11.43 10.63 7.62
CA MET A 83 -10.96 11.92 7.12
C MET A 83 -11.50 12.22 5.71
N VAL A 84 -12.49 11.46 5.26
CA VAL A 84 -13.06 11.70 3.95
C VAL A 84 -14.56 11.85 4.00
N GLU A 85 -15.11 12.12 2.85
CA GLU A 85 -16.53 12.30 2.66
C GLU A 85 -17.20 10.95 2.47
N LEU A 86 -18.39 10.82 3.02
CA LEU A 86 -19.14 9.57 2.92
C LEU A 86 -20.39 9.75 2.06
N GLU A 87 -20.40 9.04 0.94
CA GLU A 87 -21.51 9.09 -0.01
C GLU A 87 -22.26 7.77 0.04
N GLY A 88 -22.31 7.18 1.23
CA GLY A 88 -22.97 5.92 1.43
C GLY A 88 -22.04 4.88 2.03
N GLU A 89 -20.77 5.23 2.15
CA GLU A 89 -19.80 4.31 2.74
C GLU A 89 -19.90 4.37 4.25
N THR A 90 -19.67 3.26 4.89
CA THR A 90 -19.74 3.19 6.35
C THR A 90 -18.80 2.10 6.87
N ASP A 91 -18.30 1.28 5.96
CA ASP A 91 -17.39 0.20 6.34
C ASP A 91 -15.96 0.70 6.37
N PRO A 92 -15.19 0.34 7.41
CA PRO A 92 -13.79 0.76 7.57
C PRO A 92 -12.95 0.58 6.30
N LEU A 93 -13.10 -0.55 5.62
CA LEU A 93 -12.34 -0.80 4.41
C LEU A 93 -12.83 0.09 3.28
N LEU A 94 -14.15 0.08 3.09
CA LEU A 94 -14.79 0.89 2.07
C LEU A 94 -14.35 2.34 2.20
N ILE A 95 -14.37 2.82 3.45
CA ILE A 95 -13.97 4.18 3.77
C ILE A 95 -12.46 4.34 3.56
N ALA A 96 -11.70 3.29 3.84
CA ALA A 96 -10.26 3.32 3.63
C ALA A 96 -9.98 3.57 2.16
N MET A 97 -10.84 2.99 1.32
CA MET A 97 -10.73 3.16 -0.12
C MET A 97 -11.08 4.60 -0.49
N LYS A 98 -11.99 5.18 0.29
CA LYS A 98 -12.40 6.56 0.09
C LYS A 98 -11.25 7.49 0.40
N GLU A 99 -10.61 7.24 1.54
CA GLU A 99 -9.48 8.03 1.98
C GLU A 99 -8.28 7.81 1.07
N LEU A 100 -8.20 6.61 0.50
CA LEU A 100 -7.12 6.31 -0.42
C LEU A 100 -7.32 7.14 -1.68
N LYS A 101 -8.50 7.02 -2.26
CA LYS A 101 -8.86 7.76 -3.47
C LYS A 101 -8.72 9.26 -3.27
N ALA A 102 -8.93 9.68 -2.05
CA ALA A 102 -8.85 11.08 -1.70
C ALA A 102 -7.47 11.41 -1.13
N ARG A 103 -6.61 10.40 -1.07
CA ARG A 103 -5.25 10.53 -0.55
C ARG A 103 -5.22 11.24 0.80
N LYS A 104 -6.10 10.84 1.70
CA LYS A 104 -6.20 11.44 3.02
C LYS A 104 -5.83 10.42 4.09
N ILE A 105 -5.16 9.36 3.67
CA ILE A 105 -4.72 8.31 4.60
C ILE A 105 -3.36 8.65 5.19
N PRO A 106 -3.33 8.93 6.50
CA PRO A 106 -2.07 9.21 7.19
C PRO A 106 -1.36 7.91 7.55
N ILE A 107 -0.36 7.56 6.75
CA ILE A 107 0.38 6.32 6.96
C ILE A 107 1.76 6.39 6.34
N ILE A 108 2.68 5.62 6.92
CA ILE A 108 4.04 5.52 6.46
C ILE A 108 4.29 4.09 5.98
N ILE A 109 4.71 3.95 4.76
CA ILE A 109 4.97 2.65 4.18
C ILE A 109 6.44 2.36 4.20
N ARG A 110 6.80 1.43 5.05
CA ARG A 110 8.17 1.05 5.17
C ARG A 110 8.45 -0.14 4.27
N ARG A 111 9.18 0.11 3.20
CA ARG A 111 9.51 -0.95 2.27
C ARG A 111 10.90 -1.47 2.60
N TYR A 112 11.05 -2.77 2.71
CA TYR A 112 12.36 -3.33 3.06
C TYR A 112 13.05 -3.91 1.83
N LEU A 113 14.37 -3.87 1.85
CA LEU A 113 15.16 -4.41 0.76
C LEU A 113 15.63 -5.82 1.10
N PRO A 114 16.00 -6.62 0.09
CA PRO A 114 16.49 -7.99 0.29
C PRO A 114 17.81 -8.03 1.05
N ASP A 115 18.45 -6.86 1.18
CA ASP A 115 19.73 -6.77 1.87
C ASP A 115 19.50 -6.63 3.37
N GLY A 116 18.32 -6.14 3.74
CA GLY A 116 17.98 -5.97 5.14
C GLY A 116 17.64 -4.52 5.48
N SER A 117 17.81 -3.63 4.51
CA SER A 117 17.54 -2.22 4.73
C SER A 117 16.07 -1.90 4.45
N TYR A 118 15.70 -0.63 4.59
CA TYR A 118 14.33 -0.21 4.36
C TYR A 118 14.26 1.30 4.09
N GLU A 119 13.16 1.74 3.49
CA GLU A 119 12.94 3.15 3.23
C GLU A 119 11.56 3.53 3.76
N ASP A 120 11.49 4.64 4.48
CA ASP A 120 10.21 5.11 5.00
C ASP A 120 9.50 5.88 3.91
N TRP A 121 8.31 5.45 3.56
CA TRP A 121 7.55 6.09 2.51
C TRP A 121 6.24 6.66 2.99
N GLY A 122 6.17 7.97 3.15
CA GLY A 122 4.92 8.56 3.56
C GLY A 122 4.00 8.60 2.36
N VAL A 123 2.71 8.31 2.55
CA VAL A 123 1.76 8.35 1.44
C VAL A 123 1.86 9.69 0.69
N ASP A 124 2.14 10.74 1.47
CA ASP A 124 2.30 12.09 0.92
C ASP A 124 3.49 12.17 -0.03
N GLU A 125 4.48 11.30 0.18
CA GLU A 125 5.67 11.24 -0.67
C GLU A 125 5.46 10.20 -1.75
N LEU A 126 4.29 9.59 -1.76
CA LEU A 126 3.98 8.54 -2.71
C LEU A 126 2.99 8.95 -3.78
N ILE A 127 3.30 8.55 -5.00
CA ILE A 127 2.44 8.79 -6.13
C ILE A 127 1.46 7.63 -6.17
N ILE A 128 0.25 7.88 -5.74
CA ILE A 128 -0.74 6.84 -5.66
C ILE A 128 -1.38 6.49 -6.99
N THR A 129 -1.76 5.24 -7.08
CA THR A 129 -2.45 4.73 -8.23
C THR A 129 -3.69 4.01 -7.77
N ASP A 130 -4.80 4.72 -7.90
CA ASP A 130 -6.11 4.25 -7.48
C ASP A 130 -7.15 5.26 -7.92
#